data_409D
# 
_entry.id   409D 
# 
_audit_conform.dict_name       mmcif_pdbx.dic 
_audit_conform.dict_version    5.389 
_audit_conform.dict_location   http://mmcif.pdb.org/dictionaries/ascii/mmcif_pdbx.dic 
# 
loop_
_database_2.database_id 
_database_2.database_code 
_database_2.pdbx_database_accession 
_database_2.pdbx_DOI 
PDB   409D         pdb_0000409d 10.2210/pdb409d/pdb 
RCSB  AR0004       ?            ?                   
WWPDB D_1000179209 ?            ?                   
# 
loop_
_pdbx_audit_revision_history.ordinal 
_pdbx_audit_revision_history.data_content_type 
_pdbx_audit_revision_history.major_revision 
_pdbx_audit_revision_history.minor_revision 
_pdbx_audit_revision_history.revision_date 
1 'Structure model' 1 0 1999-01-13 
2 'Structure model' 1 1 2008-05-22 
3 'Structure model' 1 2 2011-07-13 
4 'Structure model' 1 3 2024-02-28 
5 'Structure model' 1 4 2024-04-03 
# 
_pdbx_audit_revision_details.ordinal             1 
_pdbx_audit_revision_details.revision_ordinal    1 
_pdbx_audit_revision_details.data_content_type   'Structure model' 
_pdbx_audit_revision_details.provider            repository 
_pdbx_audit_revision_details.type                'Initial release' 
_pdbx_audit_revision_details.description         ? 
_pdbx_audit_revision_details.details             ? 
# 
loop_
_pdbx_audit_revision_group.ordinal 
_pdbx_audit_revision_group.revision_ordinal 
_pdbx_audit_revision_group.data_content_type 
_pdbx_audit_revision_group.group 
1 2 'Structure model' 'Version format compliance' 
2 3 'Structure model' 'Version format compliance' 
3 4 'Structure model' 'Data collection'           
4 4 'Structure model' 'Database references'       
5 5 'Structure model' 'Refinement description'    
# 
loop_
_pdbx_audit_revision_category.ordinal 
_pdbx_audit_revision_category.revision_ordinal 
_pdbx_audit_revision_category.data_content_type 
_pdbx_audit_revision_category.category 
1 4 'Structure model' chem_comp_atom                
2 4 'Structure model' chem_comp_bond                
3 4 'Structure model' database_2                    
4 5 'Structure model' pdbx_initial_refinement_model 
# 
loop_
_pdbx_audit_revision_item.ordinal 
_pdbx_audit_revision_item.revision_ordinal 
_pdbx_audit_revision_item.data_content_type 
_pdbx_audit_revision_item.item 
1 4 'Structure model' '_database_2.pdbx_DOI'                
2 4 'Structure model' '_database_2.pdbx_database_accession' 
# 
_pdbx_database_status.status_code                     REL 
_pdbx_database_status.entry_id                        409D 
_pdbx_database_status.recvd_initial_deposition_date   1998-06-26 
_pdbx_database_status.deposit_site                    NDB 
_pdbx_database_status.process_site                    NDB 
_pdbx_database_status.SG_entry                        . 
_pdbx_database_status.pdb_format_compatible           Y 
_pdbx_database_status.status_code_mr                  ? 
_pdbx_database_status.status_code_sf                  ? 
_pdbx_database_status.status_code_cs                  ? 
_pdbx_database_status.status_code_nmr_data            ? 
_pdbx_database_status.methods_development_category    ? 
# 
loop_
_audit_author.name 
_audit_author.pdbx_ordinal 
'Pan, B.'           1 
'Mitra, S.N.'       2 
'Sun, L.'           3 
'Hart, D.'          4 
'Sundaralingam, M.' 5 
# 
_citation.id                        primary 
_citation.title                     'Crystal structure of an RNA octamer duplex r(CCCIUGGG)2 incorporating tandem I.U wobbles.' 
_citation.journal_abbrev            'Nucleic Acids Res.' 
_citation.journal_volume            26 
_citation.page_first                5699 
_citation.page_last                 5706 
_citation.year                      1998 
_citation.journal_id_ASTM           NARHAD 
_citation.country                   UK 
_citation.journal_id_ISSN           0305-1048 
_citation.journal_id_CSD            0389 
_citation.book_publisher            ? 
_citation.pdbx_database_id_PubMed   9838002 
_citation.pdbx_database_id_DOI      10.1093/nar/26.24.5699 
# 
loop_
_citation_author.citation_id 
_citation_author.name 
_citation_author.ordinal 
_citation_author.identifier_ORCID 
primary 'Pan, B.'           1 ? 
primary 'Mitra, S.N.'       2 ? 
primary 'Sun, L.'           3 ? 
primary 'Hart, D.'          4 ? 
primary 'Sundaralingam, M.' 5 ? 
# 
loop_
_entity.id 
_entity.type 
_entity.src_method 
_entity.pdbx_description 
_entity.formula_weight 
_entity.pdbx_number_of_molecules 
_entity.pdbx_ec 
_entity.pdbx_mutation 
_entity.pdbx_fragment 
_entity.details 
1 polymer syn 
;RNA (5'-R(*CP*CP*CP*IP*UP*GP*GP*G)-3')
;
2542.562 6  ? ? ? ? 
2 water   nat water                                    18.015   26 ? ? ? ? 
# 
_entity_poly.entity_id                      1 
_entity_poly.type                           polyribonucleotide 
_entity_poly.nstd_linkage                   no 
_entity_poly.nstd_monomer                   no 
_entity_poly.pdbx_seq_one_letter_code       CCCIUGGG 
_entity_poly.pdbx_seq_one_letter_code_can   CCCIUGGG 
_entity_poly.pdbx_strand_id                 A,B,C,D,E,F 
_entity_poly.pdbx_target_identifier         ? 
# 
_pdbx_entity_nonpoly.entity_id   2 
_pdbx_entity_nonpoly.name        water 
_pdbx_entity_nonpoly.comp_id     HOH 
# 
loop_
_entity_poly_seq.entity_id 
_entity_poly_seq.num 
_entity_poly_seq.mon_id 
_entity_poly_seq.hetero 
1 1 C n 
1 2 C n 
1 3 C n 
1 4 I n 
1 5 U n 
1 6 G n 
1 7 G n 
1 8 G n 
# 
loop_
_chem_comp.id 
_chem_comp.type 
_chem_comp.mon_nstd_flag 
_chem_comp.name 
_chem_comp.pdbx_synonyms 
_chem_comp.formula 
_chem_comp.formula_weight 
C   'RNA linking' y "CYTIDINE-5'-MONOPHOSPHATE"  ? 'C9 H14 N3 O8 P'  323.197 
G   'RNA linking' y "GUANOSINE-5'-MONOPHOSPHATE" ? 'C10 H14 N5 O8 P' 363.221 
HOH non-polymer   . WATER                        ? 'H2 O'            18.015  
I   'RNA linking' y 'INOSINIC ACID'              ? 'C10 H13 N4 O8 P' 348.206 
U   'RNA linking' y "URIDINE-5'-MONOPHOSPHATE"   ? 'C9 H13 N2 O9 P'  324.181 
# 
loop_
_pdbx_poly_seq_scheme.asym_id 
_pdbx_poly_seq_scheme.entity_id 
_pdbx_poly_seq_scheme.seq_id 
_pdbx_poly_seq_scheme.mon_id 
_pdbx_poly_seq_scheme.ndb_seq_num 
_pdbx_poly_seq_scheme.pdb_seq_num 
_pdbx_poly_seq_scheme.auth_seq_num 
_pdbx_poly_seq_scheme.pdb_mon_id 
_pdbx_poly_seq_scheme.auth_mon_id 
_pdbx_poly_seq_scheme.pdb_strand_id 
_pdbx_poly_seq_scheme.pdb_ins_code 
_pdbx_poly_seq_scheme.hetero 
A 1 1 C 1 1  1  C C A . n 
A 1 2 C 2 2  2  C C A . n 
A 1 3 C 3 3  3  C C A . n 
A 1 4 I 4 4  4  I I A . n 
A 1 5 U 5 5  5  U U A . n 
A 1 6 G 6 6  6  G G A . n 
A 1 7 G 7 7  7  G G A . n 
A 1 8 G 8 8  8  G G A . n 
B 1 1 C 1 9  9  C C B . n 
B 1 2 C 2 10 10 C C B . n 
B 1 3 C 3 11 11 C C B . n 
B 1 4 I 4 12 12 I I B . n 
B 1 5 U 5 13 13 U U B . n 
B 1 6 G 6 14 14 G G B . n 
B 1 7 G 7 15 15 G G B . n 
B 1 8 G 8 16 16 G G B . n 
C 1 1 C 1 17 17 C C C . n 
C 1 2 C 2 18 18 C C C . n 
C 1 3 C 3 19 19 C C C . n 
C 1 4 I 4 20 20 I I C . n 
C 1 5 U 5 21 21 U U C . n 
C 1 6 G 6 22 22 G G C . n 
C 1 7 G 7 23 23 G G C . n 
C 1 8 G 8 24 24 G G C . n 
D 1 1 C 1 25 25 C C D . n 
D 1 2 C 2 26 26 C C D . n 
D 1 3 C 3 27 27 C C D . n 
D 1 4 I 4 28 28 I I D . n 
D 1 5 U 5 29 29 U U D . n 
D 1 6 G 6 30 30 G G D . n 
D 1 7 G 7 31 31 G G D . n 
D 1 8 G 8 32 32 G G D . n 
E 1 1 C 1 33 33 C C E . n 
E 1 2 C 2 34 34 C C E . n 
E 1 3 C 3 35 35 C C E . n 
E 1 4 I 4 36 36 I I E . n 
E 1 5 U 5 37 37 U U E . n 
E 1 6 G 6 38 38 G G E . n 
E 1 7 G 7 39 39 G G E . n 
E 1 8 G 8 40 40 G G E . n 
F 1 1 C 1 41 41 C C F . n 
F 1 2 C 2 42 42 C C F . n 
F 1 3 C 3 43 43 C C F . n 
F 1 4 I 4 44 44 I I F . n 
F 1 5 U 5 45 45 U U F . n 
F 1 6 G 6 46 46 G G F . n 
F 1 7 G 7 47 47 G G F . n 
F 1 8 G 8 48 48 G G F . n 
# 
loop_
_pdbx_nonpoly_scheme.asym_id 
_pdbx_nonpoly_scheme.entity_id 
_pdbx_nonpoly_scheme.mon_id 
_pdbx_nonpoly_scheme.ndb_seq_num 
_pdbx_nonpoly_scheme.pdb_seq_num 
_pdbx_nonpoly_scheme.auth_seq_num 
_pdbx_nonpoly_scheme.pdb_mon_id 
_pdbx_nonpoly_scheme.auth_mon_id 
_pdbx_nonpoly_scheme.pdb_strand_id 
_pdbx_nonpoly_scheme.pdb_ins_code 
G 2 HOH 1 52 52 HOH HOH A . 
G 2 HOH 2 57 57 HOH HOH A . 
G 2 HOH 3 61 61 HOH HOH A . 
G 2 HOH 4 62 62 HOH HOH A . 
G 2 HOH 5 65 65 HOH HOH A . 
G 2 HOH 6 66 66 HOH HOH A . 
G 2 HOH 7 67 67 HOH HOH A . 
H 2 HOH 1 58 58 HOH HOH B . 
I 2 HOH 1 53 53 HOH HOH C . 
I 2 HOH 2 54 54 HOH HOH C . 
J 2 HOH 1 55 55 HOH HOH D . 
J 2 HOH 2 56 56 HOH HOH D . 
J 2 HOH 3 69 69 HOH HOH D . 
J 2 HOH 4 73 73 HOH HOH D . 
J 2 HOH 5 74 74 HOH HOH D . 
K 2 HOH 1 49 49 HOH HOH E . 
K 2 HOH 2 59 59 HOH HOH E . 
K 2 HOH 3 60 60 HOH HOH E . 
K 2 HOH 4 68 68 HOH HOH E . 
K 2 HOH 5 72 72 HOH HOH E . 
L 2 HOH 1 50 50 HOH HOH F . 
L 2 HOH 2 51 51 HOH HOH F . 
L 2 HOH 3 63 63 HOH HOH F . 
L 2 HOH 4 64 64 HOH HOH F . 
L 2 HOH 5 70 70 HOH HOH F . 
L 2 HOH 6 71 71 HOH HOH F . 
# 
loop_
_software.name 
_software.classification 
_software.version 
_software.citation_id 
_software.pdbx_ordinal 
AMoRE  phasing          .   ? 1 
X-PLOR refinement       3.1 ? 2 
R-AXIS 'data reduction' .   ? 3 
R-AXIS 'data scaling'   .   ? 4 
# 
_cell.entry_id           409D 
_cell.length_a           33.440 
_cell.length_b           43.410 
_cell.length_c           49.390 
_cell.angle_alpha        90.00 
_cell.angle_beta         104.70 
_cell.angle_gamma        90.00 
_cell.Z_PDB              12 
_cell.pdbx_unique_axis   ? 
# 
_symmetry.entry_id                         409D 
_symmetry.space_group_name_H-M             'P 1 21 1' 
_symmetry.pdbx_full_space_group_name_H-M   ? 
_symmetry.cell_setting                     monoclinic 
_symmetry.Int_Tables_number                4 
# 
_exptl.entry_id          409D 
_exptl.method            'X-RAY DIFFRACTION' 
_exptl.crystals_number   1 
# 
_exptl_crystal.id                    1 
_exptl_crystal.density_meas          ? 
_exptl_crystal.density_Matthews      2.27 
_exptl_crystal.density_percent_sol   45.89 
_exptl_crystal.description           ? 
# 
_exptl_crystal_grow.crystal_id      1 
_exptl_crystal_grow.method          'VAPOR DIFFUSION, HANGING DROP' 
_exptl_crystal_grow.temp            293.00 
_exptl_crystal_grow.temp_details    ? 
_exptl_crystal_grow.pH              5.00 
_exptl_crystal_grow.pdbx_details    'pH 5.00, VAPOR DIFFUSION, HANGING DROP, temperature 293.00K' 
_exptl_crystal_grow.pdbx_pH_range   ? 
# 
loop_
_exptl_crystal_grow_comp.crystal_id 
_exptl_crystal_grow_comp.id 
_exptl_crystal_grow_comp.sol_id 
_exptl_crystal_grow_comp.name 
_exptl_crystal_grow_comp.volume 
_exptl_crystal_grow_comp.conc 
_exptl_crystal_grow_comp.details 
1 1 1 'SODIUM CACODYLATE' ? ? ? 
1 2 1 MGCL2               ? ? ? 
1 3 1 SPERMINE            ? ? ? 
1 4 1 MPD                 ? ? ? 
1 5 2 MPD                 ? ? ? 
# 
_diffrn.id                     1 
_diffrn.ambient_temp           293.00 
_diffrn.ambient_temp_details   ? 
_diffrn.crystal_id             1 
# 
_diffrn_detector.diffrn_id              1 
_diffrn_detector.detector               'IMAGE PLATE' 
_diffrn_detector.type                   'RIGAKU RAXIS IIC' 
_diffrn_detector.pdbx_collection_date   1995-10-02 
_diffrn_detector.details                ? 
# 
_diffrn_radiation.diffrn_id                        1 
_diffrn_radiation.wavelength_id                    1 
_diffrn_radiation.pdbx_monochromatic_or_laue_m_l   ? 
_diffrn_radiation.monochromator                    ? 
_diffrn_radiation.pdbx_diffrn_protocol             ? 
_diffrn_radiation.pdbx_scattering_type             x-ray 
# 
_diffrn_radiation_wavelength.id           1 
_diffrn_radiation_wavelength.wavelength   1.5418 
_diffrn_radiation_wavelength.wt           1.0 
# 
_diffrn_source.diffrn_id                   1 
_diffrn_source.source                      'ROTATING ANODE' 
_diffrn_source.type                        RIGAKU 
_diffrn_source.pdbx_synchrotron_site       ? 
_diffrn_source.pdbx_synchrotron_beamline   ? 
_diffrn_source.pdbx_wavelength             1.5418 
_diffrn_source.pdbx_wavelength_list        ? 
# 
_reflns.entry_id                     409D 
_reflns.observed_criterion_sigma_I   1.00 
_reflns.observed_criterion_sigma_F   ? 
_reflns.d_resolution_low             47.91 
_reflns.d_resolution_high            2.50 
_reflns.number_obs                   3912 
_reflns.number_all                   4187 
_reflns.percent_possible_obs         76.5 
_reflns.pdbx_Rmerge_I_obs            0.0480000 
_reflns.pdbx_Rsym_value              ? 
_reflns.pdbx_netI_over_sigmaI        10.70 
_reflns.B_iso_Wilson_estimate        ? 
_reflns.pdbx_redundancy              1.50 
_reflns.pdbx_diffrn_id               1 
_reflns.pdbx_ordinal                 1 
# 
_reflns_shell.d_res_high             2.500 
_reflns_shell.d_res_low              2.600 
_reflns_shell.percent_possible_all   58.00 
_reflns_shell.Rmerge_I_obs           0.1830000 
_reflns_shell.pdbx_Rsym_value        ? 
_reflns_shell.meanI_over_sigI_obs    2.300 
_reflns_shell.pdbx_redundancy        ? 
_reflns_shell.pdbx_diffrn_id         ? 
_reflns_shell.pdbx_ordinal           1 
# 
_refine.entry_id                                 409D 
_refine.ls_number_reflns_obs                     3765 
_refine.ls_number_reflns_all                     ? 
_refine.pdbx_ls_sigma_I                          ? 
_refine.pdbx_ls_sigma_F                          2.00 
_refine.pdbx_data_cutoff_high_absF               ? 
_refine.pdbx_data_cutoff_low_absF                ? 
_refine.pdbx_data_cutoff_high_rms_absF           ? 
_refine.ls_d_res_low                             8.00 
_refine.ls_d_res_high                            2.50 
_refine.ls_percent_reflns_obs                    80.20 
_refine.ls_R_factor_obs                          0.1850000 
_refine.ls_R_factor_all                          0.2030000 
_refine.ls_R_factor_R_work                       0.1850000 
_refine.ls_R_factor_R_free                       0.2430000 
_refine.ls_R_factor_R_free_error                 ? 
_refine.ls_R_factor_R_free_error_details         ? 
_refine.ls_percent_reflns_R_free                 10.0 
_refine.ls_number_reflns_R_free                  381 
_refine.ls_number_parameters                     ? 
_refine.ls_number_restraints                     ? 
_refine.occupancy_min                            ? 
_refine.occupancy_max                            ? 
_refine.B_iso_mean                               ? 
_refine.aniso_B[1][1]                            ? 
_refine.aniso_B[2][2]                            ? 
_refine.aniso_B[3][3]                            ? 
_refine.aniso_B[1][2]                            ? 
_refine.aniso_B[1][3]                            ? 
_refine.aniso_B[2][3]                            ? 
_refine.solvent_model_details                    ? 
_refine.solvent_model_param_ksol                 ? 
_refine.solvent_model_param_bsol                 ? 
_refine.pdbx_ls_cross_valid_method               ? 
_refine.details                                  ? 
_refine.pdbx_starting_model                      'R(CCCCGGGG)' 
_refine.pdbx_method_to_determine_struct          'MOLECULAR REPLACEMENT' 
_refine.pdbx_isotropic_thermal_model             ? 
_refine.pdbx_stereochemistry_target_values       ? 
_refine.pdbx_stereochem_target_val_spec_case     ? 
_refine.pdbx_R_Free_selection_details            ? 
_refine.pdbx_overall_ESU_R                       ? 
_refine.pdbx_overall_ESU_R_Free                  ? 
_refine.overall_SU_ML                            ? 
_refine.overall_SU_B                             ? 
_refine.pdbx_refine_id                           'X-RAY DIFFRACTION' 
_refine.pdbx_diffrn_id                           1 
_refine.pdbx_TLS_residual_ADP_flag               ? 
_refine.correlation_coeff_Fo_to_Fc               ? 
_refine.correlation_coeff_Fo_to_Fc_free          ? 
_refine.pdbx_solvent_vdw_probe_radii             ? 
_refine.pdbx_solvent_ion_probe_radii             ? 
_refine.pdbx_solvent_shrinkage_radii             ? 
_refine.pdbx_overall_phase_error                 ? 
_refine.overall_SU_R_Cruickshank_DPI             ? 
_refine.pdbx_overall_SU_R_free_Cruickshank_DPI   ? 
_refine.pdbx_overall_SU_R_Blow_DPI               ? 
_refine.pdbx_overall_SU_R_free_Blow_DPI          ? 
# 
_refine_hist.pdbx_refine_id                   'X-RAY DIFFRACTION' 
_refine_hist.cycle_id                         LAST 
_refine_hist.pdbx_number_atoms_protein        0 
_refine_hist.pdbx_number_atoms_nucleic_acid   1008 
_refine_hist.pdbx_number_atoms_ligand         0 
_refine_hist.number_atoms_solvent             26 
_refine_hist.number_atoms_total               1034 
_refine_hist.d_res_high                       2.50 
_refine_hist.d_res_low                        8.00 
# 
loop_
_refine_ls_restr.type 
_refine_ls_restr.dev_ideal 
_refine_ls_restr.dev_ideal_target 
_refine_ls_restr.weight 
_refine_ls_restr.number 
_refine_ls_restr.pdbx_refine_id 
_refine_ls_restr.pdbx_restraint_function 
x_bond_d                0.005 ? ? ? 'X-RAY DIFFRACTION' ? 
x_bond_d_na             ?     ? ? ? 'X-RAY DIFFRACTION' ? 
x_bond_d_prot           ?     ? ? ? 'X-RAY DIFFRACTION' ? 
x_angle_d               ?     ? ? ? 'X-RAY DIFFRACTION' ? 
x_angle_d_na            ?     ? ? ? 'X-RAY DIFFRACTION' ? 
x_angle_d_prot          ?     ? ? ? 'X-RAY DIFFRACTION' ? 
x_angle_deg             1.00  ? ? ? 'X-RAY DIFFRACTION' ? 
x_angle_deg_na          ?     ? ? ? 'X-RAY DIFFRACTION' ? 
x_angle_deg_prot        ?     ? ? ? 'X-RAY DIFFRACTION' ? 
x_dihedral_angle_d      ?     ? ? ? 'X-RAY DIFFRACTION' ? 
x_dihedral_angle_d_na   8.0   ? ? ? 'X-RAY DIFFRACTION' ? 
x_dihedral_angle_d_prot ?     ? ? ? 'X-RAY DIFFRACTION' ? 
x_improper_angle_d      ?     ? ? ? 'X-RAY DIFFRACTION' ? 
x_improper_angle_d_na   1.00  ? ? ? 'X-RAY DIFFRACTION' ? 
x_improper_angle_d_prot ?     ? ? ? 'X-RAY DIFFRACTION' ? 
x_mcbond_it             ?     ? ? ? 'X-RAY DIFFRACTION' ? 
x_mcangle_it            ?     ? ? ? 'X-RAY DIFFRACTION' ? 
x_scbond_it             ?     ? ? ? 'X-RAY DIFFRACTION' ? 
x_scangle_it            ?     ? ? ? 'X-RAY DIFFRACTION' ? 
# 
_refine_ls_shell.pdbx_total_number_of_bins_used   8 
_refine_ls_shell.d_res_high                       2.50 
_refine_ls_shell.d_res_low                        2.61 
_refine_ls_shell.number_reflns_R_work             311 
_refine_ls_shell.R_factor_R_work                  ? 
_refine_ls_shell.percent_reflns_obs               60.30 
_refine_ls_shell.R_factor_R_free                  ? 
_refine_ls_shell.R_factor_R_free_error            ? 
_refine_ls_shell.percent_reflns_R_free            10.00 
_refine_ls_shell.number_reflns_R_free             39 
_refine_ls_shell.pdbx_refine_id                   'X-RAY DIFFRACTION' 
_refine_ls_shell.number_reflns_all                ? 
_refine_ls_shell.R_factor_all                     ? 
# 
_struct.entry_id                  409D 
_struct.title                     
'CRYSTAL STRUCTURE OF AN RNA R(CCCIUGGG) WITH THREE INDEPENDENT DUPLEXES INCORPORATING TANDEM I.U WOBBLES' 
_struct.pdbx_model_details        ? 
_struct.pdbx_CASP_flag            ? 
_struct.pdbx_model_type_details   ? 
# 
_struct_keywords.entry_id        409D 
_struct_keywords.pdbx_keywords   RNA 
_struct_keywords.text            'DOUBLE HELIX, I.U WOBBLES, RNA' 
# 
loop_
_struct_asym.id 
_struct_asym.pdbx_blank_PDB_chainid_flag 
_struct_asym.pdbx_modified 
_struct_asym.entity_id 
_struct_asym.details 
A N N 1 ? 
B N N 1 ? 
C N N 1 ? 
D N N 1 ? 
E N N 1 ? 
F N N 1 ? 
G N N 2 ? 
H N N 2 ? 
I N N 2 ? 
J N N 2 ? 
K N N 2 ? 
L N N 2 ? 
# 
_struct_ref.id                         1 
_struct_ref.entity_id                  1 
_struct_ref.db_name                    PDB 
_struct_ref.db_code                    409D 
_struct_ref.pdbx_db_accession          409D 
_struct_ref.pdbx_db_isoform            ? 
_struct_ref.pdbx_seq_one_letter_code   ? 
_struct_ref.pdbx_align_begin           ? 
# 
loop_
_struct_ref_seq.align_id 
_struct_ref_seq.ref_id 
_struct_ref_seq.pdbx_PDB_id_code 
_struct_ref_seq.pdbx_strand_id 
_struct_ref_seq.seq_align_beg 
_struct_ref_seq.pdbx_seq_align_beg_ins_code 
_struct_ref_seq.seq_align_end 
_struct_ref_seq.pdbx_seq_align_end_ins_code 
_struct_ref_seq.pdbx_db_accession 
_struct_ref_seq.db_align_beg 
_struct_ref_seq.pdbx_db_align_beg_ins_code 
_struct_ref_seq.db_align_end 
_struct_ref_seq.pdbx_db_align_end_ins_code 
_struct_ref_seq.pdbx_auth_seq_align_beg 
_struct_ref_seq.pdbx_auth_seq_align_end 
1 1 409D A 1 ? 8 ? 409D 1  ? 8  ? 1  8  
2 1 409D B 1 ? 8 ? 409D 9  ? 16 ? 9  16 
3 1 409D C 1 ? 8 ? 409D 17 ? 24 ? 17 24 
4 1 409D D 1 ? 8 ? 409D 25 ? 32 ? 25 32 
5 1 409D E 1 ? 8 ? 409D 33 ? 40 ? 33 40 
6 1 409D F 1 ? 8 ? 409D 41 ? 48 ? 41 48 
# 
loop_
_pdbx_struct_assembly.id 
_pdbx_struct_assembly.details 
_pdbx_struct_assembly.method_details 
_pdbx_struct_assembly.oligomeric_details 
_pdbx_struct_assembly.oligomeric_count 
1 author_defined_assembly ? dimeric 2 
2 author_defined_assembly ? dimeric 2 
3 author_defined_assembly ? dimeric 2 
# 
loop_
_pdbx_struct_assembly_gen.assembly_id 
_pdbx_struct_assembly_gen.oper_expression 
_pdbx_struct_assembly_gen.asym_id_list 
1 1 A,B,G,H 
2 1 C,D,I,J 
3 1 E,F,K,L 
# 
_pdbx_struct_oper_list.id                   1 
_pdbx_struct_oper_list.type                 'identity operation' 
_pdbx_struct_oper_list.name                 1_555 
_pdbx_struct_oper_list.symmetry_operation   x,y,z 
_pdbx_struct_oper_list.matrix[1][1]         1.0000000000 
_pdbx_struct_oper_list.matrix[1][2]         0.0000000000 
_pdbx_struct_oper_list.matrix[1][3]         0.0000000000 
_pdbx_struct_oper_list.vector[1]            0.0000000000 
_pdbx_struct_oper_list.matrix[2][1]         0.0000000000 
_pdbx_struct_oper_list.matrix[2][2]         1.0000000000 
_pdbx_struct_oper_list.matrix[2][3]         0.0000000000 
_pdbx_struct_oper_list.vector[2]            0.0000000000 
_pdbx_struct_oper_list.matrix[3][1]         0.0000000000 
_pdbx_struct_oper_list.matrix[3][2]         0.0000000000 
_pdbx_struct_oper_list.matrix[3][3]         1.0000000000 
_pdbx_struct_oper_list.vector[3]            0.0000000000 
# 
loop_
_struct_biol.id 
1 
2 
3 
# 
loop_
_struct_conn.id 
_struct_conn.conn_type_id 
_struct_conn.pdbx_leaving_atom_flag 
_struct_conn.pdbx_PDB_id 
_struct_conn.ptnr1_label_asym_id 
_struct_conn.ptnr1_label_comp_id 
_struct_conn.ptnr1_label_seq_id 
_struct_conn.ptnr1_label_atom_id 
_struct_conn.pdbx_ptnr1_label_alt_id 
_struct_conn.pdbx_ptnr1_PDB_ins_code 
_struct_conn.pdbx_ptnr1_standard_comp_id 
_struct_conn.ptnr1_symmetry 
_struct_conn.ptnr2_label_asym_id 
_struct_conn.ptnr2_label_comp_id 
_struct_conn.ptnr2_label_seq_id 
_struct_conn.ptnr2_label_atom_id 
_struct_conn.pdbx_ptnr2_label_alt_id 
_struct_conn.pdbx_ptnr2_PDB_ins_code 
_struct_conn.ptnr1_auth_asym_id 
_struct_conn.ptnr1_auth_comp_id 
_struct_conn.ptnr1_auth_seq_id 
_struct_conn.ptnr2_auth_asym_id 
_struct_conn.ptnr2_auth_comp_id 
_struct_conn.ptnr2_auth_seq_id 
_struct_conn.ptnr2_symmetry 
_struct_conn.pdbx_ptnr3_label_atom_id 
_struct_conn.pdbx_ptnr3_label_seq_id 
_struct_conn.pdbx_ptnr3_label_comp_id 
_struct_conn.pdbx_ptnr3_label_asym_id 
_struct_conn.pdbx_ptnr3_label_alt_id 
_struct_conn.pdbx_ptnr3_PDB_ins_code 
_struct_conn.details 
_struct_conn.pdbx_dist_value 
_struct_conn.pdbx_value_order 
_struct_conn.pdbx_role 
hydrog1  hydrog ? ? A C 1 N3 ? ? ? 1_555 B G 8 N1 ? ? A C 1  B G 16 1_555 ? ? ? ? ? ? WATSON-CRICK ? ? ? 
hydrog2  hydrog ? ? A C 1 N4 ? ? ? 1_555 B G 8 O6 ? ? A C 1  B G 16 1_555 ? ? ? ? ? ? WATSON-CRICK ? ? ? 
hydrog3  hydrog ? ? A C 1 O2 ? ? ? 1_555 B G 8 N2 ? ? A C 1  B G 16 1_555 ? ? ? ? ? ? WATSON-CRICK ? ? ? 
hydrog4  hydrog ? ? A C 2 N3 ? ? ? 1_555 B G 7 N1 ? ? A C 2  B G 15 1_555 ? ? ? ? ? ? WATSON-CRICK ? ? ? 
hydrog5  hydrog ? ? A C 2 N4 ? ? ? 1_555 B G 7 O6 ? ? A C 2  B G 15 1_555 ? ? ? ? ? ? WATSON-CRICK ? ? ? 
hydrog6  hydrog ? ? A C 2 O2 ? ? ? 1_555 B G 7 N2 ? ? A C 2  B G 15 1_555 ? ? ? ? ? ? WATSON-CRICK ? ? ? 
hydrog7  hydrog ? ? A C 3 N3 ? ? ? 1_555 B G 6 N1 ? ? A C 3  B G 14 1_555 ? ? ? ? ? ? WATSON-CRICK ? ? ? 
hydrog8  hydrog ? ? A C 3 N4 ? ? ? 1_555 B G 6 O6 ? ? A C 3  B G 14 1_555 ? ? ? ? ? ? WATSON-CRICK ? ? ? 
hydrog9  hydrog ? ? A C 3 O2 ? ? ? 1_555 B G 6 N2 ? ? A C 3  B G 14 1_555 ? ? ? ? ? ? WATSON-CRICK ? ? ? 
hydrog10 hydrog ? ? A I 4 N1 ? ? ? 1_555 B U 5 O2 ? ? A I 4  B U 13 1_555 ? ? ? ? ? ? TYPE_28_PAIR ? ? ? 
hydrog11 hydrog ? ? A I 4 O6 ? ? ? 1_555 B U 5 N3 ? ? A I 4  B U 13 1_555 ? ? ? ? ? ? TYPE_28_PAIR ? ? ? 
hydrog12 hydrog ? ? A U 5 N3 ? ? ? 1_555 B I 4 O6 ? ? A U 5  B I 12 1_555 ? ? ? ? ? ? TYPE_28_PAIR ? ? ? 
hydrog13 hydrog ? ? A U 5 O2 ? ? ? 1_555 B I 4 N1 ? ? A U 5  B I 12 1_555 ? ? ? ? ? ? TYPE_28_PAIR ? ? ? 
hydrog14 hydrog ? ? A G 6 N1 ? ? ? 1_555 B C 3 N3 ? ? A G 6  B C 11 1_555 ? ? ? ? ? ? WATSON-CRICK ? ? ? 
hydrog15 hydrog ? ? A G 6 N2 ? ? ? 1_555 B C 3 O2 ? ? A G 6  B C 11 1_555 ? ? ? ? ? ? WATSON-CRICK ? ? ? 
hydrog16 hydrog ? ? A G 6 O6 ? ? ? 1_555 B C 3 N4 ? ? A G 6  B C 11 1_555 ? ? ? ? ? ? WATSON-CRICK ? ? ? 
hydrog17 hydrog ? ? A G 7 N1 ? ? ? 1_555 B C 2 N3 ? ? A G 7  B C 10 1_555 ? ? ? ? ? ? WATSON-CRICK ? ? ? 
hydrog18 hydrog ? ? A G 7 N2 ? ? ? 1_555 B C 2 O2 ? ? A G 7  B C 10 1_555 ? ? ? ? ? ? WATSON-CRICK ? ? ? 
hydrog19 hydrog ? ? A G 7 O6 ? ? ? 1_555 B C 2 N4 ? ? A G 7  B C 10 1_555 ? ? ? ? ? ? WATSON-CRICK ? ? ? 
hydrog20 hydrog ? ? A G 8 N1 ? ? ? 1_555 B C 1 N3 ? ? A G 8  B C 9  1_555 ? ? ? ? ? ? WATSON-CRICK ? ? ? 
hydrog21 hydrog ? ? A G 8 N2 ? ? ? 1_555 B C 1 O2 ? ? A G 8  B C 9  1_555 ? ? ? ? ? ? WATSON-CRICK ? ? ? 
hydrog22 hydrog ? ? A G 8 O6 ? ? ? 1_555 B C 1 N4 ? ? A G 8  B C 9  1_555 ? ? ? ? ? ? WATSON-CRICK ? ? ? 
hydrog23 hydrog ? ? C C 1 N3 ? ? ? 1_555 D G 8 N1 ? ? C C 17 D G 32 1_555 ? ? ? ? ? ? WATSON-CRICK ? ? ? 
hydrog24 hydrog ? ? C C 1 N4 ? ? ? 1_555 D G 8 O6 ? ? C C 17 D G 32 1_555 ? ? ? ? ? ? WATSON-CRICK ? ? ? 
hydrog25 hydrog ? ? C C 1 O2 ? ? ? 1_555 D G 8 N2 ? ? C C 17 D G 32 1_555 ? ? ? ? ? ? WATSON-CRICK ? ? ? 
hydrog26 hydrog ? ? C C 2 N3 ? ? ? 1_555 D G 7 N1 ? ? C C 18 D G 31 1_555 ? ? ? ? ? ? WATSON-CRICK ? ? ? 
hydrog27 hydrog ? ? C C 2 N4 ? ? ? 1_555 D G 7 O6 ? ? C C 18 D G 31 1_555 ? ? ? ? ? ? WATSON-CRICK ? ? ? 
hydrog28 hydrog ? ? C C 2 O2 ? ? ? 1_555 D G 7 N2 ? ? C C 18 D G 31 1_555 ? ? ? ? ? ? WATSON-CRICK ? ? ? 
hydrog29 hydrog ? ? C C 3 N3 ? ? ? 1_555 D G 6 N1 ? ? C C 19 D G 30 1_555 ? ? ? ? ? ? WATSON-CRICK ? ? ? 
hydrog30 hydrog ? ? C C 3 N4 ? ? ? 1_555 D G 6 O6 ? ? C C 19 D G 30 1_555 ? ? ? ? ? ? WATSON-CRICK ? ? ? 
hydrog31 hydrog ? ? C C 3 O2 ? ? ? 1_555 D G 6 N2 ? ? C C 19 D G 30 1_555 ? ? ? ? ? ? WATSON-CRICK ? ? ? 
hydrog32 hydrog ? ? C I 4 N1 ? ? ? 1_555 D U 5 O2 ? ? C I 20 D U 29 1_555 ? ? ? ? ? ? TYPE_28_PAIR ? ? ? 
hydrog33 hydrog ? ? C I 4 O6 ? ? ? 1_555 D U 5 N3 ? ? C I 20 D U 29 1_555 ? ? ? ? ? ? TYPE_28_PAIR ? ? ? 
hydrog34 hydrog ? ? C U 5 N3 ? ? ? 1_555 D I 4 O6 ? ? C U 21 D I 28 1_555 ? ? ? ? ? ? TYPE_28_PAIR ? ? ? 
hydrog35 hydrog ? ? C U 5 O2 ? ? ? 1_555 D I 4 N1 ? ? C U 21 D I 28 1_555 ? ? ? ? ? ? TYPE_28_PAIR ? ? ? 
hydrog36 hydrog ? ? C G 6 N1 ? ? ? 1_555 D C 3 N3 ? ? C G 22 D C 27 1_555 ? ? ? ? ? ? WATSON-CRICK ? ? ? 
hydrog37 hydrog ? ? C G 6 N2 ? ? ? 1_555 D C 3 O2 ? ? C G 22 D C 27 1_555 ? ? ? ? ? ? WATSON-CRICK ? ? ? 
hydrog38 hydrog ? ? C G 6 O6 ? ? ? 1_555 D C 3 N4 ? ? C G 22 D C 27 1_555 ? ? ? ? ? ? WATSON-CRICK ? ? ? 
hydrog39 hydrog ? ? C G 7 N1 ? ? ? 1_555 D C 2 N3 ? ? C G 23 D C 26 1_555 ? ? ? ? ? ? WATSON-CRICK ? ? ? 
hydrog40 hydrog ? ? C G 7 N2 ? ? ? 1_555 D C 2 O2 ? ? C G 23 D C 26 1_555 ? ? ? ? ? ? WATSON-CRICK ? ? ? 
hydrog41 hydrog ? ? C G 7 O6 ? ? ? 1_555 D C 2 N4 ? ? C G 23 D C 26 1_555 ? ? ? ? ? ? WATSON-CRICK ? ? ? 
hydrog42 hydrog ? ? C G 8 N1 ? ? ? 1_555 D C 1 N3 ? ? C G 24 D C 25 1_555 ? ? ? ? ? ? WATSON-CRICK ? ? ? 
hydrog43 hydrog ? ? C G 8 N2 ? ? ? 1_555 D C 1 O2 ? ? C G 24 D C 25 1_555 ? ? ? ? ? ? WATSON-CRICK ? ? ? 
hydrog44 hydrog ? ? C G 8 O6 ? ? ? 1_555 D C 1 N4 ? ? C G 24 D C 25 1_555 ? ? ? ? ? ? WATSON-CRICK ? ? ? 
hydrog45 hydrog ? ? E C 1 N3 ? ? ? 1_555 F G 8 N1 ? ? E C 33 F G 48 1_555 ? ? ? ? ? ? WATSON-CRICK ? ? ? 
hydrog46 hydrog ? ? E C 1 N4 ? ? ? 1_555 F G 8 O6 ? ? E C 33 F G 48 1_555 ? ? ? ? ? ? WATSON-CRICK ? ? ? 
hydrog47 hydrog ? ? E C 1 O2 ? ? ? 1_555 F G 8 N2 ? ? E C 33 F G 48 1_555 ? ? ? ? ? ? WATSON-CRICK ? ? ? 
hydrog48 hydrog ? ? E C 2 N3 ? ? ? 1_555 F G 7 N1 ? ? E C 34 F G 47 1_555 ? ? ? ? ? ? WATSON-CRICK ? ? ? 
hydrog49 hydrog ? ? E C 2 N4 ? ? ? 1_555 F G 7 O6 ? ? E C 34 F G 47 1_555 ? ? ? ? ? ? WATSON-CRICK ? ? ? 
hydrog50 hydrog ? ? E C 2 O2 ? ? ? 1_555 F G 7 N2 ? ? E C 34 F G 47 1_555 ? ? ? ? ? ? WATSON-CRICK ? ? ? 
hydrog51 hydrog ? ? E C 3 N3 ? ? ? 1_555 F G 6 N1 ? ? E C 35 F G 46 1_555 ? ? ? ? ? ? WATSON-CRICK ? ? ? 
hydrog52 hydrog ? ? E C 3 N4 ? ? ? 1_555 F G 6 O6 ? ? E C 35 F G 46 1_555 ? ? ? ? ? ? WATSON-CRICK ? ? ? 
hydrog53 hydrog ? ? E C 3 O2 ? ? ? 1_555 F G 6 N2 ? ? E C 35 F G 46 1_555 ? ? ? ? ? ? WATSON-CRICK ? ? ? 
hydrog54 hydrog ? ? E I 4 N1 ? ? ? 1_555 F U 5 O2 ? ? E I 36 F U 45 1_555 ? ? ? ? ? ? TYPE_28_PAIR ? ? ? 
hydrog55 hydrog ? ? E I 4 O6 ? ? ? 1_555 F U 5 N3 ? ? E I 36 F U 45 1_555 ? ? ? ? ? ? TYPE_28_PAIR ? ? ? 
hydrog56 hydrog ? ? E U 5 N3 ? ? ? 1_555 F I 4 O6 ? ? E U 37 F I 44 1_555 ? ? ? ? ? ? TYPE_28_PAIR ? ? ? 
hydrog57 hydrog ? ? E U 5 O2 ? ? ? 1_555 F I 4 N1 ? ? E U 37 F I 44 1_555 ? ? ? ? ? ? TYPE_28_PAIR ? ? ? 
hydrog58 hydrog ? ? E G 6 N1 ? ? ? 1_555 F C 3 N3 ? ? E G 38 F C 43 1_555 ? ? ? ? ? ? WATSON-CRICK ? ? ? 
hydrog59 hydrog ? ? E G 6 N2 ? ? ? 1_555 F C 3 O2 ? ? E G 38 F C 43 1_555 ? ? ? ? ? ? WATSON-CRICK ? ? ? 
hydrog60 hydrog ? ? E G 6 O6 ? ? ? 1_555 F C 3 N4 ? ? E G 38 F C 43 1_555 ? ? ? ? ? ? WATSON-CRICK ? ? ? 
hydrog61 hydrog ? ? E G 7 N1 ? ? ? 1_555 F C 2 N3 ? ? E G 39 F C 42 1_555 ? ? ? ? ? ? WATSON-CRICK ? ? ? 
hydrog62 hydrog ? ? E G 7 N2 ? ? ? 1_555 F C 2 O2 ? ? E G 39 F C 42 1_555 ? ? ? ? ? ? WATSON-CRICK ? ? ? 
hydrog63 hydrog ? ? E G 7 O6 ? ? ? 1_555 F C 2 N4 ? ? E G 39 F C 42 1_555 ? ? ? ? ? ? WATSON-CRICK ? ? ? 
hydrog64 hydrog ? ? E G 8 N1 ? ? ? 1_555 F C 1 N3 ? ? E G 40 F C 41 1_555 ? ? ? ? ? ? WATSON-CRICK ? ? ? 
hydrog65 hydrog ? ? E G 8 N2 ? ? ? 1_555 F C 1 O2 ? ? E G 40 F C 41 1_555 ? ? ? ? ? ? WATSON-CRICK ? ? ? 
hydrog66 hydrog ? ? E G 8 O6 ? ? ? 1_555 F C 1 N4 ? ? E G 40 F C 41 1_555 ? ? ? ? ? ? WATSON-CRICK ? ? ? 
# 
_struct_conn_type.id          hydrog 
_struct_conn_type.criteria    ? 
_struct_conn_type.reference   ? 
# 
loop_
_pdbx_validate_rmsd_bond.id 
_pdbx_validate_rmsd_bond.PDB_model_num 
_pdbx_validate_rmsd_bond.auth_atom_id_1 
_pdbx_validate_rmsd_bond.auth_asym_id_1 
_pdbx_validate_rmsd_bond.auth_comp_id_1 
_pdbx_validate_rmsd_bond.auth_seq_id_1 
_pdbx_validate_rmsd_bond.PDB_ins_code_1 
_pdbx_validate_rmsd_bond.label_alt_id_1 
_pdbx_validate_rmsd_bond.auth_atom_id_2 
_pdbx_validate_rmsd_bond.auth_asym_id_2 
_pdbx_validate_rmsd_bond.auth_comp_id_2 
_pdbx_validate_rmsd_bond.auth_seq_id_2 
_pdbx_validate_rmsd_bond.PDB_ins_code_2 
_pdbx_validate_rmsd_bond.label_alt_id_2 
_pdbx_validate_rmsd_bond.bond_value 
_pdbx_validate_rmsd_bond.bond_target_value 
_pdbx_validate_rmsd_bond.bond_deviation 
_pdbx_validate_rmsd_bond.bond_standard_deviation 
_pdbx_validate_rmsd_bond.linker_flag 
1  1 N1    A C 1  ? ? C2    A C 1  ? ? 1.292 1.397 -0.105 0.010 N 
2  1 N1    A C 1  ? ? C6    A C 1  ? ? 1.416 1.367 0.049  0.006 N 
3  1 N1    A C 3  ? ? C6    A C 3  ? ? 1.319 1.367 -0.048 0.006 N 
4  1 N9    B G 15 ? ? C4    B G 15 ? ? 1.317 1.375 -0.058 0.008 N 
5  1 N1    C C 18 ? ? C2    C C 18 ? ? 1.315 1.397 -0.082 0.010 N 
6  1 N1    C U 21 ? ? C2    C U 21 ? ? 1.440 1.381 0.059  0.009 N 
7  1 N1    C U 21 ? ? C6    C U 21 ? ? 1.302 1.375 -0.073 0.009 N 
8  1 N9    C G 24 ? ? C4    C G 24 ? ? 1.325 1.375 -0.050 0.008 N 
9  1 N9    D G 30 ? ? C4    D G 30 ? ? 1.312 1.375 -0.063 0.008 N 
10 1 N1    E C 33 ? ? C2    E C 33 ? ? 1.478 1.397 0.081  0.010 N 
11 1 N1    E C 33 ? ? C6    E C 33 ? ? 1.300 1.367 -0.067 0.006 N 
12 1 N1    E C 34 ? ? C2    E C 34 ? ? 1.316 1.397 -0.081 0.010 N 
13 1 "O4'" F C 43 ? ? "C1'" F C 43 ? ? 1.315 1.412 -0.097 0.013 N 
14 1 N1    F C 43 ? ? C2    F C 43 ? ? 1.258 1.397 -0.139 0.010 N 
15 1 N1    F C 43 ? ? C6    F C 43 ? ? 1.437 1.367 0.070  0.006 N 
16 1 N1    F U 45 ? ? C6    F U 45 ? ? 1.313 1.375 -0.062 0.009 N 
17 1 N9    F G 47 ? ? C4    F G 47 ? ? 1.326 1.375 -0.049 0.008 N 
# 
loop_
_pdbx_validate_rmsd_angle.id 
_pdbx_validate_rmsd_angle.PDB_model_num 
_pdbx_validate_rmsd_angle.auth_atom_id_1 
_pdbx_validate_rmsd_angle.auth_asym_id_1 
_pdbx_validate_rmsd_angle.auth_comp_id_1 
_pdbx_validate_rmsd_angle.auth_seq_id_1 
_pdbx_validate_rmsd_angle.PDB_ins_code_1 
_pdbx_validate_rmsd_angle.label_alt_id_1 
_pdbx_validate_rmsd_angle.auth_atom_id_2 
_pdbx_validate_rmsd_angle.auth_asym_id_2 
_pdbx_validate_rmsd_angle.auth_comp_id_2 
_pdbx_validate_rmsd_angle.auth_seq_id_2 
_pdbx_validate_rmsd_angle.PDB_ins_code_2 
_pdbx_validate_rmsd_angle.label_alt_id_2 
_pdbx_validate_rmsd_angle.auth_atom_id_3 
_pdbx_validate_rmsd_angle.auth_asym_id_3 
_pdbx_validate_rmsd_angle.auth_comp_id_3 
_pdbx_validate_rmsd_angle.auth_seq_id_3 
_pdbx_validate_rmsd_angle.PDB_ins_code_3 
_pdbx_validate_rmsd_angle.label_alt_id_3 
_pdbx_validate_rmsd_angle.angle_value 
_pdbx_validate_rmsd_angle.angle_target_value 
_pdbx_validate_rmsd_angle.angle_deviation 
_pdbx_validate_rmsd_angle.angle_standard_deviation 
_pdbx_validate_rmsd_angle.linker_flag 
1  1 C2    A C 1  ? ? N1    A C 1  ? ? "C1'" A C 1  ? ? 111.22 118.80 -7.58 1.10 N 
2  1 C2    B U 13 ? ? N1    B U 13 ? ? "C1'" B U 13 ? ? 125.40 117.70 7.70  1.20 N 
3  1 C5    E C 33 ? ? C6    E C 33 ? ? N1    E C 33 ? ? 124.05 121.00 3.05  0.50 N 
4  1 C6    E C 33 ? ? N1    E C 33 ? ? "C1'" E C 33 ? ? 112.56 120.80 -8.24 1.20 N 
5  1 C2    E C 33 ? ? N1    E C 33 ? ? "C1'" E C 33 ? ? 127.93 118.80 9.13  1.10 N 
6  1 "C3'" F C 43 ? ? "C2'" F C 43 ? ? "C1'" F C 43 ? ? 96.77  101.30 -4.53 0.70 N 
7  1 "O4'" F C 43 ? ? "C1'" F C 43 ? ? N1    F C 43 ? ? 102.49 108.20 -5.71 0.80 N 
8  1 C5    F C 43 ? ? C6    F C 43 ? ? N1    F C 43 ? ? 117.17 121.00 -3.83 0.50 N 
9  1 N1    F C 43 ? ? C2    F C 43 ? ? O2    F C 43 ? ? 114.34 118.90 -4.56 0.60 N 
10 1 C6    F C 43 ? ? N1    F C 43 ? ? "C1'" F C 43 ? ? 128.88 120.80 8.08  1.20 N 
11 1 C2    F C 43 ? ? N1    F C 43 ? ? "C1'" F C 43 ? ? 108.81 118.80 -9.99 1.10 N 
# 
loop_
_pdbx_validate_planes.id 
_pdbx_validate_planes.PDB_model_num 
_pdbx_validate_planes.auth_comp_id 
_pdbx_validate_planes.auth_asym_id 
_pdbx_validate_planes.auth_seq_id 
_pdbx_validate_planes.PDB_ins_code 
_pdbx_validate_planes.label_alt_id 
_pdbx_validate_planes.rmsd 
_pdbx_validate_planes.type 
1 1 C A 1  ? ? 0.075 'SIDE CHAIN' 
2 1 C C 17 ? ? 0.109 'SIDE CHAIN' 
3 1 C C 19 ? ? 0.079 'SIDE CHAIN' 
4 1 C D 26 ? ? 0.106 'SIDE CHAIN' 
5 1 C F 42 ? ? 0.087 'SIDE CHAIN' 
# 
loop_
_chem_comp_atom.comp_id 
_chem_comp_atom.atom_id 
_chem_comp_atom.type_symbol 
_chem_comp_atom.pdbx_aromatic_flag 
_chem_comp_atom.pdbx_stereo_config 
_chem_comp_atom.pdbx_ordinal 
C   OP3    O N N 1   
C   P      P N N 2   
C   OP1    O N N 3   
C   OP2    O N N 4   
C   "O5'"  O N N 5   
C   "C5'"  C N N 6   
C   "C4'"  C N R 7   
C   "O4'"  O N N 8   
C   "C3'"  C N S 9   
C   "O3'"  O N N 10  
C   "C2'"  C N R 11  
C   "O2'"  O N N 12  
C   "C1'"  C N R 13  
C   N1     N N N 14  
C   C2     C N N 15  
C   O2     O N N 16  
C   N3     N N N 17  
C   C4     C N N 18  
C   N4     N N N 19  
C   C5     C N N 20  
C   C6     C N N 21  
C   HOP3   H N N 22  
C   HOP2   H N N 23  
C   "H5'"  H N N 24  
C   "H5''" H N N 25  
C   "H4'"  H N N 26  
C   "H3'"  H N N 27  
C   "HO3'" H N N 28  
C   "H2'"  H N N 29  
C   "HO2'" H N N 30  
C   "H1'"  H N N 31  
C   H41    H N N 32  
C   H42    H N N 33  
C   H5     H N N 34  
C   H6     H N N 35  
G   OP3    O N N 36  
G   P      P N N 37  
G   OP1    O N N 38  
G   OP2    O N N 39  
G   "O5'"  O N N 40  
G   "C5'"  C N N 41  
G   "C4'"  C N R 42  
G   "O4'"  O N N 43  
G   "C3'"  C N S 44  
G   "O3'"  O N N 45  
G   "C2'"  C N R 46  
G   "O2'"  O N N 47  
G   "C1'"  C N R 48  
G   N9     N Y N 49  
G   C8     C Y N 50  
G   N7     N Y N 51  
G   C5     C Y N 52  
G   C6     C N N 53  
G   O6     O N N 54  
G   N1     N N N 55  
G   C2     C N N 56  
G   N2     N N N 57  
G   N3     N N N 58  
G   C4     C Y N 59  
G   HOP3   H N N 60  
G   HOP2   H N N 61  
G   "H5'"  H N N 62  
G   "H5''" H N N 63  
G   "H4'"  H N N 64  
G   "H3'"  H N N 65  
G   "HO3'" H N N 66  
G   "H2'"  H N N 67  
G   "HO2'" H N N 68  
G   "H1'"  H N N 69  
G   H8     H N N 70  
G   H1     H N N 71  
G   H21    H N N 72  
G   H22    H N N 73  
HOH O      O N N 74  
HOH H1     H N N 75  
HOH H2     H N N 76  
I   OP3    O N N 77  
I   P      P N N 78  
I   OP1    O N N 79  
I   OP2    O N N 80  
I   "O5'"  O N N 81  
I   "C5'"  C N N 82  
I   "C4'"  C N R 83  
I   "O4'"  O N N 84  
I   "C3'"  C N S 85  
I   "O3'"  O N N 86  
I   "C2'"  C N R 87  
I   "O2'"  O N N 88  
I   "C1'"  C N R 89  
I   N9     N Y N 90  
I   C8     C Y N 91  
I   N7     N Y N 92  
I   C5     C Y N 93  
I   C6     C N N 94  
I   O6     O N N 95  
I   N1     N N N 96  
I   C2     C N N 97  
I   N3     N N N 98  
I   C4     C Y N 99  
I   HOP3   H N N 100 
I   HOP2   H N N 101 
I   "H5'"  H N N 102 
I   "H5''" H N N 103 
I   "H4'"  H N N 104 
I   "H3'"  H N N 105 
I   "HO3'" H N N 106 
I   "H2'"  H N N 107 
I   "HO2'" H N N 108 
I   "H1'"  H N N 109 
I   H8     H N N 110 
I   H1     H N N 111 
I   H2     H N N 112 
U   OP3    O N N 113 
U   P      P N N 114 
U   OP1    O N N 115 
U   OP2    O N N 116 
U   "O5'"  O N N 117 
U   "C5'"  C N N 118 
U   "C4'"  C N R 119 
U   "O4'"  O N N 120 
U   "C3'"  C N S 121 
U   "O3'"  O N N 122 
U   "C2'"  C N R 123 
U   "O2'"  O N N 124 
U   "C1'"  C N R 125 
U   N1     N N N 126 
U   C2     C N N 127 
U   O2     O N N 128 
U   N3     N N N 129 
U   C4     C N N 130 
U   O4     O N N 131 
U   C5     C N N 132 
U   C6     C N N 133 
U   HOP3   H N N 134 
U   HOP2   H N N 135 
U   "H5'"  H N N 136 
U   "H5''" H N N 137 
U   "H4'"  H N N 138 
U   "H3'"  H N N 139 
U   "HO3'" H N N 140 
U   "H2'"  H N N 141 
U   "HO2'" H N N 142 
U   "H1'"  H N N 143 
U   H3     H N N 144 
U   H5     H N N 145 
U   H6     H N N 146 
# 
loop_
_chem_comp_bond.comp_id 
_chem_comp_bond.atom_id_1 
_chem_comp_bond.atom_id_2 
_chem_comp_bond.value_order 
_chem_comp_bond.pdbx_aromatic_flag 
_chem_comp_bond.pdbx_stereo_config 
_chem_comp_bond.pdbx_ordinal 
C   OP3   P      sing N N 1   
C   OP3   HOP3   sing N N 2   
C   P     OP1    doub N N 3   
C   P     OP2    sing N N 4   
C   P     "O5'"  sing N N 5   
C   OP2   HOP2   sing N N 6   
C   "O5'" "C5'"  sing N N 7   
C   "C5'" "C4'"  sing N N 8   
C   "C5'" "H5'"  sing N N 9   
C   "C5'" "H5''" sing N N 10  
C   "C4'" "O4'"  sing N N 11  
C   "C4'" "C3'"  sing N N 12  
C   "C4'" "H4'"  sing N N 13  
C   "O4'" "C1'"  sing N N 14  
C   "C3'" "O3'"  sing N N 15  
C   "C3'" "C2'"  sing N N 16  
C   "C3'" "H3'"  sing N N 17  
C   "O3'" "HO3'" sing N N 18  
C   "C2'" "O2'"  sing N N 19  
C   "C2'" "C1'"  sing N N 20  
C   "C2'" "H2'"  sing N N 21  
C   "O2'" "HO2'" sing N N 22  
C   "C1'" N1     sing N N 23  
C   "C1'" "H1'"  sing N N 24  
C   N1    C2     sing N N 25  
C   N1    C6     sing N N 26  
C   C2    O2     doub N N 27  
C   C2    N3     sing N N 28  
C   N3    C4     doub N N 29  
C   C4    N4     sing N N 30  
C   C4    C5     sing N N 31  
C   N4    H41    sing N N 32  
C   N4    H42    sing N N 33  
C   C5    C6     doub N N 34  
C   C5    H5     sing N N 35  
C   C6    H6     sing N N 36  
G   OP3   P      sing N N 37  
G   OP3   HOP3   sing N N 38  
G   P     OP1    doub N N 39  
G   P     OP2    sing N N 40  
G   P     "O5'"  sing N N 41  
G   OP2   HOP2   sing N N 42  
G   "O5'" "C5'"  sing N N 43  
G   "C5'" "C4'"  sing N N 44  
G   "C5'" "H5'"  sing N N 45  
G   "C5'" "H5''" sing N N 46  
G   "C4'" "O4'"  sing N N 47  
G   "C4'" "C3'"  sing N N 48  
G   "C4'" "H4'"  sing N N 49  
G   "O4'" "C1'"  sing N N 50  
G   "C3'" "O3'"  sing N N 51  
G   "C3'" "C2'"  sing N N 52  
G   "C3'" "H3'"  sing N N 53  
G   "O3'" "HO3'" sing N N 54  
G   "C2'" "O2'"  sing N N 55  
G   "C2'" "C1'"  sing N N 56  
G   "C2'" "H2'"  sing N N 57  
G   "O2'" "HO2'" sing N N 58  
G   "C1'" N9     sing N N 59  
G   "C1'" "H1'"  sing N N 60  
G   N9    C8     sing Y N 61  
G   N9    C4     sing Y N 62  
G   C8    N7     doub Y N 63  
G   C8    H8     sing N N 64  
G   N7    C5     sing Y N 65  
G   C5    C6     sing N N 66  
G   C5    C4     doub Y N 67  
G   C6    O6     doub N N 68  
G   C6    N1     sing N N 69  
G   N1    C2     sing N N 70  
G   N1    H1     sing N N 71  
G   C2    N2     sing N N 72  
G   C2    N3     doub N N 73  
G   N2    H21    sing N N 74  
G   N2    H22    sing N N 75  
G   N3    C4     sing N N 76  
HOH O     H1     sing N N 77  
HOH O     H2     sing N N 78  
I   OP3   P      sing N N 79  
I   OP3   HOP3   sing N N 80  
I   P     OP1    doub N N 81  
I   P     OP2    sing N N 82  
I   P     "O5'"  sing N N 83  
I   OP2   HOP2   sing N N 84  
I   "O5'" "C5'"  sing N N 85  
I   "C5'" "C4'"  sing N N 86  
I   "C5'" "H5'"  sing N N 87  
I   "C5'" "H5''" sing N N 88  
I   "C4'" "O4'"  sing N N 89  
I   "C4'" "C3'"  sing N N 90  
I   "C4'" "H4'"  sing N N 91  
I   "O4'" "C1'"  sing N N 92  
I   "C3'" "O3'"  sing N N 93  
I   "C3'" "C2'"  sing N N 94  
I   "C3'" "H3'"  sing N N 95  
I   "O3'" "HO3'" sing N N 96  
I   "C2'" "O2'"  sing N N 97  
I   "C2'" "C1'"  sing N N 98  
I   "C2'" "H2'"  sing N N 99  
I   "O2'" "HO2'" sing N N 100 
I   "C1'" N9     sing N N 101 
I   "C1'" "H1'"  sing N N 102 
I   N9    C8     sing Y N 103 
I   N9    C4     sing Y N 104 
I   C8    N7     doub Y N 105 
I   C8    H8     sing N N 106 
I   N7    C5     sing Y N 107 
I   C5    C6     sing N N 108 
I   C5    C4     doub Y N 109 
I   C6    O6     doub N N 110 
I   C6    N1     sing N N 111 
I   N1    C2     sing N N 112 
I   N1    H1     sing N N 113 
I   C2    N3     doub N N 114 
I   C2    H2     sing N N 115 
I   N3    C4     sing N N 116 
U   OP3   P      sing N N 117 
U   OP3   HOP3   sing N N 118 
U   P     OP1    doub N N 119 
U   P     OP2    sing N N 120 
U   P     "O5'"  sing N N 121 
U   OP2   HOP2   sing N N 122 
U   "O5'" "C5'"  sing N N 123 
U   "C5'" "C4'"  sing N N 124 
U   "C5'" "H5'"  sing N N 125 
U   "C5'" "H5''" sing N N 126 
U   "C4'" "O4'"  sing N N 127 
U   "C4'" "C3'"  sing N N 128 
U   "C4'" "H4'"  sing N N 129 
U   "O4'" "C1'"  sing N N 130 
U   "C3'" "O3'"  sing N N 131 
U   "C3'" "C2'"  sing N N 132 
U   "C3'" "H3'"  sing N N 133 
U   "O3'" "HO3'" sing N N 134 
U   "C2'" "O2'"  sing N N 135 
U   "C2'" "C1'"  sing N N 136 
U   "C2'" "H2'"  sing N N 137 
U   "O2'" "HO2'" sing N N 138 
U   "C1'" N1     sing N N 139 
U   "C1'" "H1'"  sing N N 140 
U   N1    C2     sing N N 141 
U   N1    C6     sing N N 142 
U   C2    O2     doub N N 143 
U   C2    N3     sing N N 144 
U   N3    C4     sing N N 145 
U   N3    H3     sing N N 146 
U   C4    O4     doub N N 147 
U   C4    C5     sing N N 148 
U   C5    C6     doub N N 149 
U   C5    H5     sing N N 150 
U   C6    H6     sing N N 151 
# 
loop_
_ndb_struct_conf_na.entry_id 
_ndb_struct_conf_na.feature 
409D 'double helix'         
409D 'a-form double helix'  
409D 'mismatched base pair' 
# 
loop_
_ndb_struct_na_base_pair.model_number 
_ndb_struct_na_base_pair.i_label_asym_id 
_ndb_struct_na_base_pair.i_label_comp_id 
_ndb_struct_na_base_pair.i_label_seq_id 
_ndb_struct_na_base_pair.i_symmetry 
_ndb_struct_na_base_pair.j_label_asym_id 
_ndb_struct_na_base_pair.j_label_comp_id 
_ndb_struct_na_base_pair.j_label_seq_id 
_ndb_struct_na_base_pair.j_symmetry 
_ndb_struct_na_base_pair.shear 
_ndb_struct_na_base_pair.stretch 
_ndb_struct_na_base_pair.stagger 
_ndb_struct_na_base_pair.buckle 
_ndb_struct_na_base_pair.propeller 
_ndb_struct_na_base_pair.opening 
_ndb_struct_na_base_pair.pair_number 
_ndb_struct_na_base_pair.pair_name 
_ndb_struct_na_base_pair.i_auth_asym_id 
_ndb_struct_na_base_pair.i_auth_seq_id 
_ndb_struct_na_base_pair.i_PDB_ins_code 
_ndb_struct_na_base_pair.j_auth_asym_id 
_ndb_struct_na_base_pair.j_auth_seq_id 
_ndb_struct_na_base_pair.j_PDB_ins_code 
_ndb_struct_na_base_pair.hbond_type_28 
_ndb_struct_na_base_pair.hbond_type_12 
1 A C 1 1_555 B G 8 1_555 0.166  -0.152 -0.136 5.062   -5.861  0.836  1  A_C1:G16_B  A 1  ? B 16 ? 19 1 
1 A C 2 1_555 B G 7 1_555 0.225  -0.205 -0.016 1.056   -2.950  -0.876 2  A_C2:G15_B  A 2  ? B 15 ? 19 1 
1 A C 3 1_555 B G 6 1_555 0.598  -0.308 -0.381 -0.451  -2.077  -2.252 3  A_C3:G14_B  A 3  ? B 14 ? 19 1 
1 A I 4 1_555 B U 5 1_555 -1.834 -0.472 -0.329 -10.821 -7.327  -0.066 4  A_I4:U13_B  A 4  ? B 13 ? 28 ? 
1 A U 5 1_555 B I 4 1_555 1.616  -0.540 0.059  -0.393  -2.470  -4.618 5  A_U5:I12_B  A 5  ? B 12 ? 28 ? 
1 A G 6 1_555 B C 3 1_555 -0.345 -0.276 -0.092 -0.668  -7.833  -0.136 6  A_G6:C11_B  A 6  ? B 11 ? 19 1 
1 A G 7 1_555 B C 2 1_555 -0.499 -0.353 -0.522 -6.732  -10.192 0.400  7  A_G7:C10_B  A 7  ? B 10 ? 19 1 
1 A G 8 1_555 B C 1 1_555 0.361  -0.090 -0.084 1.331   -1.679  0.017  8  A_G8:C9_B   A 8  ? B 9  ? 19 1 
1 C C 1 1_555 D G 8 1_555 -0.523 -0.080 -0.153 1.891   -3.213  -1.160 9  C_C17:G32_D C 17 ? D 32 ? 19 1 
1 C C 2 1_555 D G 7 1_555 0.304  -0.275 -0.127 3.611   -3.085  -2.328 10 C_C18:G31_D C 18 ? D 31 ? 19 1 
1 C C 3 1_555 D G 6 1_555 0.734  -0.349 -0.027 -1.463  -3.449  -2.041 11 C_C19:G30_D C 19 ? D 30 ? 19 1 
1 C I 4 1_555 D U 5 1_555 -2.028 -0.527 0.081  -2.742  -5.200  0.126  12 C_I20:U29_D C 20 ? D 29 ? 28 ? 
1 C U 5 1_555 D I 4 1_555 2.365  -0.508 -0.055 -1.568  -4.680  -1.145 13 C_U21:I28_D C 21 ? D 28 ? 28 ? 
1 C G 6 1_555 D C 3 1_555 0.099  -0.153 -0.016 -2.211  -0.104  -1.685 14 C_G22:C27_D C 22 ? D 27 ? 19 1 
1 C G 7 1_555 D C 2 1_555 -0.091 -0.078 -0.090 -1.465  -4.988  -1.047 15 C_G23:C26_D C 23 ? D 26 ? 19 1 
1 C G 8 1_555 D C 1 1_555 0.677  -0.115 0.069  -4.004  -2.079  -0.305 16 C_G24:C25_D C 24 ? D 25 ? 19 1 
1 E C 1 1_555 F G 8 1_555 -0.063 -0.126 -0.006 4.029   -2.949  -4.632 17 E_C33:G48_F E 33 ? F 48 ? 19 1 
1 E C 2 1_555 F G 7 1_555 -0.049 -0.187 0.125  2.099   -3.910  1.386  18 E_C34:G47_F E 34 ? F 47 ? 19 1 
1 E C 3 1_555 F G 6 1_555 -0.464 -0.093 -0.262 -0.583  -1.447  -2.571 19 E_C35:G46_F E 35 ? F 46 ? 19 1 
1 E I 4 1_555 F U 5 1_555 -2.014 -0.568 0.049  -5.336  -0.732  -2.924 20 E_I36:U45_F E 36 ? F 45 ? 28 ? 
1 E U 5 1_555 F I 4 1_555 1.653  -0.429 -0.095 3.285   -1.978  1.070  21 E_U37:I44_F E 37 ? F 44 ? 28 ? 
1 E G 6 1_555 F C 3 1_555 -0.022 -0.227 -0.227 -0.414  -1.082  0.333  22 E_G38:C43_F E 38 ? F 43 ? 19 1 
1 E G 7 1_555 F C 2 1_555 0.097  -0.190 0.525  2.849   -4.164  -1.234 23 E_G39:C42_F E 39 ? F 42 ? 19 1 
1 E G 8 1_555 F C 1 1_555 -0.813 -0.334 -0.038 -3.092  -9.795  1.343  24 E_G40:C41_F E 40 ? F 41 ? 19 1 
# 
loop_
_ndb_struct_na_base_pair_step.model_number 
_ndb_struct_na_base_pair_step.i_label_asym_id_1 
_ndb_struct_na_base_pair_step.i_label_comp_id_1 
_ndb_struct_na_base_pair_step.i_label_seq_id_1 
_ndb_struct_na_base_pair_step.i_symmetry_1 
_ndb_struct_na_base_pair_step.j_label_asym_id_1 
_ndb_struct_na_base_pair_step.j_label_comp_id_1 
_ndb_struct_na_base_pair_step.j_label_seq_id_1 
_ndb_struct_na_base_pair_step.j_symmetry_1 
_ndb_struct_na_base_pair_step.i_label_asym_id_2 
_ndb_struct_na_base_pair_step.i_label_comp_id_2 
_ndb_struct_na_base_pair_step.i_label_seq_id_2 
_ndb_struct_na_base_pair_step.i_symmetry_2 
_ndb_struct_na_base_pair_step.j_label_asym_id_2 
_ndb_struct_na_base_pair_step.j_label_comp_id_2 
_ndb_struct_na_base_pair_step.j_label_seq_id_2 
_ndb_struct_na_base_pair_step.j_symmetry_2 
_ndb_struct_na_base_pair_step.shift 
_ndb_struct_na_base_pair_step.slide 
_ndb_struct_na_base_pair_step.rise 
_ndb_struct_na_base_pair_step.tilt 
_ndb_struct_na_base_pair_step.roll 
_ndb_struct_na_base_pair_step.twist 
_ndb_struct_na_base_pair_step.x_displacement 
_ndb_struct_na_base_pair_step.y_displacement 
_ndb_struct_na_base_pair_step.helical_rise 
_ndb_struct_na_base_pair_step.inclination 
_ndb_struct_na_base_pair_step.tip 
_ndb_struct_na_base_pair_step.helical_twist 
_ndb_struct_na_base_pair_step.step_number 
_ndb_struct_na_base_pair_step.step_name 
_ndb_struct_na_base_pair_step.i_auth_asym_id_1 
_ndb_struct_na_base_pair_step.i_auth_seq_id_1 
_ndb_struct_na_base_pair_step.i_PDB_ins_code_1 
_ndb_struct_na_base_pair_step.j_auth_asym_id_1 
_ndb_struct_na_base_pair_step.j_auth_seq_id_1 
_ndb_struct_na_base_pair_step.j_PDB_ins_code_1 
_ndb_struct_na_base_pair_step.i_auth_asym_id_2 
_ndb_struct_na_base_pair_step.i_auth_seq_id_2 
_ndb_struct_na_base_pair_step.i_PDB_ins_code_2 
_ndb_struct_na_base_pair_step.j_auth_asym_id_2 
_ndb_struct_na_base_pair_step.j_auth_seq_id_2 
_ndb_struct_na_base_pair_step.j_PDB_ins_code_2 
1 A C 1 1_555 B G 8 1_555 A C 2 1_555 B G 7 1_555 -0.750 -1.582 3.235 -7.221 5.595  35.785 -3.239  0.231  3.051 8.927  11.521  
36.895 1  AA_C1C2:G15G16_BB   A 1  ? B 16 ? A 2  ? B 15 ? 
1 A C 2 1_555 B G 7 1_555 A C 3 1_555 B G 6 1_555 -0.740 -2.069 3.358 1.580  9.400  30.221 -5.406  1.628  2.573 17.490 -2.940  
31.656 2  AA_C2C3:G14G15_BB   A 2  ? B 15 ? A 3  ? B 14 ? 
1 A C 3 1_555 B G 6 1_555 A I 4 1_555 B U 5 1_555 0.084  -2.037 3.677 -3.539 7.223  15.991 -10.725 -2.317 2.456 24.079 11.798  
17.888 3  AA_C3I4:U13G14_BB   A 3  ? B 14 ? A 4  ? B 13 ? 
1 A I 4 1_555 B U 5 1_555 A U 5 1_555 B I 4 1_555 -0.060 -1.124 3.176 -3.005 8.291  49.741 -1.876  -0.131 2.963 9.768  3.541   
50.468 4  AA_I4U5:I12U13_BB   A 4  ? B 13 ? A 5  ? B 12 ? 
1 A U 5 1_555 B I 4 1_555 A G 6 1_555 B C 3 1_555 0.565  -1.740 3.051 1.328  13.116 27.670 -5.432  -0.854 2.058 25.660 -2.598  
30.595 5  AA_U5G6:C11I12_BB   A 5  ? B 12 ? A 6  ? B 11 ? 
1 A G 6 1_555 B C 3 1_555 A G 7 1_555 B C 2 1_555 0.023  -1.732 3.710 3.732  4.080  28.862 -4.379  0.835  3.414 8.091  -7.401  
29.376 6  AA_G6G7:C10C11_BB   A 6  ? B 11 ? A 7  ? B 10 ? 
1 A G 7 1_555 B C 2 1_555 A G 8 1_555 B C 1 1_555 0.346  -1.515 3.185 1.710  4.488  37.604 -2.879  -0.325 3.003 6.928  -2.639  
37.898 7  AA_G7G8:C9C10_BB    A 7  ? B 10 ? A 8  ? B 9  ? 
1 C C 1 1_555 D G 8 1_555 C C 2 1_555 D G 7 1_555 -0.462 -1.639 3.263 -6.052 1.910  33.018 -3.146  -0.188 3.198 3.323  10.527  
33.606 8  CC_C17C18:G31G32_DD C 17 ? D 32 ? C 18 ? D 31 ? 
1 C C 2 1_555 D G 7 1_555 C C 3 1_555 D G 6 1_555 -0.172 -1.776 3.528 -0.165 7.846  38.705 -3.581  0.235  3.124 11.692 0.246   
39.462 9  CC_C18C19:G30G31_DD C 18 ? D 31 ? C 19 ? D 30 ? 
1 C C 3 1_555 D G 6 1_555 C I 4 1_555 D U 5 1_555 1.090  -2.601 3.197 1.916  12.031 16.129 -11.470 -2.464 1.122 36.798 -5.860  
20.188 10 CC_C19I20:U29G30_DD C 19 ? D 30 ? C 20 ? D 29 ? 
1 C I 4 1_555 D U 5 1_555 C U 5 1_555 D I 4 1_555 0.067  -1.553 3.349 0.942  4.595  49.436 -2.189  -0.010 3.203 5.480  -1.123  
49.644 11 CC_I20U21:I28U29_DD C 20 ? D 29 ? C 21 ? D 28 ? 
1 C U 5 1_555 D I 4 1_555 C G 6 1_555 D C 3 1_555 -1.044 -1.617 3.417 -3.418 6.132  18.168 -7.785  1.414  2.868 18.545 10.336  
19.467 12 CC_U21G22:C27I28_DD C 21 ? D 28 ? C 22 ? D 27 ? 
1 C G 6 1_555 D C 3 1_555 C G 7 1_555 D C 2 1_555 0.441  -1.774 3.306 5.063  4.350  29.997 -4.190  0.146  3.056 8.275  -9.632  
30.714 13 CC_G22G23:C26C27_DD C 22 ? D 27 ? C 23 ? D 26 ? 
1 C G 7 1_555 D C 2 1_555 C G 8 1_555 D C 1 1_555 1.167  -2.177 3.304 3.268  7.610  37.401 -4.239  -1.386 2.910 11.692 -5.021  
38.275 14 CC_G23G24:C25C26_DD C 23 ? D 26 ? C 24 ? D 25 ? 
1 E C 1 1_555 F G 8 1_555 E C 2 1_555 F G 7 1_555 -0.422 -1.954 3.175 -6.205 7.379  32.813 -4.400  -0.185 2.717 12.723 10.699  
34.163 15 EE_C33C34:G47G48_FF E 33 ? F 48 ? E 34 ? F 47 ? 
1 E C 2 1_555 F G 7 1_555 E C 3 1_555 F G 6 1_555 -0.781 -1.812 3.212 -0.006 8.464  33.241 -4.293  1.324  2.684 14.504 0.011   
34.273 16 EE_C34C35:G46G47_FF E 34 ? F 47 ? E 35 ? F 46 ? 
1 E C 3 1_555 F G 6 1_555 E I 4 1_555 F U 5 1_555 1.388  -2.551 3.752 0.832  -0.330 13.904 -10.144 -4.783 3.887 -1.361 -3.434  
13.932 17 EE_C35I36:U45G46_FF E 35 ? F 46 ? E 36 ? F 45 ? 
1 E I 4 1_555 F U 5 1_555 E U 5 1_555 F I 4 1_555 0.511  -1.656 2.917 1.336  8.515  46.705 -2.644  -0.543 2.607 10.634 -1.668  
47.450 18 EE_I36U37:I44U45_FF E 36 ? F 45 ? E 37 ? F 44 ? 
1 E U 5 1_555 F I 4 1_555 E G 6 1_555 F C 3 1_555 -1.251 -1.442 3.650 -0.880 1.482  30.353 -3.081  2.189  3.611 2.828  1.679   
30.401 19 EE_U37G38:C43I44_FF E 37 ? F 44 ? E 38 ? F 43 ? 
1 E G 6 1_555 F C 3 1_555 E G 7 1_555 F C 2 1_555 0.779  -1.886 2.859 -0.606 12.104 31.884 -4.707  -1.405 2.015 21.104 1.057   
34.054 20 EE_G38G39:C42C43_FF E 38 ? F 43 ? E 39 ? F 42 ? 
1 E G 7 1_555 F C 2 1_555 E G 8 1_555 F C 1 1_555 0.317  -1.904 3.357 7.362  10.999 28.162 -5.531  0.732  2.464 21.186 -14.182 
31.060 21 EE_G39G40:C41C42_FF E 39 ? F 42 ? E 40 ? F 41 ? 
# 
_pdbx_initial_refinement_model.accession_code   1RXA 
_pdbx_initial_refinement_model.id               1 
_pdbx_initial_refinement_model.entity_id_list   ? 
_pdbx_initial_refinement_model.type             'experimental model' 
_pdbx_initial_refinement_model.source_name      PDB 
_pdbx_initial_refinement_model.details          'R(CCCCGGGG)' 
# 
_atom_sites.entry_id                    409D 
_atom_sites.fract_transf_matrix[1][1]   -0.02842889 
_atom_sites.fract_transf_matrix[1][2]   0.01192680 
_atom_sites.fract_transf_matrix[1][3]   -0.00231140 
_atom_sites.fract_transf_matrix[2][1]   0.00794673 
_atom_sites.fract_transf_matrix[2][2]   0.02035514 
_atom_sites.fract_transf_matrix[2][3]   0.00729213 
_atom_sites.fract_transf_matrix[3][1]   -0.00107413 
_atom_sites.fract_transf_matrix[3][2]   0.00742055 
_atom_sites.fract_transf_matrix[3][3]   -0.01954304 
_atom_sites.fract_transf_vector[1]      0.510386 
_atom_sites.fract_transf_vector[2]      0.427752 
_atom_sites.fract_transf_vector[3]      0.311752 
# 
loop_
_atom_type.symbol 
C 
N 
O 
P 
# 
loop_
_atom_site.group_PDB 
_atom_site.id 
_atom_site.type_symbol 
_atom_site.label_atom_id 
_atom_site.label_alt_id 
_atom_site.label_comp_id 
_atom_site.label_asym_id 
_atom_site.label_entity_id 
_atom_site.label_seq_id 
_atom_site.pdbx_PDB_ins_code 
_atom_site.Cartn_x 
_atom_site.Cartn_y 
_atom_site.Cartn_z 
_atom_site.occupancy 
_atom_site.B_iso_or_equiv 
_atom_site.pdbx_formal_charge 
_atom_site.auth_seq_id 
_atom_site.auth_comp_id 
_atom_site.auth_asym_id 
_atom_site.auth_atom_id 
_atom_site.pdbx_PDB_model_num 
ATOM   1    O "O5'" . C   A 1 1 ? 13.904  -7.249  9.339   1.00 50.83 ? 1  C   A "O5'" 1 
ATOM   2    C "C5'" . C   A 1 1 ? 13.042  -8.270  8.780   1.00 45.35 ? 1  C   A "C5'" 1 
ATOM   3    C "C4'" . C   A 1 1 ? 11.640  -7.807  8.448   1.00 40.24 ? 1  C   A "C4'" 1 
ATOM   4    O "O4'" . C   A 1 1 ? 10.995  -7.334  9.637   1.00 41.57 ? 1  C   A "O4'" 1 
ATOM   5    C "C3'" . C   A 1 1 ? 11.580  -6.641  7.485   1.00 41.58 ? 1  C   A "C3'" 1 
ATOM   6    O "O3'" . C   A 1 1 ? 11.618  -7.083  6.150   1.00 45.09 ? 1  C   A "O3'" 1 
ATOM   7    C "C2'" . C   A 1 1 ? 10.273  -5.959  7.856   1.00 38.33 ? 1  C   A "C2'" 1 
ATOM   8    O "O2'" . C   A 1 1 ? 9.111   -6.538  7.276   1.00 38.41 ? 1  C   A "O2'" 1 
ATOM   9    C "C1'" . C   A 1 1 ? 10.330  -6.185  9.369   1.00 34.89 ? 1  C   A "C1'" 1 
ATOM   10   N N1    . C   A 1 1 ? 11.004  -5.163  10.135  1.00 28.57 ? 1  C   A N1    1 
ATOM   11   C C2    . C   A 1 1 ? 10.254  -4.122  10.288  1.00 28.60 ? 1  C   A C2    1 
ATOM   12   O O2    . C   A 1 1 ? 9.192   -4.097  9.619   1.00 27.85 ? 1  C   A O2    1 
ATOM   13   N N3    . C   A 1 1 ? 10.591  -3.148  11.108  1.00 28.59 ? 1  C   A N3    1 
ATOM   14   C C4    . C   A 1 1 ? 11.733  -3.212  11.779  1.00 33.30 ? 1  C   A C4    1 
ATOM   15   N N4    . C   A 1 1 ? 12.016  -2.225  12.622  1.00 41.59 ? 1  C   A N4    1 
ATOM   16   C C5    . C   A 1 1 ? 12.655  -4.287  11.608  1.00 31.45 ? 1  C   A C5    1 
ATOM   17   C C6    . C   A 1 1 ? 12.276  -5.269  10.748  1.00 31.21 ? 1  C   A C6    1 
ATOM   18   P P     . C   A 1 2 ? 12.120  -6.076  5.006   1.00 44.82 ? 2  C   A P     1 
ATOM   19   O OP1   . C   A 1 2 ? 12.155  -6.828  3.713   1.00 49.59 ? 2  C   A OP1   1 
ATOM   20   O OP2   . C   A 1 2 ? 13.380  -5.458  5.551   1.00 46.16 ? 2  C   A OP2   1 
ATOM   21   O "O5'" . C   A 1 2 ? 10.962  -4.978  4.905   1.00 39.59 ? 2  C   A "O5'" 1 
ATOM   22   C "C5'" . C   A 1 2 ? 9.790   -5.220  4.117   1.00 33.74 ? 2  C   A "C5'" 1 
ATOM   23   C "C4'" . C   A 1 2 ? 8.834   -4.067  4.242   1.00 35.49 ? 2  C   A "C4'" 1 
ATOM   24   O "O4'" . C   A 1 2 ? 8.590   -3.824  5.656   1.00 35.89 ? 2  C   A "O4'" 1 
ATOM   25   C "C3'" . C   A 1 2 ? 9.362   -2.726  3.773   1.00 37.06 ? 2  C   A "C3'" 1 
ATOM   26   O "O3'" . C   A 1 2 ? 9.381   -2.552  2.358   1.00 43.56 ? 2  C   A "O3'" 1 
ATOM   27   C "C2'" . C   A 1 2 ? 8.448   -1.754  4.501   1.00 36.14 ? 2  C   A "C2'" 1 
ATOM   28   O "O2'" . C   A 1 2 ? 7.171   -1.588  3.902   1.00 33.53 ? 2  C   A "O2'" 1 
ATOM   29   C "C1'" . C   A 1 2 ? 8.363   -2.426  5.869   1.00 35.96 ? 2  C   A "C1'" 1 
ATOM   30   N N1    . C   A 1 2 ? 9.378   -1.950  6.829   1.00 37.36 ? 2  C   A N1    1 
ATOM   31   C C2    . C   A 1 2 ? 9.298   -0.639  7.382   1.00 37.36 ? 2  C   A C2    1 
ATOM   32   O O2    . C   A 1 2 ? 8.404   0.124   7.022   1.00 43.97 ? 2  C   A O2    1 
ATOM   33   N N3    . C   A 1 2 ? 10.205  -0.257  8.299   1.00 34.78 ? 2  C   A N3    1 
ATOM   34   C C4    . C   A 1 2 ? 11.153  -1.105  8.686   1.00 34.68 ? 2  C   A C4    1 
ATOM   35   N N4    . C   A 1 2 ? 11.988  -0.685  9.628   1.00 39.55 ? 2  C   A N4    1 
ATOM   36   C C5    . C   A 1 2 ? 11.277  -2.420  8.124   1.00 33.43 ? 2  C   A C5    1 
ATOM   37   C C6    . C   A 1 2 ? 10.377  -2.784  7.205   1.00 37.44 ? 2  C   A C6    1 
ATOM   38   P P     . C   A 1 3 ? 10.637  -1.795  1.673   1.00 43.68 ? 3  C   A P     1 
ATOM   39   O OP1   . C   A 1 3 ? 10.610  -2.048  0.224   1.00 48.00 ? 3  C   A OP1   1 
ATOM   40   O OP2   . C   A 1 3 ? 11.886  -2.107  2.444   1.00 46.72 ? 3  C   A OP2   1 
ATOM   41   O "O5'" . C   A 1 3 ? 10.276  -0.267  1.909   1.00 42.15 ? 3  C   A "O5'" 1 
ATOM   42   C "C5'" . C   A 1 3 ? 9.041   0.265   1.418   1.00 42.24 ? 3  C   A "C5'" 1 
ATOM   43   C "C4'" . C   A 1 3 ? 8.820   1.664   1.951   1.00 40.24 ? 3  C   A "C4'" 1 
ATOM   44   O "O4'" . C   A 1 3 ? 8.722   1.623   3.411   1.00 39.79 ? 3  C   A "O4'" 1 
ATOM   45   C "C3'" . C   A 1 3 ? 9.961   2.645   1.744   1.00 40.78 ? 3  C   A "C3'" 1 
ATOM   46   O "O3'" . C   A 1 3 ? 9.991   3.218   0.454   1.00 42.63 ? 3  C   A "O3'" 1 
ATOM   47   C "C2'" . C   A 1 3 ? 9.656   3.714   2.767   1.00 40.87 ? 3  C   A "C2'" 1 
ATOM   48   O "O2'" . C   A 1 3 ? 8.622   4.564   2.350   1.00 43.64 ? 3  C   A "O2'" 1 
ATOM   49   C "C1'" . C   A 1 3 ? 9.214   2.897   3.949   1.00 38.98 ? 3  C   A "C1'" 1 
ATOM   50   N N1    . C   A 1 3 ? 10.355  2.684   4.863   1.00 30.04 ? 3  C   A N1    1 
ATOM   51   C C2    . C   A 1 3 ? 10.813  3.703   5.749   1.00 30.89 ? 3  C   A C2    1 
ATOM   52   O O2    . C   A 1 3 ? 10.368  4.860   5.655   1.00 40.18 ? 3  C   A O2    1 
ATOM   53   N N3    . C   A 1 3 ? 11.748  3.351   6.678   1.00 30.87 ? 3  C   A N3    1 
ATOM   54   C C4    . C   A 1 3 ? 12.228  2.101   6.698   1.00 25.33 ? 3  C   A C4    1 
ATOM   55   N N4    . C   A 1 3 ? 13.169  1.791   7.586   1.00 30.68 ? 3  C   A N4    1 
ATOM   56   C C5    . C   A 1 3 ? 11.804  1.139   5.783   1.00 26.50 ? 3  C   A C5    1 
ATOM   57   C C6    . C   A 1 3 ? 10.910  1.488   4.890   1.00 26.17 ? 3  C   A C6    1 
ATOM   58   P P     . I   A 1 4 ? 11.406  3.588   -0.195  1.00 44.30 ? 4  I   A P     1 
ATOM   59   O OP1   . I   A 1 4 ? 11.240  3.710   -1.668  1.00 45.28 ? 4  I   A OP1   1 
ATOM   60   O OP2   . I   A 1 4 ? 12.436  2.644   0.369   1.00 43.80 ? 4  I   A OP2   1 
ATOM   61   O "O5'" . I   A 1 4 ? 11.701  5.022   0.418   1.00 45.20 ? 4  I   A "O5'" 1 
ATOM   62   C "C5'" . I   A 1 4 ? 10.693  6.024   0.401   1.00 40.05 ? 4  I   A "C5'" 1 
ATOM   63   C "C4'" . I   A 1 4 ? 11.045  7.129   1.355   1.00 37.87 ? 4  I   A "C4'" 1 
ATOM   64   O "O4'" . I   A 1 4 ? 11.055  6.637   2.720   1.00 37.83 ? 4  I   A "O4'" 1 
ATOM   65   C "C3'" . I   A 1 4 ? 12.432  7.721   1.250   1.00 37.15 ? 4  I   A "C3'" 1 
ATOM   66   O "O3'" . I   A 1 4 ? 12.526  8.606   0.159   1.00 39.34 ? 4  I   A "O3'" 1 
ATOM   67   C "C2'" . I   A 1 4 ? 12.501  8.488   2.557   1.00 36.62 ? 4  I   A "C2'" 1 
ATOM   68   O "O2'" . I   A 1 4 ? 11.673  9.623   2.534   1.00 41.89 ? 4  I   A "O2'" 1 
ATOM   69   C "C1'" . I   A 1 4 ? 11.885  7.479   3.501   1.00 32.42 ? 4  I   A "C1'" 1 
ATOM   70   N N9    . I   A 1 4 ? 12.915  6.684   4.137   1.00 25.17 ? 4  I   A N9    1 
ATOM   71   C C8    . I   A 1 4 ? 13.157  5.345   4.013   1.00 18.48 ? 4  I   A C8    1 
ATOM   72   N N7    . I   A 1 4 ? 14.091  4.924   4.825   1.00 25.64 ? 4  I   A N7    1 
ATOM   73   C C5    . I   A 1 4 ? 14.521  6.072   5.480   1.00 27.67 ? 4  I   A C5    1 
ATOM   74   C C6    . I   A 1 4 ? 15.524  6.258   6.472   1.00 31.05 ? 4  I   A C6    1 
ATOM   75   O O6    . I   A 1 4 ? 16.255  5.421   6.987   1.00 40.38 ? 4  I   A O6    1 
ATOM   76   N N1    . I   A 1 4 ? 15.636  7.590   6.858   1.00 34.81 ? 4  I   A N1    1 
ATOM   77   C C2    . I   A 1 4 ? 14.878  8.622   6.351   1.00 37.76 ? 4  I   A C2    1 
ATOM   78   N N3    . I   A 1 4 ? 13.939  8.460   5.425   1.00 33.90 ? 4  I   A N3    1 
ATOM   79   C C4    . I   A 1 4 ? 13.821  7.172   5.038   1.00 29.15 ? 4  I   A C4    1 
ATOM   80   P P     . U   A 1 5 ? 13.816  8.553   -0.766  1.00 35.76 ? 5  U   A P     1 
ATOM   81   O OP1   . U   A 1 5 ? 13.484  9.263   -1.997  1.00 33.65 ? 5  U   A OP1   1 
ATOM   82   O OP2   . U   A 1 5 ? 14.253  7.140   -0.823  1.00 35.86 ? 5  U   A OP2   1 
ATOM   83   O "O5'" . U   A 1 5 ? 14.938  9.316   0.079   1.00 41.58 ? 5  U   A "O5'" 1 
ATOM   84   C "C5'" . U   A 1 5 ? 14.796  10.700  0.482   1.00 36.41 ? 5  U   A "C5'" 1 
ATOM   85   C "C4'" . U   A 1 5 ? 15.959  11.110  1.368   1.00 31.60 ? 5  U   A "C4'" 1 
ATOM   86   O "O4'" . U   A 1 5 ? 15.830  10.468  2.654   1.00 30.19 ? 5  U   A "O4'" 1 
ATOM   87   C "C3'" . U   A 1 5 ? 17.347  10.715  0.876   1.00 29.12 ? 5  U   A "C3'" 1 
ATOM   88   O "O3'" . U   A 1 5 ? 17.851  11.722  0.007   1.00 30.66 ? 5  U   A "O3'" 1 
ATOM   89   C "C2'" . U   A 1 5 ? 18.151  10.681  2.165   1.00 31.00 ? 5  U   A "C2'" 1 
ATOM   90   O "O2'" . U   A 1 5 ? 18.599  11.955  2.534   1.00 36.80 ? 5  U   A "O2'" 1 
ATOM   91   C "C1'" . U   A 1 5 ? 17.114  10.188  3.183   1.00 30.13 ? 5  U   A "C1'" 1 
ATOM   92   N N1    . U   A 1 5 ? 17.219  8.740   3.380   1.00 27.38 ? 5  U   A N1    1 
ATOM   93   C C2    . U   A 1 5 ? 18.096  8.298   4.326   1.00 25.48 ? 5  U   A C2    1 
ATOM   94   O O2    . U   A 1 5 ? 18.717  9.052   5.016   1.00 30.08 ? 5  U   A O2    1 
ATOM   95   N N3    . U   A 1 5 ? 18.213  6.939   4.427   1.00 23.56 ? 5  U   A N3    1 
ATOM   96   C C4    . U   A 1 5 ? 17.527  5.995   3.678   1.00 30.72 ? 5  U   A C4    1 
ATOM   97   O O4    . U   A 1 5 ? 17.756  4.797   3.848   1.00 34.65 ? 5  U   A O4    1 
ATOM   98   C C5    . U   A 1 5 ? 16.607  6.539   2.725   1.00 27.18 ? 5  U   A C5    1 
ATOM   99   C C6    . U   A 1 5 ? 16.485  7.861   2.616   1.00 30.50 ? 5  U   A C6    1 
ATOM   100  P P     . G   A 1 6 ? 19.088  11.402  -0.975  1.00 25.82 ? 6  G   A P     1 
ATOM   101  O OP1   . G   A 1 6 ? 19.322  12.625  -1.742  1.00 26.18 ? 6  G   A OP1   1 
ATOM   102  O OP2   . G   A 1 6 ? 18.827  10.136  -1.713  1.00 31.36 ? 6  G   A OP2   1 
ATOM   103  O "O5'" . G   A 1 6 ? 20.288  11.191  0.056   1.00 23.48 ? 6  G   A "O5'" 1 
ATOM   104  C "C5'" . G   A 1 6 ? 20.756  12.296  0.838   1.00 24.56 ? 6  G   A "C5'" 1 
ATOM   105  C "C4'" . G   A 1 6 ? 21.900  11.894  1.735   1.00 18.43 ? 6  G   A "C4'" 1 
ATOM   106  O "O4'" . G   A 1 6 ? 21.411  11.199  2.888   1.00 25.68 ? 6  G   A "O4'" 1 
ATOM   107  C "C3'" . G   A 1 6 ? 22.935  10.969  1.168   1.00 22.03 ? 6  G   A "C3'" 1 
ATOM   108  O "O3'" . G   A 1 6 ? 23.883  11.713  0.466   1.00 23.35 ? 6  G   A "O3'" 1 
ATOM   109  C "C2'" . G   A 1 6 ? 23.592  10.446  2.421   1.00 24.73 ? 6  G   A "C2'" 1 
ATOM   110  O "O2'" . G   A 1 6 ? 24.470  11.405  2.949   1.00 29.85 ? 6  G   A "O2'" 1 
ATOM   111  C "C1'" . G   A 1 6 ? 22.386  10.281  3.334   1.00 26.35 ? 6  G   A "C1'" 1 
ATOM   112  N N9    . G   A 1 6 ? 21.821  8.950   3.188   1.00 25.08 ? 6  G   A N9    1 
ATOM   113  C C8    . G   A 1 6 ? 20.780  8.584   2.375   1.00 26.06 ? 6  G   A C8    1 
ATOM   114  N N7    . G   A 1 6 ? 20.527  7.308   2.416   1.00 26.25 ? 6  G   A N7    1 
ATOM   115  C C5    . G   A 1 6 ? 21.447  6.812   3.317   1.00 22.98 ? 6  G   A C5    1 
ATOM   116  C C6    . G   A 1 6 ? 21.656  5.522   3.744   1.00 23.80 ? 6  G   A C6    1 
ATOM   117  O O6    . G   A 1 6 ? 21.078  4.498   3.372   1.00 22.73 ? 6  G   A O6    1 
ATOM   118  N N1    . G   A 1 6 ? 22.679  5.453   4.691   1.00 27.31 ? 6  G   A N1    1 
ATOM   119  C C2    . G   A 1 6 ? 23.427  6.518   5.124   1.00 25.64 ? 6  G   A C2    1 
ATOM   120  N N2    . G   A 1 6 ? 24.396  6.265   6.021   1.00 24.34 ? 6  G   A N2    1 
ATOM   121  N N3    . G   A 1 6 ? 23.245  7.739   4.704   1.00 25.26 ? 6  G   A N3    1 
ATOM   122  C C4    . G   A 1 6 ? 22.243  7.815   3.811   1.00 23.71 ? 6  G   A C4    1 
ATOM   123  P P     . G   A 1 7 ? 24.856  10.967  -0.542  1.00 20.84 ? 7  G   A P     1 
ATOM   124  O OP1   . G   A 1 7 ? 25.808  11.947  -1.070  1.00 27.12 ? 7  G   A OP1   1 
ATOM   125  O OP2   . G   A 1 7 ? 23.914  10.291  -1.450  1.00 25.26 ? 7  G   A OP2   1 
ATOM   126  O "O5'" . G   A 1 7 ? 25.665  9.956   0.385   1.00 17.29 ? 7  G   A "O5'" 1 
ATOM   127  C "C5'" . G   A 1 7 ? 26.780  10.439  1.127   1.00 11.75 ? 7  G   A "C5'" 1 
ATOM   128  C "C4'" . G   A 1 7 ? 27.493  9.332   1.871   1.00 6.80  ? 7  G   A "C4'" 1 
ATOM   129  O "O4'" . G   A 1 7 ? 26.623  8.692   2.816   1.00 14.87 ? 7  G   A "O4'" 1 
ATOM   130  C "C3'" . G   A 1 7 ? 28.040  8.178   1.091   1.00 9.48  ? 7  G   A "C3'" 1 
ATOM   131  O "O3'" . G   A 1 7 ? 29.274  8.531   0.559   1.00 22.88 ? 7  G   A "O3'" 1 
ATOM   132  C "C2'" . G   A 1 7 ? 28.285  7.164   2.184   1.00 11.12 ? 7  G   A "C2'" 1 
ATOM   133  O "O2'" . G   A 1 7 ? 29.373  7.505   2.975   1.00 13.51 ? 7  G   A "O2'" 1 
ATOM   134  C "C1'" . G   A 1 7 ? 27.037  7.347   3.011   1.00 12.09 ? 7  G   A "C1'" 1 
ATOM   135  N N9    . G   A 1 7 ? 26.020  6.467   2.458   1.00 18.33 ? 7  G   A N9    1 
ATOM   136  C C8    . G   A 1 7 ? 25.044  6.786   1.549   1.00 16.79 ? 7  G   A C8    1 
ATOM   137  N N7    . G   A 1 7 ? 24.318  5.763   1.213   1.00 22.58 ? 7  G   A N7    1 
ATOM   138  C C5    . G   A 1 7 ? 24.843  4.716   1.959   1.00 22.81 ? 7  G   A C5    1 
ATOM   139  C C6    . G   A 1 7 ? 24.464  3.378   2.029   1.00 26.56 ? 7  G   A C6    1 
ATOM   140  O O6    . G   A 1 7 ? 23.552  2.798   1.414   1.00 34.51 ? 7  G   A O6    1 
ATOM   141  N N1    . G   A 1 7 ? 25.257  2.672   2.913   1.00 22.00 ? 7  G   A N1    1 
ATOM   142  C C2    . G   A 1 7 ? 26.292  3.184   3.623   1.00 21.81 ? 7  G   A C2    1 
ATOM   143  N N2    . G   A 1 7 ? 26.989  2.308   4.393   1.00 23.70 ? 7  G   A N2    1 
ATOM   144  N N3    . G   A 1 7 ? 26.641  4.440   3.581   1.00 22.29 ? 7  G   A N3    1 
ATOM   145  C C4    . G   A 1 7 ? 25.883  5.142   2.732   1.00 19.73 ? 7  G   A C4    1 
ATOM   146  P P     . G   A 1 8 ? 29.912  7.629   -0.581  1.00 23.13 ? 8  G   A P     1 
ATOM   147  O OP1   . G   A 1 8 ? 31.255  8.147   -0.951  1.00 29.13 ? 8  G   A OP1   1 
ATOM   148  O OP2   . G   A 1 8 ? 28.856  7.534   -1.617  1.00 22.23 ? 8  G   A OP2   1 
ATOM   149  O "O5'" . G   A 1 8 ? 30.122  6.252   0.175   1.00 17.40 ? 8  G   A "O5'" 1 
ATOM   150  C "C5'" . G   A 1 8 ? 31.222  6.096   1.051   1.00 21.03 ? 8  G   A "C5'" 1 
ATOM   151  C "C4'" . G   A 1 8 ? 31.492  4.635   1.287   1.00 22.17 ? 8  G   A "C4'" 1 
ATOM   152  O "O4'" . G   A 1 8 ? 30.329  4.038   1.934   1.00 27.60 ? 8  G   A "O4'" 1 
ATOM   153  C "C3'" . G   A 1 8 ? 31.684  3.791   0.047   1.00 19.37 ? 8  G   A "C3'" 1 
ATOM   154  O "O3'" . G   A 1 8 ? 32.935  3.888   -0.638  1.00 22.08 ? 8  G   A "O3'" 1 
ATOM   155  C "C2'" . G   A 1 8 ? 31.377  2.418   0.608   1.00 26.30 ? 8  G   A "C2'" 1 
ATOM   156  O "O2'" . G   A 1 8 ? 32.380  2.048   1.522   1.00 32.72 ? 8  G   A "O2'" 1 
ATOM   157  C "C1'" . G   A 1 8 ? 30.124  2.730   1.423   1.00 25.79 ? 8  G   A "C1'" 1 
ATOM   158  N N9    . G   A 1 8 ? 28.900  2.739   0.620   1.00 21.48 ? 8  G   A N9    1 
ATOM   159  C C8    . G   A 1 8 ? 28.375  3.786   -0.089  1.00 12.81 ? 8  G   A C8    1 
ATOM   160  N N7    . G   A 1 8 ? 27.242  3.492   -0.658  1.00 13.87 ? 8  G   A N7    1 
ATOM   161  C C5    . G   A 1 8 ? 27.019  2.165   -0.311  1.00 18.05 ? 8  G   A C5    1 
ATOM   162  C C6    . G   A 1 8 ? 25.942  1.279   -0.623  1.00 20.96 ? 8  G   A C6    1 
ATOM   163  O O6    . G   A 1 8 ? 24.930  1.482   -1.304  1.00 22.95 ? 8  G   A O6    1 
ATOM   164  N N1    . G   A 1 8 ? 26.120  0.042   -0.051  1.00 20.13 ? 8  G   A N1    1 
ATOM   165  C C2    . G   A 1 8 ? 27.172  -0.313  0.706   1.00 23.15 ? 8  G   A C2    1 
ATOM   166  N N2    . G   A 1 8 ? 27.137  -1.550  1.188   1.00 27.94 ? 8  G   A N2    1 
ATOM   167  N N3    . G   A 1 8 ? 28.182  0.473   0.989   1.00 25.05 ? 8  G   A N3    1 
ATOM   168  C C4    . G   A 1 8 ? 28.038  1.691   0.459   1.00 19.95 ? 8  G   A C4    1 
ATOM   169  O "O5'" . C   B 1 1 ? 20.419  -6.808  -0.645  1.00 27.93 ? 9  C   B "O5'" 1 
ATOM   170  C "C5'" . C   B 1 1 ? 20.638  -7.128  0.744   1.00 26.76 ? 9  C   B "C5'" 1 
ATOM   171  C "C4'" . C   B 1 1 ? 22.113  -7.200  1.008   1.00 25.66 ? 9  C   B "C4'" 1 
ATOM   172  O "O4'" . C   B 1 1 ? 22.774  -6.645  -0.153  1.00 27.03 ? 9  C   B "O4'" 1 
ATOM   173  C "C3'" . C   B 1 1 ? 22.625  -6.351  2.158   1.00 28.19 ? 9  C   B "C3'" 1 
ATOM   174  O "O3'" . C   B 1 1 ? 22.521  -7.010  3.431   1.00 30.17 ? 9  C   B "O3'" 1 
ATOM   175  C "C2'" . C   B 1 1 ? 24.066  -6.104  1.731   1.00 24.86 ? 9  C   B "C2'" 1 
ATOM   176  O "O2'" . C   B 1 1 ? 24.831  -7.270  1.858   1.00 17.42 ? 9  C   B "O2'" 1 
ATOM   177  C "C1'" . C   B 1 1 ? 23.883  -5.871  0.244   1.00 20.96 ? 9  C   B "C1'" 1 
ATOM   178  N N1    . C   B 1 1 ? 23.631  -4.496  -0.185  1.00 22.73 ? 9  C   B N1    1 
ATOM   179  C C2    . C   B 1 1 ? 24.565  -3.525  0.088   1.00 19.30 ? 9  C   B C2    1 
ATOM   180  O O2    . C   B 1 1 ? 25.523  -3.818  0.781   1.00 18.98 ? 9  C   B O2    1 
ATOM   181  N N3    . C   B 1 1 ? 24.400  -2.284  -0.413  1.00 21.84 ? 9  C   B N3    1 
ATOM   182  C C4    . C   B 1 1 ? 23.323  -2.003  -1.151  1.00 24.17 ? 9  C   B C4    1 
ATOM   183  N N4    . C   B 1 1 ? 23.211  -0.775  -1.667  1.00 26.49 ? 9  C   B N4    1 
ATOM   184  C C5    . C   B 1 1 ? 22.317  -2.968  -1.399  1.00 26.58 ? 9  C   B C5    1 
ATOM   185  C C6    . C   B 1 1 ? 22.506  -4.194  -0.894  1.00 27.86 ? 9  C   B C6    1 
ATOM   186  P P     . C   B 1 2 ? 21.976  -6.187  4.724   1.00 31.94 ? 10 C   B P     1 
ATOM   187  O OP1   . C   B 1 2 ? 21.804  -7.095  5.862   1.00 34.22 ? 10 C   B OP1   1 
ATOM   188  O OP2   . C   B 1 2 ? 20.824  -5.341  4.298   1.00 28.74 ? 10 C   B OP2   1 
ATOM   189  O "O5'" . C   B 1 2 ? 23.218  -5.272  5.112   1.00 27.27 ? 10 C   B "O5'" 1 
ATOM   190  C "C5'" . C   B 1 2 ? 24.390  -5.869  5.650   1.00 23.11 ? 10 C   B "C5'" 1 
ATOM   191  C "C4'" . C   B 1 2 ? 25.454  -4.835  5.802   1.00 22.13 ? 10 C   B "C4'" 1 
ATOM   192  O "O4'" . C   B 1 2 ? 25.701  -4.253  4.499   1.00 18.86 ? 10 C   B "O4'" 1 
ATOM   193  C "C3'" . C   B 1 2 ? 25.054  -3.636  6.628   1.00 24.59 ? 10 C   B "C3'" 1 
ATOM   194  O "O3'" . C   B 1 2 ? 25.143  -3.901  8.019   1.00 32.00 ? 10 C   B "O3'" 1 
ATOM   195  C "C2'" . C   B 1 2 ? 26.047  -2.601  6.141   1.00 23.52 ? 10 C   B "C2'" 1 
ATOM   196  O "O2'" . C   B 1 2 ? 27.339  -2.888  6.631   1.00 22.66 ? 10 C   B "O2'" 1 
ATOM   197  C "C1'" . C   B 1 2 ? 26.026  -2.886  4.641   1.00 18.84 ? 10 C   B "C1'" 1 
ATOM   198  N N1    . C   B 1 2 ? 25.069  -2.095  3.840   1.00 15.46 ? 10 C   B N1    1 
ATOM   199  C C2    . C   B 1 2 ? 25.407  -0.803  3.516   1.00 18.55 ? 10 C   B C2    1 
ATOM   200  O O2    . C   B 1 2 ? 26.467  -0.332  3.964   1.00 26.79 ? 10 C   B O2    1 
ATOM   201  N N3    . C   B 1 2 ? 24.588  -0.079  2.733   1.00 14.64 ? 10 C   B N3    1 
ATOM   202  C C4    . C   B 1 2 ? 23.453  -0.598  2.291   1.00 9.90  ? 10 C   B C4    1 
ATOM   203  N N4    . C   B 1 2 ? 22.660  0.174   1.540   1.00 12.42 ? 10 C   B N4    1 
ATOM   204  C C5    . C   B 1 2 ? 23.071  -1.910  2.606   1.00 10.05 ? 10 C   B C5    1 
ATOM   205  C C6    . C   B 1 2 ? 23.897  -2.627  3.391   1.00 16.50 ? 10 C   B C6    1 
ATOM   206  P P     . C   B 1 3 ? 23.996  -3.334  9.001   1.00 41.98 ? 11 C   B P     1 
ATOM   207  O OP1   . C   B 1 3 ? 24.132  -3.988  10.330  1.00 42.56 ? 11 C   B OP1   1 
ATOM   208  O OP2   . C   B 1 3 ? 22.667  -3.335  8.320   1.00 39.57 ? 11 C   B OP2   1 
ATOM   209  O "O5'" . C   B 1 3 ? 24.427  -1.811  9.171   1.00 44.27 ? 11 C   B "O5'" 1 
ATOM   210  C "C5'" . C   B 1 3 ? 25.693  -1.487  9.752   1.00 42.20 ? 11 C   B "C5'" 1 
ATOM   211  C "C4'" . C   B 1 3 ? 26.047  -0.053  9.472   1.00 43.83 ? 11 C   B "C4'" 1 
ATOM   212  O "O4'" . C   B 1 3 ? 26.113  0.161   8.034   1.00 43.32 ? 11 C   B "O4'" 1 
ATOM   213  C "C3'" . C   B 1 3 ? 25.048  1.002   9.919   1.00 45.51 ? 11 C   B "C3'" 1 
ATOM   214  O "O3'" . C   B 1 3 ? 25.091  1.225   11.329  1.00 45.24 ? 11 C   B "O3'" 1 
ATOM   215  C "C2'" . C   B 1 3 ? 25.531  2.190   9.094   1.00 43.87 ? 11 C   B "C2'" 1 
ATOM   216  O "O2'" . C   B 1 3 ? 26.729  2.758   9.608   1.00 44.99 ? 11 C   B "O2'" 1 
ATOM   217  C "C1'" . C   B 1 3 ? 25.778  1.487   7.751   1.00 38.63 ? 11 C   B "C1'" 1 
ATOM   218  N N1    . C   B 1 3 ? 24.581  1.491   6.908   1.00 30.88 ? 11 C   B N1    1 
ATOM   219  C C2    . C   B 1 3 ? 24.275  2.680   6.353   1.00 32.73 ? 11 C   B C2    1 
ATOM   220  O O2    . C   B 1 3 ? 25.015  3.653   6.636   1.00 39.48 ? 11 C   B O2    1 
ATOM   221  N N3    . C   B 1 3 ? 23.203  2.804   5.549   1.00 31.02 ? 11 C   B N3    1 
ATOM   222  C C4    . C   B 1 3 ? 22.419  1.757   5.322   1.00 27.69 ? 11 C   B C4    1 
ATOM   223  N N4    . C   B 1 3 ? 21.334  1.936   4.547   1.00 20.75 ? 11 C   B N4    1 
ATOM   224  C C5    . C   B 1 3 ? 22.696  0.483   5.893   1.00 29.40 ? 11 C   B C5    1 
ATOM   225  C C6    . C   B 1 3 ? 23.793  0.384   6.682   1.00 30.63 ? 11 C   B C6    1 
ATOM   226  P P     . I   B 1 4 ? 23.713  1.427   12.148  1.00 43.04 ? 12 I   B P     1 
ATOM   227  O OP1   . I   B 1 4 ? 23.954  0.904   13.510  1.00 40.86 ? 12 I   B OP1   1 
ATOM   228  O OP2   . I   B 1 4 ? 22.558  0.909   11.367  1.00 40.18 ? 12 I   B OP2   1 
ATOM   229  O "O5'" . I   B 1 4 ? 23.573  3.016   12.213  1.00 42.28 ? 12 I   B "O5'" 1 
ATOM   230  C "C5'" . I   B 1 4 ? 24.678  3.835   12.632  1.00 39.46 ? 12 I   B "C5'" 1 
ATOM   231  C "C4'" . I   B 1 4 ? 24.398  5.293   12.340  1.00 36.07 ? 12 I   B "C4'" 1 
ATOM   232  O "O4'" . I   B 1 4 ? 24.658  5.573   10.940  1.00 33.01 ? 12 I   B "O4'" 1 
ATOM   233  C "C3'" . I   B 1 4 ? 22.976  5.786   12.575  1.00 34.17 ? 12 I   B "C3'" 1 
ATOM   234  O "O3'" . I   B 1 4 ? 22.727  6.101   13.950  1.00 36.82 ? 12 I   B "O3'" 1 
ATOM   235  C "C2'" . I   B 1 4 ? 22.934  7.029   11.686  1.00 35.73 ? 12 I   B "C2'" 1 
ATOM   236  O "O2'" . I   B 1 4 ? 23.486  8.194   12.268  1.00 31.43 ? 12 I   B "O2'" 1 
ATOM   237  C "C1'" . I   B 1 4 ? 23.773  6.591   10.481  1.00 30.47 ? 12 I   B "C1'" 1 
ATOM   238  N N9    . I   B 1 4 ? 22.914  6.033   9.440   1.00 26.23 ? 12 I   B N9    1 
ATOM   239  C C8    . I   B 1 4 ? 22.687  4.712   9.203   1.00 22.50 ? 12 I   B C8    1 
ATOM   240  N N7    . I   B 1 4 ? 21.794  4.504   8.284   1.00 24.30 ? 12 I   B N7    1 
ATOM   241  C C5    . I   B 1 4 ? 21.418  5.771   7.869   1.00 21.17 ? 12 I   B C5    1 
ATOM   242  C C6    . I   B 1 4 ? 20.484  6.165   6.916   1.00 21.11 ? 12 I   B C6    1 
ATOM   243  O O6    . I   B 1 4 ? 19.749  5.470   6.236   1.00 27.04 ? 12 I   B O6    1 
ATOM   244  N N1    . I   B 1 4 ? 20.436  7.535   6.787   1.00 20.59 ? 12 I   B N1    1 
ATOM   245  C C2    . I   B 1 4 ? 21.192  8.409   7.492   1.00 17.55 ? 12 I   B C2    1 
ATOM   246  N N3    . I   B 1 4 ? 22.062  8.053   8.403   1.00 22.13 ? 12 I   B N3    1 
ATOM   247  C C4    . I   B 1 4 ? 22.122  6.725   8.543   1.00 21.18 ? 12 I   B C4    1 
ATOM   248  P P     . U   B 1 5 ? 21.259  5.881   14.585  1.00 38.40 ? 13 U   B P     1 
ATOM   249  O OP1   . U   B 1 5 ? 21.379  5.941   16.061  1.00 44.97 ? 13 U   B OP1   1 
ATOM   250  O OP2   . U   B 1 5 ? 20.659  4.687   13.970  1.00 40.99 ? 13 U   B OP2   1 
ATOM   251  O "O5'" . U   B 1 5 ? 20.409  7.142   14.099  1.00 37.21 ? 13 U   B "O5'" 1 
ATOM   252  C "C5'" . U   B 1 5 ? 21.012  8.449   13.942  1.00 31.74 ? 13 U   B "C5'" 1 
ATOM   253  C "C4'" . U   B 1 5 ? 20.056  9.376   13.226  1.00 28.48 ? 13 U   B "C4'" 1 
ATOM   254  O "O4'" . U   B 1 5 ? 20.248  9.348   11.781  1.00 34.10 ? 13 U   B "O4'" 1 
ATOM   255  C "C3'" . U   B 1 5 ? 18.610  8.993   13.398  1.00 30.88 ? 13 U   B "C3'" 1 
ATOM   256  O "O3'" . U   B 1 5 ? 18.074  9.473   14.601  1.00 31.11 ? 13 U   B "O3'" 1 
ATOM   257  C "C2'" . U   B 1 5 ? 17.958  9.672   12.215  1.00 32.57 ? 13 U   B "C2'" 1 
ATOM   258  O "O2'" . U   B 1 5 ? 17.834  11.043  12.460  1.00 41.01 ? 13 U   B "O2'" 1 
ATOM   259  C "C1'" . U   B 1 5 ? 18.974  9.417   11.098  1.00 34.67 ? 13 U   B "C1'" 1 
ATOM   260  N N1    . U   B 1 5 ? 18.766  8.083   10.513  1.00 35.96 ? 13 U   B N1    1 
ATOM   261  C C2    . U   B 1 5 ? 18.012  7.806   9.328   1.00 38.79 ? 13 U   B C2    1 
ATOM   262  O O2    . U   B 1 5 ? 17.449  8.651   8.633   1.00 37.28 ? 13 U   B O2    1 
ATOM   263  N N3    . U   B 1 5 ? 17.970  6.450   9.023   1.00 39.51 ? 13 U   B N3    1 
ATOM   264  C C4    . U   B 1 5 ? 18.572  5.411   9.734   1.00 43.52 ? 13 U   B C4    1 
ATOM   265  O O4    . U   B 1 5 ? 18.425  4.237   9.361   1.00 46.12 ? 13 U   B O4    1 
ATOM   266  C C5    . U   B 1 5 ? 19.299  5.823   10.884  1.00 41.66 ? 13 U   B C5    1 
ATOM   267  C C6    . U   B 1 5 ? 19.356  7.099   11.205  1.00 39.85 ? 13 U   B C6    1 
ATOM   268  P P     . G   B 1 6 ? 16.670  8.910   15.099  1.00 33.02 ? 14 G   B P     1 
ATOM   269  O OP1   . G   B 1 6 ? 16.280  9.636   16.300  1.00 35.56 ? 14 G   B OP1   1 
ATOM   270  O OP2   . G   B 1 6 ? 16.791  7.439   15.137  1.00 36.71 ? 14 G   B OP2   1 
ATOM   271  O "O5'" . G   B 1 6 ? 15.664  9.351   13.962  1.00 26.19 ? 14 G   B "O5'" 1 
ATOM   272  C "C5'" . G   B 1 6 ? 15.063  10.627  14.044  1.00 23.04 ? 14 G   B "C5'" 1 
ATOM   273  C "C4'" . G   B 1 6 ? 14.013  10.773  13.000  1.00 21.38 ? 14 G   B "C4'" 1 
ATOM   274  O "O4'" . G   B 1 6 ? 14.576  10.341  11.740  1.00 24.30 ? 14 G   B "O4'" 1 
ATOM   275  C "C3'" . G   B 1 6 ? 12.837  9.850   13.136  1.00 26.52 ? 14 G   B "C3'" 1 
ATOM   276  O "O3'" . G   B 1 6 ? 11.917  10.259  14.120  1.00 30.30 ? 14 G   B "O3'" 1 
ATOM   277  C "C2'" . G   B 1 6 ? 12.266  9.885   11.724  1.00 26.47 ? 14 G   B "C2'" 1 
ATOM   278  O "O2'" . G   B 1 6 ? 11.508  11.037  11.382  1.00 19.74 ? 14 G   B "O2'" 1 
ATOM   279  C "C1'" . G   B 1 6 ? 13.555  9.805   10.918  1.00 21.23 ? 14 G   B "C1'" 1 
ATOM   280  N N9    . G   B 1 6 ? 13.871  8.408   10.669  1.00 23.29 ? 14 G   B N9    1 
ATOM   281  C C8    . G   B 1 6 ? 14.744  7.615   11.372  1.00 24.63 ? 14 G   B C8    1 
ATOM   282  N N7    . G   B 1 6 ? 14.794  6.389   10.920  1.00 25.57 ? 14 G   B N7    1 
ATOM   283  C C5    . G   B 1 6 ? 13.902  6.381   9.853   1.00 23.26 ? 14 G   B C5    1 
ATOM   284  C C6    . G   B 1 6 ? 13.531  5.341   9.001   1.00 20.78 ? 14 G   B C6    1 
ATOM   285  O O6    . G   B 1 6 ? 13.922  4.166   9.016   1.00 22.08 ? 14 G   B O6    1 
ATOM   286  N N1    . G   B 1 6 ? 12.601  5.762   8.051   1.00 16.78 ? 14 G   B N1    1 
ATOM   287  C C2    . G   B 1 6 ? 12.092  7.032   7.948   1.00 21.69 ? 14 G   B C2    1 
ATOM   288  N N2    . G   B 1 6 ? 11.188  7.263   6.947   1.00 20.06 ? 14 G   B N2    1 
ATOM   289  N N3    . G   B 1 6 ? 12.430  8.012   8.759   1.00 21.22 ? 14 G   B N3    1 
ATOM   290  C C4    . G   B 1 6 ? 13.332  7.618   9.679   1.00 21.79 ? 14 G   B C4    1 
ATOM   291  P P     . G   B 1 7 ? 10.847  9.200   14.679  1.00 30.78 ? 15 G   B P     1 
ATOM   292  O OP1   . G   B 1 7 ? 9.877   9.895   15.559  1.00 38.22 ? 15 G   B OP1   1 
ATOM   293  O OP2   . G   B 1 7 ? 11.618  8.048   15.192  1.00 32.64 ? 15 G   B OP2   1 
ATOM   294  O "O5'" . G   B 1 7 ? 10.064  8.738   13.385  1.00 28.21 ? 15 G   B "O5'" 1 
ATOM   295  C "C5'" . G   B 1 7 ? 9.087   9.580   12.810  1.00 31.31 ? 15 G   B "C5'" 1 
ATOM   296  C "C4'" . G   B 1 7 ? 8.353   8.833   11.737  1.00 39.57 ? 15 G   B "C4'" 1 
ATOM   297  O "O4'" . G   B 1 7 ? 9.339   8.245   10.864  1.00 40.08 ? 15 G   B "O4'" 1 
ATOM   298  C "C3'" . G   B 1 7 ? 7.545   7.616   12.169  1.00 45.76 ? 15 G   B "C3'" 1 
ATOM   299  O "O3'" . G   B 1 7 ? 6.268   7.979   12.664  1.00 56.52 ? 15 G   B "O3'" 1 
ATOM   300  C "C2'" . G   B 1 7 ? 7.411   6.895   10.842  1.00 42.32 ? 15 G   B "C2'" 1 
ATOM   301  O "O2'" . G   B 1 7 ? 6.514   7.601   9.999   1.00 37.45 ? 15 G   B "O2'" 1 
ATOM   302  C "C1'" . G   B 1 7 ? 8.843   7.058   10.333  1.00 36.63 ? 15 G   B "C1'" 1 
ATOM   303  N N9    . G   B 1 7 ? 9.746   5.995   10.746  1.00 31.00 ? 15 G   B N9    1 
ATOM   304  C C8    . G   B 1 7 ? 10.790  5.969   11.667  1.00 29.85 ? 15 G   B C8    1 
ATOM   305  N N7    . G   B 1 7 ? 11.395  4.803   11.672  1.00 27.55 ? 15 G   B N7    1 
ATOM   306  C C5    . G   B 1 7 ? 10.687  4.063   10.738  1.00 28.42 ? 15 G   B C5    1 
ATOM   307  C C6    . G   B 1 7 ? 10.859  2.711   10.276  1.00 27.39 ? 15 G   B C6    1 
ATOM   308  O O6    . G   B 1 7 ? 11.679  1.857   10.645  1.00 27.12 ? 15 G   B O6    1 
ATOM   309  N N1    . G   B 1 7 ? 9.944   2.392   9.284   1.00 31.63 ? 15 G   B N1    1 
ATOM   310  C C2    . G   B 1 7 ? 8.979   3.250   8.798   1.00 33.36 ? 15 G   B C2    1 
ATOM   311  N N2    . G   B 1 7 ? 8.201   2.787   7.801   1.00 37.14 ? 15 G   B N2    1 
ATOM   312  N N3    . G   B 1 7 ? 8.795   4.476   9.242   1.00 31.45 ? 15 G   B N3    1 
ATOM   313  C C4    . G   B 1 7 ? 9.675   4.805   10.187  1.00 29.21 ? 15 G   B C4    1 
ATOM   314  P P     . G   B 1 8 ? 5.603   7.116   13.844  1.00 58.02 ? 16 G   B P     1 
ATOM   315  O OP1   . G   B 1 8 ? 4.403   7.884   14.306  1.00 59.66 ? 16 G   B OP1   1 
ATOM   316  O OP2   . G   B 1 8 ? 6.674   6.734   14.824  1.00 59.33 ? 16 G   B OP2   1 
ATOM   317  O "O5'" . G   B 1 8 ? 5.103   5.787   13.130  1.00 57.60 ? 16 G   B "O5'" 1 
ATOM   318  C "C5'" . G   B 1 8 ? 4.021   5.827   12.179  1.00 53.18 ? 16 G   B "C5'" 1 
ATOM   319  C "C4'" . G   B 1 8 ? 3.949   4.524   11.421  1.00 50.17 ? 16 G   B "C4'" 1 
ATOM   320  O "O4'" . G   B 1 8 ? 5.264   4.235   10.886  1.00 44.73 ? 16 G   B "O4'" 1 
ATOM   321  C "C3'" . G   B 1 8 ? 3.645   3.273   12.226  1.00 50.38 ? 16 G   B "C3'" 1 
ATOM   322  O "O3'" . G   B 1 8 ? 2.289   3.170   12.702  1.00 53.67 ? 16 G   B "O3'" 1 
ATOM   323  C "C2'" . G   B 1 8 ? 4.153   2.179   11.288  1.00 49.39 ? 16 G   B "C2'" 1 
ATOM   324  O "O2'" . G   B 1 8 ? 3.295   1.877   10.197  1.00 52.42 ? 16 G   B "O2'" 1 
ATOM   325  C "C1'" . G   B 1 8 ? 5.416   2.837   10.734  1.00 42.58 ? 16 G   B "C1'" 1 
ATOM   326  N N9    . G   B 1 8 ? 6.630   2.428   11.425  1.00 33.78 ? 16 G   B N9    1 
ATOM   327  C C8    . G   B 1 8 ? 7.312   3.125   12.395  1.00 33.80 ? 16 G   B C8    1 
ATOM   328  N N7    . G   B 1 8 ? 8.359   2.482   12.839  1.00 34.98 ? 16 G   B N7    1 
ATOM   329  C C5    . G   B 1 8 ? 8.374   1.294   12.108  1.00 30.39 ? 16 G   B C5    1 
ATOM   330  C C6    . G   B 1 8 ? 9.284   0.188   12.144  1.00 29.91 ? 16 G   B C6    1 
ATOM   331  O O6    . G   B 1 8 ? 10.304  0.044   12.824  1.00 27.89 ? 16 G   B O6    1 
ATOM   332  N N1    . G   B 1 8 ? 8.908   -0.813  11.261  1.00 30.01 ? 16 G   B N1    1 
ATOM   333  C C2    . G   B 1 8 ? 7.816   -0.767  10.443  1.00 32.66 ? 16 G   B C2    1 
ATOM   334  N N2    . G   B 1 8 ? 7.610   -1.869  9.708   1.00 34.03 ? 16 G   B N2    1 
ATOM   335  N N3    . G   B 1 8 ? 6.983   0.265   10.365  1.00 31.89 ? 16 G   B N3    1 
ATOM   336  C C4    . G   B 1 8 ? 7.316   1.247   11.232  1.00 31.43 ? 16 G   B C4    1 
ATOM   337  O "O5'" . C   C 1 1 ? -1.089  13.858  2.076   1.00 36.70 ? 17 C   C "O5'" 1 
ATOM   338  C "C5'" . C   C 1 1 ? -0.249  12.779  1.630   1.00 31.53 ? 17 C   C "C5'" 1 
ATOM   339  C "C4'" . C   C 1 1 ? 0.133   11.793  2.707   1.00 27.19 ? 17 C   C "C4'" 1 
ATOM   340  O "O4'" . C   C 1 1 ? -0.981  11.621  3.623   1.00 32.97 ? 17 C   C "O4'" 1 
ATOM   341  C "C3'" . C   C 1 1 ? 0.404   10.392  2.188   1.00 28.58 ? 17 C   C "C3'" 1 
ATOM   342  O "O3'" . C   C 1 1 ? 1.754   10.206  1.842   1.00 30.86 ? 17 C   C "O3'" 1 
ATOM   343  C "C2'" . C   C 1 1 ? 0.038   9.521   3.366   1.00 28.52 ? 17 C   C "C2'" 1 
ATOM   344  O "O2'" . C   C 1 1 ? 1.048   9.473   4.344   1.00 29.46 ? 17 C   C "O2'" 1 
ATOM   345  C "C1'" . C   C 1 1 ? -1.199  10.214  3.844   1.00 28.58 ? 17 C   C "C1'" 1 
ATOM   346  N N1    . C   C 1 1 ? -2.370  9.820   3.060   1.00 25.19 ? 17 C   C N1    1 
ATOM   347  C C2    . C   C 1 1 ? -2.896  8.490   3.099   1.00 22.93 ? 17 C   C C2    1 
ATOM   348  O O2    . C   C 1 1 ? -2.232  7.562   3.551   1.00 25.76 ? 17 C   C O2    1 
ATOM   349  N N3    . C   C 1 1 ? -4.145  8.297   2.604   1.00 22.27 ? 17 C   C N3    1 
ATOM   350  C C4    . C   C 1 1 ? -4.809  9.319   2.054   1.00 24.29 ? 17 C   C C4    1 
ATOM   351  N N4    . C   C 1 1 ? -6.032  9.098   1.570   1.00 24.39 ? 17 C   C N4    1 
ATOM   352  C C5    . C   C 1 1 ? -4.229  10.601  1.921   1.00 29.22 ? 17 C   C C5    1 
ATOM   353  C C6    . C   C 1 1 ? -3.006  10.781  2.393   1.00 25.06 ? 17 C   C C6    1 
ATOM   354  P P     . C   C 1 2 ? 2.126   9.503   0.453   1.00 32.29 ? 18 C   C P     1 
ATOM   355  O OP1   . C   C 1 2 ? 3.597   9.560   0.326   1.00 32.20 ? 18 C   C OP1   1 
ATOM   356  O OP2   . C   C 1 2 ? 1.244   10.115  -0.606  1.00 26.67 ? 18 C   C OP2   1 
ATOM   357  O "O5'" . C   C 1 2 ? 1.755   7.982   0.696   1.00 30.88 ? 18 C   C "O5'" 1 
ATOM   358  C "C5'" . C   C 1 2 ? 2.500   7.210   1.632   1.00 31.96 ? 18 C   C "C5'" 1 
ATOM   359  C "C4'" . C   C 1 2 ? 1.902   5.831   1.752   1.00 34.38 ? 18 C   C "C4'" 1 
ATOM   360  O "O4'" . C   C 1 2 ? 0.574   5.942   2.309   1.00 30.83 ? 18 C   C "O4'" 1 
ATOM   361  C "C3'" . C   C 1 2 ? 1.687   5.094   0.438   1.00 33.03 ? 18 C   C "C3'" 1 
ATOM   362  O "O3'" . C   C 1 2 ? 2.880   4.467   -0.017  1.00 37.00 ? 18 C   C "O3'" 1 
ATOM   363  C "C2'" . C   C 1 2 ? 0.610   4.106   0.836   1.00 28.98 ? 18 C   C "C2'" 1 
ATOM   364  O "O2'" . C   C 1 2 ? 1.148   3.049   1.618   1.00 23.53 ? 18 C   C "O2'" 1 
ATOM   365  C "C1'" . C   C 1 2 ? -0.255  5.025   1.706   1.00 27.32 ? 18 C   C "C1'" 1 
ATOM   366  N N1    . C   C 1 2 ? -1.319  5.754   1.007   1.00 25.31 ? 18 C   C N1    1 
ATOM   367  C C2    . C   C 1 2 ? -2.326  4.983   0.660   1.00 27.47 ? 18 C   C C2    1 
ATOM   368  O O2    . C   C 1 2 ? -2.220  3.771   0.947   1.00 35.59 ? 18 C   C O2    1 
ATOM   369  N N3    . C   C 1 2 ? -3.400  5.477   0.045   1.00 26.00 ? 18 C   C N3    1 
ATOM   370  C C4    . C   C 1 2 ? -3.475  6.769   -0.222  1.00 24.04 ? 18 C   C C4    1 
ATOM   371  N N4    . C   C 1 2 ? -4.574  7.220   -0.830  1.00 23.27 ? 18 C   C N4    1 
ATOM   372  C C5    . C   C 1 2 ? -2.429  7.662   0.121   1.00 28.15 ? 18 C   C C5    1 
ATOM   373  C C6    . C   C 1 2 ? -1.337  7.120   0.734   1.00 25.81 ? 18 C   C C6    1 
ATOM   374  P P     . C   C 1 3 ? 3.158   4.348   -1.596  1.00 40.37 ? 19 C   C P     1 
ATOM   375  O OP1   . C   C 1 3 ? 4.572   3.894   -1.780  1.00 44.92 ? 19 C   C OP1   1 
ATOM   376  O OP2   . C   C 1 3 ? 2.700   5.625   -2.248  1.00 44.12 ? 19 C   C OP2   1 
ATOM   377  O "O5'" . C   C 1 3 ? 2.186   3.156   -2.006  1.00 41.97 ? 19 C   C "O5'" 1 
ATOM   378  C "C5'" . C   C 1 3 ? 2.107   1.968   -1.174  1.00 40.98 ? 19 C   C "C5'" 1 
ATOM   379  C "C4'" . C   C 1 3 ? 1.068   0.996   -1.707  1.00 39.44 ? 19 C   C "C4'" 1 
ATOM   380  O "O4'" . C   C 1 3 ? -0.264  1.310   -1.246  1.00 37.19 ? 19 C   C "O4'" 1 
ATOM   381  C "C3'" . C   C 1 3 ? 0.947   0.889   -3.219  1.00 36.49 ? 19 C   C "C3'" 1 
ATOM   382  O "O3'" . C   C 1 3 ? 1.937   -0.002  -3.690  1.00 36.76 ? 19 C   C "O3'" 1 
ATOM   383  C "C2'" . C   C 1 3 ? -0.436  0.292   -3.369  1.00 33.53 ? 19 C   C "C2'" 1 
ATOM   384  O "O2'" . C   C 1 3 ? -0.459  -1.086  -3.057  1.00 35.69 ? 19 C   C "O2'" 1 
ATOM   385  C "C1'" . C   C 1 3 ? -1.169  1.059   -2.283  1.00 31.44 ? 19 C   C "C1'" 1 
ATOM   386  N N1    . C   C 1 3 ? -1.611  2.347   -2.766  1.00 26.10 ? 19 C   C N1    1 
ATOM   387  C C2    . C   C 1 3 ? -2.807  2.372   -3.393  1.00 31.14 ? 19 C   C C2    1 
ATOM   388  O O2    . C   C 1 3 ? -3.358  1.291   -3.642  1.00 39.66 ? 19 C   C O2    1 
ATOM   389  N N3    . C   C 1 3 ? -3.366  3.550   -3.713  1.00 28.74 ? 19 C   C N3    1 
ATOM   390  C C4    . C   C 1 3 ? -2.755  4.676   -3.383  1.00 27.17 ? 19 C   C C4    1 
ATOM   391  N N4    . C   C 1 3 ? -3.386  5.815   -3.638  1.00 34.61 ? 19 C   C N4    1 
ATOM   392  C C5    . C   C 1 3 ? -1.466  4.682   -2.792  1.00 25.76 ? 19 C   C C5    1 
ATOM   393  C C6    . C   C 1 3 ? -0.911  3.498   -2.526  1.00 22.65 ? 19 C   C C6    1 
ATOM   394  P P     . I   C 1 4 ? 2.433   0.081   -5.218  1.00 39.82 ? 20 I   C P     1 
ATOM   395  O OP1   . I   C 1 4 ? 3.423   -1.052  -5.306  1.00 39.26 ? 20 I   C OP1   1 
ATOM   396  O OP2   . I   C 1 4 ? 2.844   1.460   -5.616  1.00 36.87 ? 20 I   C OP2   1 
ATOM   397  O "O5'" . I   C 1 4 ? 1.107   -0.231  -6.056  1.00 39.02 ? 20 I   C "O5'" 1 
ATOM   398  C "C5'" . I   C 1 4 ? 0.767   0.548   -7.226  1.00 29.39 ? 20 I   C "C5'" 1 
ATOM   399  C "C4'" . I   C 1 4 ? -0.543  0.076   -7.792  1.00 23.15 ? 20 I   C "C4'" 1 
ATOM   400  O "O4'" . I   C 1 4 ? -1.627  0.538   -6.946  1.00 25.04 ? 20 I   C "O4'" 1 
ATOM   401  C "C3'" . I   C 1 4 ? -0.904  0.609   -9.158  1.00 24.23 ? 20 I   C "C3'" 1 
ATOM   402  O "O3'" . I   C 1 4 ? -0.346  -0.239  -10.137 1.00 26.28 ? 20 I   C "O3'" 1 
ATOM   403  C "C2'" . I   C 1 4 ? -2.407  0.426   -9.166  1.00 24.44 ? 20 I   C "C2'" 1 
ATOM   404  O "O2'" . I   C 1 4 ? -2.682  -0.930  -9.275  1.00 27.01 ? 20 I   C "O2'" 1 
ATOM   405  C "C1'" . I   C 1 4 ? -2.768  0.806   -7.741  1.00 21.29 ? 20 I   C "C1'" 1 
ATOM   406  N N9    . I   C 1 4 ? -3.065  2.221   -7.635  1.00 18.44 ? 20 I   C N9    1 
ATOM   407  C C8    . I   C 1 4 ? -2.299  3.184   -7.048  1.00 15.49 ? 20 I   C C8    1 
ATOM   408  N N7    . I   C 1 4 ? -2.842  4.363   -7.101  1.00 19.70 ? 20 I   C N7    1 
ATOM   409  C C5    . I   C 1 4 ? -4.036  4.161   -7.768  1.00 19.06 ? 20 I   C C5    1 
ATOM   410  C C6    . I   C 1 4 ? -5.075  5.082   -8.129  1.00 24.83 ? 20 I   C C6    1 
ATOM   411  O O6    . I   C 1 4 ? -5.148  6.311   -7.927  1.00 28.67 ? 20 I   C O6    1 
ATOM   412  N N1    . I   C 1 4 ? -6.111  4.440   -8.790  1.00 26.65 ? 20 I   C N1    1 
ATOM   413  C C2    . I   C 1 4 ? -6.148  3.096   -9.063  1.00 27.49 ? 20 I   C C2    1 
ATOM   414  N N3    . I   C 1 4 ? -5.192  2.240   -8.732  1.00 20.78 ? 20 I   C N3    1 
ATOM   415  C C4    . I   C 1 4 ? -4.181  2.839   -8.100  1.00 18.98 ? 20 I   C C4    1 
ATOM   416  P P     . U   C 1 5 ? 0.182   0.379   -11.518 1.00 27.67 ? 21 U   C P     1 
ATOM   417  O OP1   . U   C 1 5 ? 0.758   -0.713  -12.340 1.00 29.90 ? 21 U   C OP1   1 
ATOM   418  O OP2   . U   C 1 5 ? 1.000   1.582   -11.198 1.00 34.75 ? 21 U   C OP2   1 
ATOM   419  O "O5'" . U   C 1 5 ? -1.131  0.906   -12.233 1.00 31.63 ? 21 U   C "O5'" 1 
ATOM   420  C "C5'" . U   C 1 5 ? -2.206  0.031   -12.487 1.00 32.62 ? 21 U   C "C5'" 1 
ATOM   421  C "C4'" . U   C 1 5 ? -3.415  0.824   -12.841 1.00 31.70 ? 21 U   C "C4'" 1 
ATOM   422  O "O4'" . U   C 1 5 ? -3.755  1.691   -11.722 1.00 29.28 ? 21 U   C "O4'" 1 
ATOM   423  C "C3'" . U   C 1 5 ? -3.214  1.817   -13.955 1.00 33.25 ? 21 U   C "C3'" 1 
ATOM   424  O "O3'" . U   C 1 5 ? -3.238  1.165   -15.220 1.00 33.00 ? 21 U   C "O3'" 1 
ATOM   425  C "C2'" . U   C 1 5 ? -4.388  2.780   -13.735 1.00 37.80 ? 21 U   C "C2'" 1 
ATOM   426  O "O2'" . U   C 1 5 ? -5.659  2.339   -14.168 1.00 43.76 ? 21 U   C "O2'" 1 
ATOM   427  C "C1'" . U   C 1 5 ? -4.482  2.857   -12.228 1.00 35.18 ? 21 U   C "C1'" 1 
ATOM   428  N N1    . U   C 1 5 ? -3.920  4.095   -11.656 1.00 38.37 ? 21 U   C N1    1 
ATOM   429  C C2    . U   C 1 5 ? -4.582  5.374   -11.658 1.00 43.12 ? 21 U   C C2    1 
ATOM   430  O O2    . U   C 1 5 ? -5.638  5.625   -12.201 1.00 51.60 ? 21 U   C O2    1 
ATOM   431  N N3    . U   C 1 5 ? -3.866  6.346   -10.970 1.00 45.63 ? 21 U   C N3    1 
ATOM   432  C C4    . U   C 1 5 ? -2.636  6.186   -10.338 1.00 43.51 ? 21 U   C C4    1 
ATOM   433  O O4    . U   C 1 5 ? -2.124  7.137   -9.740  1.00 42.13 ? 21 U   C O4    1 
ATOM   434  C C5    . U   C 1 5 ? -2.085  4.882   -10.458 1.00 43.32 ? 21 U   C C5    1 
ATOM   435  C C6    . U   C 1 5 ? -2.752  3.941   -11.102 1.00 43.02 ? 21 U   C C6    1 
ATOM   436  P P     . G   C 1 6 ? -2.548  1.873   -16.489 1.00 34.01 ? 22 G   C P     1 
ATOM   437  O OP1   . G   C 1 6 ? -2.342  0.909   -17.595 1.00 34.63 ? 22 G   C OP1   1 
ATOM   438  O OP2   . G   C 1 6 ? -1.400  2.633   -15.948 1.00 40.24 ? 22 G   C OP2   1 
ATOM   439  O "O5'" . G   C 1 6 ? -3.626  2.922   -16.962 1.00 28.31 ? 22 G   C "O5'" 1 
ATOM   440  C "C5'" . G   C 1 6 ? -4.727  2.493   -17.728 1.00 29.46 ? 22 G   C "C5'" 1 
ATOM   441  C "C4'" . G   C 1 6 ? -5.597  3.659   -18.082 1.00 27.75 ? 22 G   C "C4'" 1 
ATOM   442  O "O4'" . G   C 1 6 ? -6.116  4.224   -16.857 1.00 27.62 ? 22 G   C "O4'" 1 
ATOM   443  C "C3'" . G   C 1 6 ? -4.907  4.819   -18.765 1.00 24.74 ? 22 G   C "C3'" 1 
ATOM   444  O "O3'" . G   C 1 6 ? -4.859  4.572   -20.147 1.00 26.72 ? 22 G   C "O3'" 1 
ATOM   445  C "C2'" . G   C 1 6 ? -5.900  5.919   -18.487 1.00 24.86 ? 22 G   C "C2'" 1 
ATOM   446  O "O2'" . G   C 1 6 ? -7.039  5.709   -19.292 1.00 25.39 ? 22 G   C "O2'" 1 
ATOM   447  C "C1'" . G   C 1 6 ? -6.259  5.624   -17.026 1.00 26.29 ? 22 G   C "C1'" 1 
ATOM   448  N N9    . G   C 1 6 ? -5.388  6.302   -16.066 1.00 22.13 ? 22 G   C N9    1 
ATOM   449  C C8    . G   C 1 6 ? -4.335  5.773   -15.370 1.00 20.63 ? 22 G   C C8    1 
ATOM   450  N N7    . G   C 1 6 ? -3.705  6.652   -14.648 1.00 20.66 ? 22 G   C N7    1 
ATOM   451  C C5    . G   C 1 6 ? -4.398  7.827   -14.874 1.00 21.73 ? 22 G   C C5    1 
ATOM   452  C C6    . G   C 1 6 ? -4.174  9.099   -14.386 1.00 24.60 ? 22 G   C C6    1 
ATOM   453  O O6    . G   C 1 6 ? -3.274  9.481   -13.643 1.00 29.84 ? 22 G   C O6    1 
ATOM   454  N N1    . G   C 1 6 ? -5.120  9.998   -14.847 1.00 26.05 ? 22 G   C N1    1 
ATOM   455  C C2    . G   C 1 6 ? -6.158  9.693   -15.682 1.00 26.48 ? 22 G   C C2    1 
ATOM   456  N N2    . G   C 1 6 ? -6.992  10.696  -16.016 1.00 27.81 ? 22 G   C N2    1 
ATOM   457  N N3    . G   C 1 6 ? -6.369  8.495   -16.157 1.00 28.06 ? 22 G   C N3    1 
ATOM   458  C C4    . G   C 1 6 ? -5.455  7.616   -15.720 1.00 22.72 ? 22 G   C C4    1 
ATOM   459  P P     . G   C 1 7 ? -3.801  5.344   -21.061 1.00 27.49 ? 23 G   C P     1 
ATOM   460  O OP1   . G   C 1 7 ? -4.033  4.891   -22.453 1.00 30.41 ? 23 G   C OP1   1 
ATOM   461  O OP2   . G   C 1 7 ? -2.450  5.225   -20.464 1.00 27.21 ? 23 G   C OP2   1 
ATOM   462  O "O5'" . G   C 1 7 ? -4.258  6.856   -20.972 1.00 30.43 ? 23 G   C "O5'" 1 
ATOM   463  C "C5'" . G   C 1 7 ? -5.354  7.293   -21.748 1.00 32.10 ? 23 G   C "C5'" 1 
ATOM   464  C "C4'" . G   C 1 7 ? -5.602  8.760   -21.514 1.00 34.54 ? 23 G   C "C4'" 1 
ATOM   465  O "O4'" . G   C 1 7 ? -5.858  8.979   -20.107 1.00 35.61 ? 23 G   C "O4'" 1 
ATOM   466  C "C3'" . G   C 1 7 ? -4.469  9.729   -21.794 1.00 30.10 ? 23 G   C "C3'" 1 
ATOM   467  O "O3'" . G   C 1 7 ? -4.361  10.023  -23.169 1.00 29.09 ? 23 G   C "O3'" 1 
ATOM   468  C "C2'" . G   C 1 7 ? -4.978  10.946  -21.053 1.00 30.83 ? 23 G   C "C2'" 1 
ATOM   469  O "O2'" . G   C 1 7 ? -6.053  11.555  -21.759 1.00 35.36 ? 23 G   C "O2'" 1 
ATOM   470  C "C1'" . G   C 1 7 ? -5.436  10.269  -19.761 1.00 31.97 ? 23 G   C "C1'" 1 
ATOM   471  N N9    . G   C 1 7 ? -4.318  10.113  -18.843 1.00 26.87 ? 23 G   C N9    1 
ATOM   472  C C8    . G   C 1 7 ? -3.498  9.020   -18.598 1.00 26.77 ? 23 G   C C8    1 
ATOM   473  N N7    . G   C 1 7 ? -2.593  9.290   -17.680 1.00 28.46 ? 23 G   C N7    1 
ATOM   474  C C5    . G   C 1 7 ? -2.840  10.610  -17.346 1.00 26.90 ? 23 G   C C5    1 
ATOM   475  C C6    . G   C 1 7 ? -2.164  11.482  -16.429 1.00 23.35 ? 23 G   C C6    1 
ATOM   476  O O6    . G   C 1 7 ? -1.187  11.227  -15.705 1.00 20.01 ? 23 G   C O6    1 
ATOM   477  N N1    . G   C 1 7 ? -2.731  12.749  -16.416 1.00 19.66 ? 23 G   C N1    1 
ATOM   478  C C2    . G   C 1 7 ? -3.810  13.129  -17.178 1.00 25.90 ? 23 G   C C2    1 
ATOM   479  N N2    . G   C 1 7 ? -4.227  14.397  -17.041 1.00 25.80 ? 23 G   C N2    1 
ATOM   480  N N3    . G   C 1 7 ? -4.440  12.326  -18.023 1.00 27.08 ? 23 G   C N3    1 
ATOM   481  C C4    . G   C 1 7 ? -3.902  11.110  -18.058 1.00 24.67 ? 23 G   C C4    1 
ATOM   482  P P     . G   C 1 8 ? -2.986  10.603  -23.736 1.00 29.25 ? 24 G   C P     1 
ATOM   483  O OP1   . G   C 1 8 ? -3.222  11.047  -25.134 1.00 31.45 ? 24 G   C OP1   1 
ATOM   484  O OP2   . G   C 1 8 ? -1.901  9.659   -23.431 1.00 21.17 ? 24 G   C OP2   1 
ATOM   485  O "O5'" . G   C 1 8 ? -2.702  11.892  -22.834 1.00 31.42 ? 24 G   C "O5'" 1 
ATOM   486  C "C5'" . G   C 1 8 ? -3.551  13.059  -22.909 1.00 27.77 ? 24 G   C "C5'" 1 
ATOM   487  C "C4'" . G   C 1 8 ? -2.934  14.233  -22.159 1.00 26.51 ? 24 G   C "C4'" 1 
ATOM   488  O "O4'" . G   C 1 8 ? -2.905  13.999  -20.737 1.00 25.38 ? 24 G   C "O4'" 1 
ATOM   489  C "C3'" . G   C 1 8 ? -1.503  14.609  -22.492 1.00 25.31 ? 24 G   C "C3'" 1 
ATOM   490  O "O3'" . G   C 1 8 ? -1.469  15.353  -23.712 1.00 25.64 ? 24 G   C "O3'" 1 
ATOM   491  C "C2'" . G   C 1 8 ? -1.133  15.453  -21.284 1.00 24.16 ? 24 G   C "C2'" 1 
ATOM   492  O "O2'" . G   C 1 8 ? -1.664  16.760  -21.381 1.00 27.24 ? 24 G   C "O2'" 1 
ATOM   493  C "C1'" . G   C 1 8 ? -1.847  14.681  -20.175 1.00 20.30 ? 24 G   C "C1'" 1 
ATOM   494  N N9    . G   C 1 8 ? -1.008  13.664  -19.591 1.00 22.73 ? 24 G   C N9    1 
ATOM   495  C C8    . G   C 1 8 ? -0.883  12.307  -19.894 1.00 28.06 ? 24 G   C C8    1 
ATOM   496  N N7    . G   C 1 8 ? -0.002  11.710  -19.109 1.00 30.58 ? 24 G   C N7    1 
ATOM   497  C C5    . G   C 1 8 ? 0.438   12.729  -18.280 1.00 30.44 ? 24 G   C C5    1 
ATOM   498  C C6    . G   C 1 8 ? 1.409   12.724  -17.212 1.00 32.21 ? 24 G   C C6    1 
ATOM   499  O O6    . G   C 1 8 ? 2.087   11.767  -16.767 1.00 35.11 ? 24 G   C O6    1 
ATOM   500  N N1    . G   C 1 8 ? 1.553   13.990  -16.652 1.00 31.82 ? 24 G   C N1    1 
ATOM   501  C C2    . G   C 1 8 ? 0.859   15.115  -17.052 1.00 32.72 ? 24 G   C C2    1 
ATOM   502  N N2    . G   C 1 8 ? 1.124   16.227  -16.371 1.00 35.74 ? 24 G   C N2    1 
ATOM   503  N N3    . G   C 1 8 ? -0.027  15.136  -18.035 1.00 26.05 ? 24 G   C N3    1 
ATOM   504  C C4    . G   C 1 8 ? -0.183  13.930  -18.589 1.00 28.07 ? 24 G   C C4    1 
ATOM   505  O "O5'" . C   D 1 1 ? 5.349   15.684  -8.913  1.00 33.81 ? 25 C   D "O5'" 1 
ATOM   506  C "C5'" . C   D 1 1 ? 4.429   16.717  -8.478  1.00 34.19 ? 25 C   D "C5'" 1 
ATOM   507  C "C4'" . C   D 1 1 ? 4.123   17.699  -9.580  1.00 34.75 ? 25 C   D "C4'" 1 
ATOM   508  O "O4'" . C   D 1 1 ? 4.874   17.313  -10.762 1.00 37.08 ? 25 C   D "O4'" 1 
ATOM   509  C "C3'" . C   D 1 1 ? 2.697   17.699  -10.065 1.00 36.76 ? 25 C   D "C3'" 1 
ATOM   510  O "O3'" . C   D 1 1 ? 1.888   18.497  -9.226  1.00 42.47 ? 25 C   D "O3'" 1 
ATOM   511  C "C2'" . C   D 1 1 ? 2.845   18.246  -11.478 1.00 33.51 ? 25 C   D "C2'" 1 
ATOM   512  O "O2'" . C   D 1 1 ? 3.217   19.602  -11.460 1.00 36.25 ? 25 C   D "O2'" 1 
ATOM   513  C "C1'" . C   D 1 1 ? 4.110   17.539  -11.938 1.00 33.10 ? 25 C   D "C1'" 1 
ATOM   514  N N1    . C   D 1 1 ? 4.011   16.254  -12.662 1.00 31.63 ? 25 C   D N1    1 
ATOM   515  C C2    . C   D 1 1 ? 3.216   16.158  -13.768 1.00 32.34 ? 25 C   D C2    1 
ATOM   516  O O2    . C   D 1 1 ? 2.646   17.174  -14.170 1.00 38.85 ? 25 C   D O2    1 
ATOM   517  N N3    . C   D 1 1 ? 3.075   14.950  -14.369 1.00 29.62 ? 25 C   D N3    1 
ATOM   518  C C4    . C   D 1 1 ? 3.677   13.881  -13.859 1.00 27.31 ? 25 C   D C4    1 
ATOM   519  N N4    . C   D 1 1 ? 3.479   12.702  -14.443 1.00 17.67 ? 25 C   D N4    1 
ATOM   520  C C5    . C   D 1 1 ? 4.536   13.976  -12.745 1.00 30.34 ? 25 C   D C5    1 
ATOM   521  C C6    . C   D 1 1 ? 4.690   15.174  -12.202 1.00 34.05 ? 25 C   D C6    1 
ATOM   522  P P     . C   D 1 2 ? 0.350   18.089  -8.994  1.00 45.65 ? 26 C   D P     1 
ATOM   523  O OP1   . C   D 1 2 ? -0.277  19.076  -8.054  1.00 47.96 ? 26 C   D OP1   1 
ATOM   524  O OP2   . C   D 1 2 ? 0.351   16.628  -8.640  1.00 47.16 ? 26 C   D OP2   1 
ATOM   525  O "O5'" . C   D 1 2 ? -0.303  18.345  -10.420 1.00 37.66 ? 26 C   D "O5'" 1 
ATOM   526  C "C5'" . C   D 1 2 ? -0.511  19.684  -10.824 1.00 36.27 ? 26 C   D "C5'" 1 
ATOM   527  C "C4'" . C   D 1 2 ? -1.421  19.728  -12.003 1.00 38.93 ? 26 C   D "C4'" 1 
ATOM   528  O "O4'" . C   D 1 2 ? -0.745  19.103  -13.123 1.00 38.09 ? 26 C   D "O4'" 1 
ATOM   529  C "C3'" . C   D 1 2 ? -2.711  18.942  -11.887 1.00 35.94 ? 26 C   D "C3'" 1 
ATOM   530  O "O3'" . C   D 1 2 ? -3.711  19.654  -11.191 1.00 34.47 ? 26 C   D "O3'" 1 
ATOM   531  C "C2'" . C   D 1 2 ? -3.055  18.753  -13.351 1.00 38.79 ? 26 C   D "C2'" 1 
ATOM   532  O "O2'" . C   D 1 2 ? -3.461  19.944  -13.991 1.00 35.08 ? 26 C   D "O2'" 1 
ATOM   533  C "C1'" . C   D 1 2 ? -1.702  18.364  -13.891 1.00 36.69 ? 26 C   D "C1'" 1 
ATOM   534  N N1    . C   D 1 2 ? -1.409  16.936  -13.734 1.00 34.83 ? 26 C   D N1    1 
ATOM   535  C C2    . C   D 1 2 ? -2.003  16.001  -14.598 1.00 34.60 ? 26 C   D C2    1 
ATOM   536  O O2    . C   D 1 2 ? -2.948  16.350  -15.312 1.00 45.68 ? 26 C   D O2    1 
ATOM   537  N N3    . C   D 1 2 ? -1.521  14.736  -14.607 1.00 31.81 ? 26 C   D N3    1 
ATOM   538  C C4    . C   D 1 2 ? -0.521  14.403  -13.794 1.00 33.43 ? 26 C   D C4    1 
ATOM   539  N N4    . C   D 1 2 ? -0.033  13.158  -13.887 1.00 35.30 ? 26 C   D N4    1 
ATOM   540  C C5    . C   D 1 2 ? 0.002   15.317  -12.838 1.00 35.93 ? 26 C   D C5    1 
ATOM   541  C C6    . C   D 1 2 ? -0.497  16.547  -12.827 1.00 34.52 ? 26 C   D C6    1 
ATOM   542  P P     . C   D 1 3 ? -4.713  18.857  -10.221 1.00 33.27 ? 27 C   D P     1 
ATOM   543  O OP1   . C   D 1 3 ? -5.471  19.907  -9.528  1.00 37.00 ? 27 C   D OP1   1 
ATOM   544  O OP2   . C   D 1 3 ? -3.986  17.818  -9.409  1.00 33.57 ? 27 C   D OP2   1 
ATOM   545  O "O5'" . C   D 1 3 ? -5.686  18.146  -11.258 1.00 34.08 ? 27 C   D "O5'" 1 
ATOM   546  C "C5'" . C   D 1 3 ? -6.323  18.918  -12.292 1.00 30.51 ? 27 C   D "C5'" 1 
ATOM   547  C "C4'" . C   D 1 3 ? -7.101  18.019  -13.227 1.00 34.13 ? 27 C   D "C4'" 1 
ATOM   548  O "O4'" . C   D 1 3 ? -6.204  17.297  -14.111 1.00 29.70 ? 27 C   D "O4'" 1 
ATOM   549  C "C3'" . C   D 1 3 ? -7.938  16.903  -12.602 1.00 36.18 ? 27 C   D "C3'" 1 
ATOM   550  O "O3'" . C   D 1 3 ? -9.191  17.361  -12.128 1.00 36.21 ? 27 C   D "O3'" 1 
ATOM   551  C "C2'" . C   D 1 3 ? -8.170  16.012  -13.805 1.00 32.78 ? 27 C   D "C2'" 1 
ATOM   552  O "O2'" . C   D 1 3 ? -9.135  16.609  -14.665 1.00 32.94 ? 27 C   D "O2'" 1 
ATOM   553  C "C1'" . C   D 1 3 ? -6.785  16.029  -14.440 1.00 28.85 ? 27 C   D "C1'" 1 
ATOM   554  N N1    . C   D 1 3 ? -5.899  14.982  -13.917 1.00 22.49 ? 27 C   D N1    1 
ATOM   555  C C2    . C   D 1 3 ? -6.013  13.668  -14.379 1.00 22.94 ? 27 C   D C2    1 
ATOM   556  O O2    . C   D 1 3 ? -6.950  13.375  -15.141 1.00 26.19 ? 27 C   D O2    1 
ATOM   557  N N3    . C   D 1 3 ? -5.090  12.751  -13.968 1.00 18.18 ? 27 C   D N3    1 
ATOM   558  C C4    . C   D 1 3 ? -4.106  13.116  -13.146 1.00 15.74 ? 27 C   D C4    1 
ATOM   559  N N4    . C   D 1 3 ? -3.186  12.208  -12.815 1.00 9.66  ? 27 C   D N4    1 
ATOM   560  C C5    . C   D 1 3 ? -4.019  14.431  -12.629 1.00 15.39 ? 27 C   D C5    1 
ATOM   561  C C6    . C   D 1 3 ? -4.938  15.311  -13.027 1.00 18.40 ? 27 C   D C6    1 
ATOM   562  P P     . I   D 1 4 ? -9.847  16.667  -10.855 1.00 37.93 ? 28 I   D P     1 
ATOM   563  O OP1   . I   D 1 4 ? -11.059 17.484  -10.574 1.00 35.41 ? 28 I   D OP1   1 
ATOM   564  O OP2   . I   D 1 4 ? -8.838  16.442  -9.792  1.00 38.51 ? 28 I   D OP2   1 
ATOM   565  O "O5'" . I   D 1 4 ? -10.169 15.172  -11.329 1.00 37.04 ? 28 I   D "O5'" 1 
ATOM   566  C "C5'" . I   D 1 4 ? -11.345 14.863  -12.083 1.00 34.56 ? 28 I   D "C5'" 1 
ATOM   567  C "C4'" . I   D 1 4 ? -11.351 13.406  -12.489 1.00 31.61 ? 28 I   D "C4'" 1 
ATOM   568  O "O4'" . I   D 1 4 ? -10.069 13.086  -13.043 1.00 33.84 ? 28 I   D "O4'" 1 
ATOM   569  C "C3'" . I   D 1 4 ? -11.481 12.316  -11.439 1.00 31.01 ? 28 I   D "C3'" 1 
ATOM   570  O "O3'" . I   D 1 4 ? -12.797 12.158  -10.923 1.00 27.89 ? 28 I   D "O3'" 1 
ATOM   571  C "C2'" . I   D 1 4 ? -11.100 11.129  -12.293 1.00 29.94 ? 28 I   D "C2'" 1 
ATOM   572  O "O2'" . I   D 1 4 ? -12.115 10.842  -13.255 1.00 30.72 ? 28 I   D "O2'" 1 
ATOM   573  C "C1'" . I   D 1 4 ? -9.872  11.756  -12.955 1.00 26.54 ? 28 I   D "C1'" 1 
ATOM   574  N N9    . I   D 1 4 ? -8.672  11.547  -12.170 1.00 26.39 ? 28 I   D N9    1 
ATOM   575  C C8    . I   D 1 4 ? -7.820  12.304  -11.312 1.00 20.90 ? 28 I   D C8    1 
ATOM   576  N N7    . I   D 1 4 ? -6.800  11.542  -10.934 1.00 20.64 ? 28 I   D N7    1 
ATOM   577  C C5    . I   D 1 4 ? -7.049  10.324  -11.555 1.00 23.54 ? 28 I   D C5    1 
ATOM   578  C C6    . I   D 1 4 ? -6.312  9.106   -11.557 1.00 23.61 ? 28 I   D C6    1 
ATOM   579  O O6    . I   D 1 4 ? -5.244  8.864   -10.989 1.00 26.76 ? 28 I   D O6    1 
ATOM   580  N N1    . I   D 1 4 ? -6.927  8.121   -12.320 1.00 20.22 ? 28 I   D N1    1 
ATOM   581  C C2    . I   D 1 4 ? -8.103  8.274   -13.001 1.00 23.87 ? 28 I   D C2    1 
ATOM   582  N N3    . I   D 1 4 ? -8.791  9.394   -13.017 1.00 29.27 ? 28 I   D N3    1 
ATOM   583  C C4    . I   D 1 4 ? -8.198  10.352  -12.276 1.00 25.77 ? 28 I   D C4    1 
ATOM   584  P P     . U   D 1 5 ? -12.993 11.607  -9.429  1.00 26.08 ? 29 U   D P     1 
ATOM   585  O OP1   . U   D 1 5 ? -14.430 11.794  -9.060  1.00 29.63 ? 29 U   D OP1   1 
ATOM   586  O OP2   . U   D 1 5 ? -11.917 12.159  -8.555  1.00 28.19 ? 29 U   D OP2   1 
ATOM   587  O "O5'" . U   D 1 5 ? -12.640 10.052  -9.488  1.00 29.85 ? 29 U   D "O5'" 1 
ATOM   588  C "C5'" . U   D 1 5 ? -13.431 9.124   -10.267 1.00 23.70 ? 29 U   D "C5'" 1 
ATOM   589  C "C4'" . U   D 1 5 ? -12.771 7.763   -10.323 1.00 14.94 ? 29 U   D "C4'" 1 
ATOM   590  O "O4'" . U   D 1 5 ? -11.467 7.873   -10.933 1.00 15.44 ? 29 U   D "O4'" 1 
ATOM   591  C "C3'" . U   D 1 5 ? -12.458 7.100   -9.004  1.00 13.52 ? 29 U   D "C3'" 1 
ATOM   592  O "O3'" . U   D 1 5 ? -13.599 6.468   -8.498  1.00 17.45 ? 29 U   D "O3'" 1 
ATOM   593  C "C2'" . U   D 1 5 ? -11.478 6.057   -9.468  1.00 14.95 ? 29 U   D "C2'" 1 
ATOM   594  O "O2'" . U   D 1 5 ? -12.226 5.144   -10.228 1.00 14.54 ? 29 U   D "O2'" 1 
ATOM   595  C "C1'" . U   D 1 5 ? -10.617 6.914   -10.393 1.00 11.31 ? 29 U   D "C1'" 1 
ATOM   596  N N1    . U   D 1 5 ? -9.584  7.651   -9.674  1.00 13.47 ? 29 U   D N1    1 
ATOM   597  C C2    . U   D 1 5 ? -8.470  6.945   -9.340  1.00 17.21 ? 29 U   D C2    1 
ATOM   598  O O2    . U   D 1 5 ? -8.315  5.792   -9.656  1.00 18.89 ? 29 U   D O2    1 
ATOM   599  N N3    . U   D 1 5 ? -7.524  7.622   -8.628  1.00 20.42 ? 29 U   D N3    1 
ATOM   600  C C4    . U   D 1 5 ? -7.570  8.938   -8.235  1.00 19.70 ? 29 U   D C4    1 
ATOM   601  O O4    . U   D 1 5 ? -6.654  9.388   -7.550  1.00 20.87 ? 29 U   D O4    1 
ATOM   602  C C5    . U   D 1 5 ? -8.756  9.650   -8.638  1.00 16.43 ? 29 U   D C5    1 
ATOM   603  C C6    . U   D 1 5 ? -9.718  8.998   -9.330  1.00 15.23 ? 29 U   D C6    1 
ATOM   604  P P     . G   D 1 6 ? -13.615 5.949   -6.982  1.00 23.45 ? 30 G   D P     1 
ATOM   605  O OP1   . G   D 1 6 ? -15.028 5.691   -6.606  1.00 23.63 ? 30 G   D OP1   1 
ATOM   606  O OP2   . G   D 1 6 ? -12.793 6.841   -6.151  1.00 28.41 ? 30 G   D OP2   1 
ATOM   607  O "O5'" . G   D 1 6 ? -12.774 4.599   -7.058  1.00 29.00 ? 30 G   D "O5'" 1 
ATOM   608  C "C5'" . G   D 1 6 ? -13.309 3.420   -7.686  1.00 26.02 ? 30 G   D "C5'" 1 
ATOM   609  C "C4'" . G   D 1 6 ? -12.461 2.226   -7.333  1.00 21.70 ? 30 G   D "C4'" 1 
ATOM   610  O "O4'" . G   D 1 6 ? -11.149 2.463   -7.865  1.00 25.65 ? 30 G   D "O4'" 1 
ATOM   611  C "C3'" . G   D 1 6 ? -12.208 2.016   -5.855  1.00 21.77 ? 30 G   D "C3'" 1 
ATOM   612  O "O3'" . G   D 1 6 ? -13.203 1.282   -5.200  1.00 19.97 ? 30 G   D "O3'" 1 
ATOM   613  C "C2'" . G   D 1 6 ? -10.928 1.216   -5.878  1.00 24.11 ? 30 G   D "C2'" 1 
ATOM   614  O "O2'" . G   D 1 6 ? -11.180 -0.145  -6.188  1.00 28.83 ? 30 G   D "O2'" 1 
ATOM   615  C "C1'" . G   D 1 6 ? -10.204 1.948   -7.024  1.00 24.96 ? 30 G   D "C1'" 1 
ATOM   616  N N9    . G   D 1 6 ? -9.408  3.088   -6.614  1.00 25.79 ? 30 G   D N9    1 
ATOM   617  C C8    . G   D 1 6 ? -9.640  4.472   -6.669  1.00 30.41 ? 30 G   D C8    1 
ATOM   618  N N7    . G   D 1 6 ? -8.624  5.129   -6.137  1.00 33.65 ? 30 G   D N7    1 
ATOM   619  C C5    . G   D 1 6 ? -7.734  4.124   -5.781  1.00 29.60 ? 30 G   D C5    1 
ATOM   620  C C6    . G   D 1 6 ? -6.434  4.195   -5.200  1.00 31.81 ? 30 G   D C6    1 
ATOM   621  O O6    . G   D 1 6 ? -5.775  5.204   -4.912  1.00 37.49 ? 30 G   D O6    1 
ATOM   622  N N1    . G   D 1 6 ? -5.891  2.941   -4.983  1.00 26.69 ? 30 G   D N1    1 
ATOM   623  C C2    . G   D 1 6 ? -6.502  1.766   -5.294  1.00 29.36 ? 30 G   D C2    1 
ATOM   624  N N2    . G   D 1 6 ? -5.845  0.654   -4.931  1.00 21.07 ? 30 G   D N2    1 
ATOM   625  N N3    . G   D 1 6 ? -7.680  1.684   -5.890  1.00 31.75 ? 30 G   D N3    1 
ATOM   626  C C4    . G   D 1 6 ? -8.224  2.891   -6.084  1.00 28.55 ? 30 G   D C4    1 
ATOM   627  P P     . G   D 1 7 ? -13.270 1.344   -3.615  1.00 19.92 ? 31 G   D P     1 
ATOM   628  O OP1   . G   D 1 7 ? -14.406 0.572   -3.133  1.00 27.05 ? 31 G   D OP1   1 
ATOM   629  O OP2   . G   D 1 7 ? -13.188 2.782   -3.318  1.00 24.75 ? 31 G   D OP2   1 
ATOM   630  O "O5'" . G   D 1 7 ? -11.941 0.655   -3.106  1.00 16.11 ? 31 G   D "O5'" 1 
ATOM   631  C "C5'" . G   D 1 7 ? -11.900 -0.723  -2.857  1.00 15.08 ? 31 G   D "C5'" 1 
ATOM   632  C "C4'" . G   D 1 7 ? -10.569 -1.104  -2.293  1.00 12.49 ? 31 G   D "C4'" 1 
ATOM   633  O "O4'" . G   D 1 7 ? -9.532  -0.467  -3.064  1.00 13.76 ? 31 G   D "O4'" 1 
ATOM   634  C "C3'" . G   D 1 7 ? -10.307 -0.605  -0.900  1.00 17.92 ? 31 G   D "C3'" 1 
ATOM   635  O "O3'" . G   D 1 7 ? -10.842 -1.500  0.042   1.00 20.39 ? 31 G   D "O3'" 1 
ATOM   636  C "C2'" . G   D 1 7 ? -8.796  -0.666  -0.818  1.00 19.34 ? 31 G   D "C2'" 1 
ATOM   637  O "O2'" . G   D 1 7 ? -8.326  -1.937  -0.470  1.00 20.43 ? 31 G   D "O2'" 1 
ATOM   638  C "C1'" . G   D 1 7 ? -8.421  -0.190  -2.199  1.00 17.53 ? 31 G   D "C1'" 1 
ATOM   639  N N9    . G   D 1 7 ? -8.243  1.257   -2.098  1.00 20.22 ? 31 G   D N9    1 
ATOM   640  C C8    . G   D 1 7 ? -9.093  2.218   -2.545  1.00 23.47 ? 31 G   D C8    1 
ATOM   641  N N7    . G   D 1 7 ? -8.581  3.421   -2.461  1.00 24.78 ? 31 G   D N7    1 
ATOM   642  C C5    . G   D 1 7 ? -7.391  3.243   -1.798  1.00 22.12 ? 31 G   D C5    1 
ATOM   643  C C6    . G   D 1 7 ? -6.449  4.181   -1.391  1.00 27.60 ? 31 G   D C6    1 
ATOM   644  O O6    . G   D 1 7 ? -6.499  5.410   -1.490  1.00 29.15 ? 31 G   D O6    1 
ATOM   645  N N1    . G   D 1 7 ? -5.360  3.579   -0.782  1.00 33.66 ? 31 G   D N1    1 
ATOM   646  C C2    . G   D 1 7 ? -5.210  2.235   -0.592  1.00 33.64 ? 31 G   D C2    1 
ATOM   647  N N2    . G   D 1 7 ? -4.056  1.834   -0.037  1.00 39.40 ? 31 G   D N2    1 
ATOM   648  N N3    . G   D 1 7 ? -6.117  1.353   -0.929  1.00 31.76 ? 31 G   D N3    1 
ATOM   649  C C4    . G   D 1 7 ? -7.174  1.909   -1.517  1.00 23.94 ? 31 G   D C4    1 
ATOM   650  P P     . G   D 1 8 ? -11.365 -0.931  1.432   1.00 17.73 ? 32 G   D P     1 
ATOM   651  O OP1   . G   D 1 8 ? -11.967 -2.018  2.232   1.00 21.75 ? 32 G   D OP1   1 
ATOM   652  O OP2   . G   D 1 8 ? -12.151 0.256   1.074   1.00 10.51 ? 32 G   D OP2   1 
ATOM   653  O "O5'" . G   D 1 8 ? -10.026 -0.563  2.167   1.00 15.50 ? 32 G   D "O5'" 1 
ATOM   654  C "C5'" . G   D 1 8 ? -9.202  -1.601  2.644   1.00 22.97 ? 32 G   D "C5'" 1 
ATOM   655  C "C4'" . G   D 1 8 ? -7.945  -1.025  3.201   1.00 23.50 ? 32 G   D "C4'" 1 
ATOM   656  O "O4'" . G   D 1 8 ? -7.458  -0.076  2.211   1.00 24.28 ? 32 G   D "O4'" 1 
ATOM   657  C "C3'" . G   D 1 8 ? -8.124  -0.161  4.432   1.00 26.74 ? 32 G   D "C3'" 1 
ATOM   658  O "O3'" . G   D 1 8 ? -8.387  -0.872  5.667   1.00 27.29 ? 32 G   D "O3'" 1 
ATOM   659  C "C2'" . G   D 1 8 ? -6.854  0.671   4.370   1.00 27.89 ? 32 G   D "C2'" 1 
ATOM   660  O "O2'" . G   D 1 8 ? -5.723  -0.098  4.712   1.00 31.40 ? 32 G   D "O2'" 1 
ATOM   661  C "C1'" . G   D 1 8 ? -6.762  0.955   2.872   1.00 24.00 ? 32 G   D "C1'" 1 
ATOM   662  N N9    . G   D 1 8 ? -7.301  2.244   2.449   1.00 20.44 ? 32 G   D N9    1 
ATOM   663  C C8    . G   D 1 8 ? -8.531  2.514   1.910   1.00 17.12 ? 32 G   D C8    1 
ATOM   664  N N7    . G   D 1 8 ? -8.677  3.771   1.593   1.00 19.41 ? 32 G   D N7    1 
ATOM   665  C C5    . G   D 1 8 ? -7.468  4.357   1.954   1.00 18.91 ? 32 G   D C5    1 
ATOM   666  C C6    . G   D 1 8 ? -7.011  5.698   1.834   1.00 17.54 ? 32 G   D C6    1 
ATOM   667  O O6    . G   D 1 8 ? -7.589  6.667   1.334   1.00 16.61 ? 32 G   D O6    1 
ATOM   668  N N1    . G   D 1 8 ? -5.735  5.852   2.352   1.00 12.04 ? 32 G   D N1    1 
ATOM   669  C C2    . G   D 1 8 ? -4.988  4.855   2.890   1.00 16.91 ? 32 G   D C2    1 
ATOM   670  N N2    . G   D 1 8 ? -3.779  5.192   3.329   1.00 17.66 ? 32 G   D N2    1 
ATOM   671  N N3    . G   D 1 8 ? -5.386  3.611   2.992   1.00 17.52 ? 32 G   D N3    1 
ATOM   672  C C4    . G   D 1 8 ? -6.627  3.434   2.504   1.00 16.58 ? 32 G   D C4    1 
ATOM   673  O "O5'" . C   E 1 1 ? -2.652  -17.141 2.320   1.00 33.21 ? 33 C   E "O5'" 1 
ATOM   674  C "C5'" . C   E 1 1 ? -1.881  -16.928 3.502   1.00 38.95 ? 33 C   E "C5'" 1 
ATOM   675  C "C4'" . C   E 1 1 ? -0.667  -16.088 3.191   1.00 43.50 ? 33 C   E "C4'" 1 
ATOM   676  O "O4'" . C   E 1 1 ? -0.459  -16.149 1.743   1.00 40.94 ? 33 C   E "O4'" 1 
ATOM   677  C "C3'" . C   E 1 1 ? -0.813  -14.588 3.452   1.00 48.53 ? 33 C   E "C3'" 1 
ATOM   678  O "O3'" . C   E 1 1 ? -0.517  -14.195 4.804   1.00 54.81 ? 33 C   E "O3'" 1 
ATOM   679  C "C2'" . C   E 1 1 ? 0.193   -13.991 2.487   1.00 43.83 ? 33 C   E "C2'" 1 
ATOM   680  O "O2'" . C   E 1 1 ? 1.505   -14.192 2.927   1.00 48.48 ? 33 C   E "O2'" 1 
ATOM   681  C "C1'" . C   E 1 1 ? 0.002   -14.831 1.266   1.00 39.17 ? 33 C   E "C1'" 1 
ATOM   682  N N1    . C   E 1 1 ? -0.994  -14.287 0.331   1.00 33.51 ? 33 C   E N1    1 
ATOM   683  C C2    . C   E 1 1 ? -1.068  -12.919 -0.223  1.00 33.74 ? 33 C   E C2    1 
ATOM   684  O O2    . C   E 1 1 ? -0.310  -12.009 0.150   1.00 39.84 ? 33 C   E O2    1 
ATOM   685  N N3    . C   E 1 1 ? -2.027  -12.698 -1.162  1.00 29.21 ? 33 C   E N3    1 
ATOM   686  C C4    . C   E 1 1 ? -2.844  -13.689 -1.523  1.00 27.59 ? 33 C   E C4    1 
ATOM   687  N N4    . C   E 1 1 ? -3.717  -13.443 -2.490  1.00 27.82 ? 33 C   E N4    1 
ATOM   688  C C5    . C   E 1 1 ? -2.779  -14.966 -0.932  1.00 25.70 ? 33 C   E C5    1 
ATOM   689  C C6    . C   E 1 1 ? -1.864  -15.178 -0.045  1.00 31.43 ? 33 C   E C6    1 
ATOM   690  P P     . C   E 1 2 ? -1.573  -13.274 5.613   1.00 56.15 ? 34 C   E P     1 
ATOM   691  O OP1   . C   E 1 2 ? -1.159  -13.209 7.024   1.00 59.15 ? 34 C   E OP1   1 
ATOM   692  O OP2   . C   E 1 2 ? -2.932  -13.762 5.276   1.00 56.43 ? 34 C   E OP2   1 
ATOM   693  O "O5'" . C   E 1 2 ? -1.350  -11.827 4.989   1.00 53.88 ? 34 C   E "O5'" 1 
ATOM   694  C "C5'" . C   E 1 2 ? -0.150  -11.096 5.265   1.00 48.80 ? 34 C   E "C5'" 1 
ATOM   695  C "C4'" . C   E 1 2 ? -0.240  -9.719  4.675   1.00 47.26 ? 34 C   E "C4'" 1 
ATOM   696  O "O4'" . C   E 1 2 ? -0.274  -9.829  3.243   1.00 44.86 ? 34 C   E "O4'" 1 
ATOM   697  C "C3'" . C   E 1 2 ? -1.510  -8.963  5.026   1.00 46.55 ? 34 C   E "C3'" 1 
ATOM   698  O "O3'" . C   E 1 2 ? -1.419  -8.345  6.300   1.00 45.65 ? 34 C   E "O3'" 1 
ATOM   699  C "C2'" . C   E 1 2 ? -1.622  -7.986  3.869   1.00 47.21 ? 34 C   E "C2'" 1 
ATOM   700  O "O2'" . C   E 1 2 ? -0.802  -6.832  3.986   1.00 49.44 ? 34 C   E "O2'" 1 
ATOM   701  C "C1'" . C   E 1 2 ? -1.144  -8.903  2.740   1.00 42.04 ? 34 C   E "C1'" 1 
ATOM   702  N N1    . C   E 1 2 ? -2.205  -9.646  2.097   1.00 35.45 ? 34 C   E N1    1 
ATOM   703  C C2    . C   E 1 2 ? -2.955  -8.893  1.322   1.00 35.62 ? 34 C   E C2    1 
ATOM   704  O O2    . C   E 1 2 ? -2.717  -7.669  1.339   1.00 35.41 ? 34 C   E O2    1 
ATOM   705  N N3    . C   E 1 2 ? -3.904  -9.426  0.556   1.00 34.24 ? 34 C   E N3    1 
ATOM   706  C C4    . C   E 1 2 ? -4.083  -10.740 0.552   1.00 33.57 ? 34 C   E C4    1 
ATOM   707  N N4    . C   E 1 2 ? -5.022  -11.242 -0.253  1.00 37.17 ? 34 C   E N4    1 
ATOM   708  C C5    . C   E 1 2 ? -3.325  -11.609 1.395   1.00 33.47 ? 34 C   E C5    1 
ATOM   709  C C6    . C   E 1 2 ? -2.396  -11.025 2.194   1.00 33.54 ? 34 C   E C6    1 
ATOM   710  P P     . C   E 1 3 ? -2.730  -8.252  7.234   1.00 45.32 ? 35 C   E P     1 
ATOM   711  O OP1   . C   E 1 3 ? -2.250  -7.861  8.569   1.00 47.93 ? 35 C   E OP1   1 
ATOM   712  O OP2   . C   E 1 3 ? -3.534  -9.491  7.073   1.00 43.93 ? 35 C   E OP2   1 
ATOM   713  O "O5'" . C   E 1 3 ? -3.528  -7.011  6.641   1.00 42.08 ? 35 C   E "O5'" 1 
ATOM   714  C "C5'" . C   E 1 3 ? -2.890  -5.738  6.528   1.00 36.88 ? 35 C   E "C5'" 1 
ATOM   715  C "C4'" . C   E 1 3 ? -3.796  -4.766  5.835   1.00 36.08 ? 35 C   E "C4'" 1 
ATOM   716  O "O4'" . C   E 1 3 ? -3.796  -4.976  4.398   1.00 37.48 ? 35 C   E "O4'" 1 
ATOM   717  C "C3'" . C   E 1 3 ? -5.254  -4.868  6.220   1.00 32.54 ? 35 C   E "C3'" 1 
ATOM   718  O "O3'" . C   E 1 3 ? -5.501  -4.239  7.472   1.00 37.49 ? 35 C   E "O3'" 1 
ATOM   719  C "C2'" . C   E 1 3 ? -5.929  -4.160  5.059   1.00 32.98 ? 35 C   E "C2'" 1 
ATOM   720  O "O2'" . C   E 1 3 ? -5.888  -2.763  5.200   1.00 33.37 ? 35 C   E "O2'" 1 
ATOM   721  C "C1'" . C   E 1 3 ? -5.078  -4.628  3.873   1.00 31.85 ? 35 C   E "C1'" 1 
ATOM   722  N N1    . C   E 1 3 ? -5.621  -5.831  3.221   1.00 27.62 ? 35 C   E N1    1 
ATOM   723  C C2    . C   E 1 3 ? -6.608  -5.719  2.234   1.00 28.19 ? 35 C   E C2    1 
ATOM   724  O O2    . C   E 1 3 ? -6.972  -4.593  1.855   1.00 33.67 ? 35 C   E O2    1 
ATOM   725  N N3    . C   E 1 3 ? -7.121  -6.844  1.695   1.00 29.93 ? 35 C   E N3    1 
ATOM   726  C C4    . C   E 1 3 ? -6.646  -8.026  2.050   1.00 29.74 ? 35 C   E C4    1 
ATOM   727  N N4    . C   E 1 3 ? -7.191  -9.101  1.489   1.00 34.27 ? 35 C   E N4    1 
ATOM   728  C C5    . C   E 1 3 ? -5.612  -8.164  3.010   1.00 31.39 ? 35 C   E C5    1 
ATOM   729  C C6    . C   E 1 3 ? -5.151  -7.052  3.580   1.00 28.11 ? 35 C   E C6    1 
ATOM   730  P P     . I   E 1 4 ? -6.834  -4.615  8.304   1.00 42.32 ? 36 I   E P     1 
ATOM   731  O OP1   . I   E 1 4 ? -6.930  -3.755  9.511   1.00 46.48 ? 36 I   E OP1   1 
ATOM   732  O OP2   . I   E 1 4 ? -6.911  -6.089  8.471   1.00 42.23 ? 36 I   E OP2   1 
ATOM   733  O "O5'" . I   E 1 4 ? -7.963  -4.144  7.292   1.00 37.81 ? 36 I   E "O5'" 1 
ATOM   734  C "C5'" . I   E 1 4 ? -9.280  -4.693  7.305   1.00 26.72 ? 36 I   E "C5'" 1 
ATOM   735  C "C4'" . I   E 1 4 ? -10.003 -4.207  6.087   1.00 21.55 ? 36 I   E "C4'" 1 
ATOM   736  O "O4'" . I   E 1 4 ? -9.410  -4.817  4.918   1.00 19.85 ? 36 I   E "O4'" 1 
ATOM   737  C "C3'" . I   E 1 4 ? -11.445 -4.588  5.944   1.00 19.45 ? 36 I   E "C3'" 1 
ATOM   738  O "O3'" . I   E 1 4 ? -12.213 -3.718  6.696   1.00 25.78 ? 36 I   E "O3'" 1 
ATOM   739  C "C2'" . I   E 1 4 ? -11.660 -4.299  4.481   1.00 19.08 ? 36 I   E "C2'" 1 
ATOM   740  O "O2'" . I   E 1 4 ? -11.731 -2.904  4.300   1.00 20.35 ? 36 I   E "O2'" 1 
ATOM   741  C "C1'" . I   E 1 4 ? -10.378 -4.891  3.903   1.00 19.04 ? 36 I   E "C1'" 1 
ATOM   742  N N9    . I   E 1 4 ? -10.587 -6.296  3.586   1.00 21.26 ? 36 I   E N9    1 
ATOM   743  C C8    . I   E 1 4 ? -9.954  -7.417  4.087   1.00 21.91 ? 36 I   E C8    1 
ATOM   744  N N7    . I   E 1 4 ? -10.430 -8.524  3.580   1.00 20.38 ? 36 I   E N7    1 
ATOM   745  C C5    . I   E 1 4 ? -11.413 -8.089  2.701   1.00 22.85 ? 36 I   E C5    1 
ATOM   746  C C6    . I   E 1 4 ? -12.272 -8.815  1.856   1.00 27.52 ? 36 I   E C6    1 
ATOM   747  O O6    . I   E 1 4 ? -12.334 -10.034 1.697   1.00 34.93 ? 36 I   E O6    1 
ATOM   748  N N1    . I   E 1 4 ? -13.119 -7.982  1.139   1.00 26.10 ? 36 I   E N1    1 
ATOM   749  C C2    . I   E 1 4 ? -13.120 -6.626  1.211   1.00 27.20 ? 36 I   E C2    1 
ATOM   750  N N3    . I   E 1 4 ? -12.317 -5.937  1.993   1.00 25.68 ? 36 I   E N3    1 
ATOM   751  C C4    . I   E 1 4 ? -11.507 -6.724  2.701   1.00 20.19 ? 36 I   E C4    1 
ATOM   752  P P     . U   E 1 5 ? -13.118 -4.300  7.861   1.00 29.87 ? 37 U   E P     1 
ATOM   753  O OP1   . U   E 1 5 ? -13.384 -3.156  8.746   1.00 34.71 ? 37 U   E OP1   1 
ATOM   754  O OP2   . U   E 1 5 ? -12.405 -5.485  8.399   1.00 35.32 ? 37 U   E OP2   1 
ATOM   755  O "O5'" . U   E 1 5 ? -14.463 -4.690  7.101   1.00 27.88 ? 37 U   E "O5'" 1 
ATOM   756  C "C5'" . U   E 1 5 ? -15.155 -3.699  6.320   1.00 31.81 ? 37 U   E "C5'" 1 
ATOM   757  C "C4'" . U   E 1 5 ? -15.786 -4.305  5.080   1.00 39.03 ? 37 U   E "C4'" 1 
ATOM   758  O "O4'" . U   E 1 5 ? -14.809 -5.182  4.443   1.00 43.34 ? 37 U   E "O4'" 1 
ATOM   759  C "C3'" . U   E 1 5 ? -16.989 -5.221  5.237   1.00 41.04 ? 37 U   E "C3'" 1 
ATOM   760  O "O3'" . U   E 1 5 ? -18.195 -4.482  5.332   1.00 40.17 ? 37 U   E "O3'" 1 
ATOM   761  C "C2'" . U   E 1 5 ? -16.976 -5.949  3.905   1.00 45.50 ? 37 U   E "C2'" 1 
ATOM   762  O "O2'" . U   E 1 5 ? -17.366 -5.066  2.860   1.00 42.55 ? 37 U   E "O2'" 1 
ATOM   763  C "C1'" . U   E 1 5 ? -15.496 -6.208  3.710   1.00 42.72 ? 37 U   E "C1'" 1 
ATOM   764  N N1    . U   E 1 5 ? -14.930 -7.535  4.043   1.00 40.47 ? 37 U   E N1    1 
ATOM   765  C C2    . U   E 1 5 ? -15.346 -8.713  3.381   1.00 38.18 ? 37 U   E C2    1 
ATOM   766  O O2    . U   E 1 5 ? -16.274 -8.765  2.602   1.00 47.44 ? 37 U   E O2    1 
ATOM   767  N N3    . U   E 1 5 ? -14.611 -9.830  3.708   1.00 33.94 ? 37 U   E N3    1 
ATOM   768  C C4    . U   E 1 5 ? -13.559 -9.892  4.606   1.00 35.34 ? 37 U   E C4    1 
ATOM   769  O O4    . U   E 1 5 ? -12.950 -10.946 4.775   1.00 36.43 ? 37 U   E O4    1 
ATOM   770  C C5    . U   E 1 5 ? -13.273 -8.676  5.253   1.00 38.98 ? 37 U   E C5    1 
ATOM   771  C C6    . U   E 1 5 ? -13.963 -7.583  4.952   1.00 41.19 ? 37 U   E C6    1 
ATOM   772  P P     . G   E 1 6 ? -19.349 -5.003  6.311   1.00 41.00 ? 38 G   E P     1 
ATOM   773  O OP1   . G   E 1 6 ? -20.155 -3.848  6.733   1.00 48.35 ? 38 G   E OP1   1 
ATOM   774  O OP2   . G   E 1 6 ? -18.713 -5.851  7.343   1.00 43.94 ? 38 G   E OP2   1 
ATOM   775  O "O5'" . G   E 1 6 ? -20.263 -5.905  5.376   1.00 39.89 ? 38 G   E "O5'" 1 
ATOM   776  C "C5'" . G   E 1 6 ? -21.270 -5.309  4.542   1.00 35.27 ? 38 G   E "C5'" 1 
ATOM   777  C "C4'" . G   E 1 6 ? -22.072 -6.387  3.845   1.00 37.24 ? 38 G   E "C4'" 1 
ATOM   778  O "O4'" . G   E 1 6 ? -21.228 -7.134  2.918   1.00 38.61 ? 38 G   E "O4'" 1 
ATOM   779  C "C3'" . G   E 1 6 ? -22.627 -7.464  4.755   1.00 37.72 ? 38 G   E "C3'" 1 
ATOM   780  O "O3'" . G   E 1 6 ? -23.809 -7.047  5.428   1.00 37.02 ? 38 G   E "O3'" 1 
ATOM   781  C "C2'" . G   E 1 6 ? -22.873 -8.577  3.753   1.00 36.62 ? 38 G   E "C2'" 1 
ATOM   782  O "O2'" . G   E 1 6 ? -23.985 -8.272  2.931   1.00 35.86 ? 38 G   E "O2'" 1 
ATOM   783  C "C1'" . G   E 1 6 ? -21.577 -8.505  2.941   1.00 34.94 ? 38 G   E "C1'" 1 
ATOM   784  N N9    . G   E 1 6 ? -20.481 -9.224  3.590   1.00 32.21 ? 38 G   E N9    1 
ATOM   785  C C8    . G   E 1 6 ? -19.550 -8.683  4.436   1.00 31.80 ? 38 G   E C8    1 
ATOM   786  N N7    . G   E 1 6 ? -18.716 -9.568  4.919   1.00 34.67 ? 38 G   E N7    1 
ATOM   787  C C5    . G   E 1 6 ? -19.111 -10.770 4.346   1.00 34.58 ? 38 G   E C5    1 
ATOM   788  C C6    . G   E 1 6 ? -18.570 -12.086 4.481   1.00 34.49 ? 38 G   E C6    1 
ATOM   789  O O6    . G   E 1 6 ? -17.627 -12.470 5.174   1.00 34.94 ? 38 G   E O6    1 
ATOM   790  N N1    . G   E 1 6 ? -19.245 -13.001 3.695   1.00 33.53 ? 38 G   E N1    1 
ATOM   791  C C2    . G   E 1 6 ? -20.301 -12.708 2.875   1.00 34.97 ? 38 G   E C2    1 
ATOM   792  N N2    . G   E 1 6 ? -20.795 -13.749 2.164   1.00 31.28 ? 38 G   E N2    1 
ATOM   793  N N3    . G   E 1 6 ? -20.831 -11.492 2.748   1.00 33.67 ? 38 G   E N3    1 
ATOM   794  C C4    . G   E 1 6 ? -20.189 -10.579 3.508   1.00 33.97 ? 38 G   E C4    1 
ATOM   795  P P     . G   E 1 7 ? -24.139 -7.634  6.884   1.00 36.07 ? 39 G   E P     1 
ATOM   796  O OP1   . G   E 1 7 ? -25.407 -7.010  7.295   1.00 40.76 ? 39 G   E OP1   1 
ATOM   797  O OP2   . G   E 1 7 ? -22.943 -7.498  7.733   1.00 32.62 ? 39 G   E OP2   1 
ATOM   798  O "O5'" . G   E 1 7 ? -24.408 -9.193  6.641   1.00 39.86 ? 39 G   E "O5'" 1 
ATOM   799  C "C5'" . G   E 1 7 ? -25.447 -9.633  5.729   1.00 41.05 ? 39 G   E "C5'" 1 
ATOM   800  C "C4'" . G   E 1 7 ? -25.402 -11.133 5.526   1.00 35.56 ? 39 G   E "C4'" 1 
ATOM   801  O "O4'" . G   E 1 7 ? -24.178 -11.503 4.841   1.00 34.45 ? 39 G   E "O4'" 1 
ATOM   802  C "C3'" . G   E 1 7 ? -25.354 -11.985 6.778   1.00 36.75 ? 39 G   E "C3'" 1 
ATOM   803  O "O3'" . G   E 1 7 ? -26.627 -12.118 7.403   1.00 38.55 ? 39 G   E "O3'" 1 
ATOM   804  C "C2'" . G   E 1 7 ? -24.847 -13.306 6.217   1.00 37.21 ? 39 G   E "C2'" 1 
ATOM   805  O "O2'" . G   E 1 7 ? -25.840 -14.028 5.518   1.00 39.47 ? 39 G   E "O2'" 1 
ATOM   806  C "C1'" . G   E 1 7 ? -23.783 -12.817 5.249   1.00 35.37 ? 39 G   E "C1'" 1 
ATOM   807  N N9    . G   E 1 7 ? -22.507 -12.616 5.953   1.00 35.29 ? 39 G   E N9    1 
ATOM   808  C C8    . G   E 1 7 ? -21.915 -11.486 6.464   1.00 36.09 ? 39 G   E C8    1 
ATOM   809  N N7    . G   E 1 7 ? -20.763 -11.725 7.033   1.00 34.66 ? 39 G   E N7    1 
ATOM   810  C C5    . G   E 1 7 ? -20.598 -13.097 6.912   1.00 29.53 ? 39 G   E C5    1 
ATOM   811  C C6    . G   E 1 7 ? -19.549 -13.931 7.355   1.00 31.86 ? 39 G   E C6    1 
ATOM   812  O O6    . G   E 1 7 ? -18.517 -13.612 7.942   1.00 31.10 ? 39 G   E O6    1 
ATOM   813  N N1    . G   E 1 7 ? -19.783 -15.272 7.048   1.00 30.66 ? 39 G   E N1    1 
ATOM   814  C C2    . G   E 1 7 ? -20.873 -15.735 6.381   1.00 26.98 ? 39 G   E C2    1 
ATOM   815  N N2    . G   E 1 7 ? -20.896 -17.044 6.184   1.00 23.07 ? 39 G   E N2    1 
ATOM   816  N N3    . G   E 1 7 ? -21.860 -14.965 5.944   1.00 28.73 ? 39 G   E N3    1 
ATOM   817  C C4    . G   E 1 7 ? -21.663 -13.667 6.253   1.00 29.31 ? 39 G   E C4    1 
ATOM   818  P P     . G   E 1 8 ? -26.699 -12.464 8.970   1.00 34.86 ? 40 G   E P     1 
ATOM   819  O OP1   . G   E 1 8 ? -28.104 -12.430 9.448   1.00 34.55 ? 40 G   E OP1   1 
ATOM   820  O OP2   . G   E 1 8 ? -25.690 -11.583 9.607   1.00 36.32 ? 40 G   E OP2   1 
ATOM   821  O "O5'" . G   E 1 8 ? -26.185 -13.964 9.015   1.00 32.15 ? 40 G   E "O5'" 1 
ATOM   822  C "C5'" . G   E 1 8 ? -26.856 -14.968 8.265   1.00 33.48 ? 40 G   E "C5'" 1 
ATOM   823  C "C4'" . G   E 1 8 ? -26.252 -16.297 8.563   1.00 33.73 ? 40 G   E "C4'" 1 
ATOM   824  O "O4'" . G   E 1 8 ? -24.892 -16.279 8.102   1.00 35.04 ? 40 G   E "O4'" 1 
ATOM   825  C "C3'" . G   E 1 8 ? -26.122 -16.568 10.044  1.00 38.48 ? 40 G   E "C3'" 1 
ATOM   826  O "O3'" . G   E 1 8 ? -27.317 -17.105 10.598  1.00 49.07 ? 40 G   E "O3'" 1 
ATOM   827  C "C2'" . G   E 1 8 ? -24.984 -17.565 10.104  1.00 38.66 ? 40 G   E "C2'" 1 
ATOM   828  O "O2'" . G   E 1 8 ? -25.423 -18.888 9.919   1.00 38.17 ? 40 G   E "O2'" 1 
ATOM   829  C "C1'" . G   E 1 8 ? -24.097 -17.091 8.953   1.00 37.85 ? 40 G   E "C1'" 1 
ATOM   830  N N9    . G   E 1 8 ? -22.971 -16.295 9.423   1.00 39.87 ? 40 G   E N9    1 
ATOM   831  C C8    . G   E 1 8 ? -22.936 -14.931 9.576   1.00 41.78 ? 40 G   E C8    1 
ATOM   832  N N7    . G   E 1 8 ? -21.780 -14.493 10.006  1.00 42.70 ? 40 G   E N7    1 
ATOM   833  C C5    . G   E 1 8 ? -21.007 -15.642 10.146  1.00 37.98 ? 40 G   E C5    1 
ATOM   834  C C6    . G   E 1 8 ? -19.657 -15.802 10.571  1.00 37.25 ? 40 G   E C6    1 
ATOM   835  O O6    . G   E 1 8 ? -18.828 -14.931 10.884  1.00 34.19 ? 40 G   E O6    1 
ATOM   836  N N1    . G   E 1 8 ? -19.299 -17.137 10.606  1.00 38.22 ? 40 G   E N1    1 
ATOM   837  C C2    . G   E 1 8 ? -20.124 -18.186 10.270  1.00 39.69 ? 40 G   E C2    1 
ATOM   838  N N2    . G   E 1 8 ? -19.618 -19.413 10.439  1.00 43.53 ? 40 G   E N2    1 
ATOM   839  N N3    . G   E 1 8 ? -21.356 -18.048 9.827   1.00 39.92 ? 40 G   E N3    1 
ATOM   840  C C4    . G   E 1 8 ? -21.734 -16.764 9.799   1.00 38.69 ? 40 G   E C4    1 
ATOM   841  O "O5'" . C   F 1 1 ? -11.245 -18.482 11.682  1.00 55.05 ? 41 C   F "O5'" 1 
ATOM   842  C "C5'" . C   F 1 1 ? -10.984 -19.888 11.854  1.00 49.66 ? 41 C   F "C5'" 1 
ATOM   843  C "C4'" . C   F 1 1 ? -12.253 -20.704 11.781  1.00 46.41 ? 41 C   F "C4'" 1 
ATOM   844  O "O4'" . C   F 1 1 ? -13.204 -20.154 12.734  1.00 41.83 ? 41 C   F "O4'" 1 
ATOM   845  C "C3'" . C   F 1 1 ? -12.985 -20.663 10.443  1.00 45.99 ? 41 C   F "C3'" 1 
ATOM   846  O "O3'" . C   F 1 1 ? -12.509 -21.674 9.554   1.00 49.92 ? 41 C   F "O3'" 1 
ATOM   847  C "C2'" . C   F 1 1 ? -14.426 -20.921 10.854  1.00 42.06 ? 41 C   F "C2'" 1 
ATOM   848  O "O2'" . C   F 1 1 ? -14.691 -22.282 11.122  1.00 41.20 ? 41 C   F "O2'" 1 
ATOM   849  C "C1'" . C   F 1 1 ? -14.520 -20.133 12.149  1.00 39.73 ? 41 C   F "C1'" 1 
ATOM   850  N N1    . C   F 1 1 ? -14.915 -18.736 11.918  1.00 35.74 ? 41 C   F N1    1 
ATOM   851  C C2    . C   F 1 1 ? -16.252 -18.399 11.588  1.00 40.70 ? 41 C   F C2    1 
ATOM   852  O O2    . C   F 1 1 ? -17.092 -19.299 11.436  1.00 46.17 ? 41 C   F O2    1 
ATOM   853  N N3    . C   F 1 1 ? -16.566 -17.082 11.442  1.00 42.92 ? 41 C   F N3    1 
ATOM   854  C C4    . C   F 1 1 ? -15.620 -16.151 11.605  1.00 38.14 ? 41 C   F C4    1 
ATOM   855  N N4    . C   F 1 1 ? -15.977 -14.868 11.496  1.00 39.91 ? 41 C   F N4    1 
ATOM   856  C C5    . C   F 1 1 ? -14.278 -16.494 11.895  1.00 32.26 ? 41 C   F C5    1 
ATOM   857  C C6    . C   F 1 1 ? -13.988 -17.773 12.039  1.00 27.97 ? 41 C   F C6    1 
ATOM   858  P P     . C   F 1 2 ? -12.351 -21.356 7.982   1.00 52.16 ? 42 C   F P     1 
ATOM   859  O OP1   . C   F 1 2 ? -11.488 -22.438 7.453   1.00 53.36 ? 42 C   F OP1   1 
ATOM   860  O OP2   . C   F 1 2 ? -11.970 -19.929 7.756   1.00 54.26 ? 42 C   F OP2   1 
ATOM   861  O "O5'" . C   F 1 2 ? -13.825 -21.512 7.411   1.00 50.86 ? 42 C   F "O5'" 1 
ATOM   862  C "C5'" . C   F 1 2 ? -14.507 -22.751 7.537   1.00 45.82 ? 42 C   F "C5'" 1 
ATOM   863  C "C4'" . C   F 1 2 ? -15.966 -22.554 7.285   1.00 39.55 ? 42 C   F "C4'" 1 
ATOM   864  O "O4'" . C   F 1 2 ? -16.483 -21.631 8.270   1.00 37.42 ? 42 C   F "O4'" 1 
ATOM   865  C "C3'" . C   F 1 2 ? -16.309 -21.889 5.965   1.00 35.52 ? 42 C   F "C3'" 1 
ATOM   866  O "O3'" . C   F 1 2 ? -16.310 -22.839 4.908   1.00 34.12 ? 42 C   F "O3'" 1 
ATOM   867  C "C2'" . C   F 1 2 ? -17.707 -21.393 6.271   1.00 34.74 ? 42 C   F "C2'" 1 
ATOM   868  O "O2'" . C   F 1 2 ? -18.619 -22.467 6.305   1.00 31.54 ? 42 C   F "O2'" 1 
ATOM   869  C "C1'" . C   F 1 2 ? -17.488 -20.861 7.678   1.00 33.93 ? 42 C   F "C1'" 1 
ATOM   870  N N1    . C   F 1 2 ? -17.058 -19.468 7.688   1.00 31.03 ? 42 C   F N1    1 
ATOM   871  C C2    . C   F 1 2 ? -17.966 -18.547 7.206   1.00 30.83 ? 42 C   F C2    1 
ATOM   872  O O2    . C   F 1 2 ? -18.967 -18.946 6.603   1.00 37.66 ? 42 C   F O2    1 
ATOM   873  N N3    . C   F 1 2 ? -17.732 -17.237 7.397   1.00 29.73 ? 42 C   F N3    1 
ATOM   874  C C4    . C   F 1 2 ? -16.630 -16.840 8.028   1.00 28.47 ? 42 C   F C4    1 
ATOM   875  N N4    . C   F 1 2 ? -16.456 -15.541 8.204   1.00 27.68 ? 42 C   F N4    1 
ATOM   876  C C5    . C   F 1 2 ? -15.633 -17.758 8.460   1.00 27.83 ? 42 C   F C5    1 
ATOM   877  C C6    . C   F 1 2 ? -15.863 -19.069 8.239   1.00 32.50 ? 42 C   F C6    1 
ATOM   878  P P     . C   F 1 3 ? -15.676 -22.454 3.471   1.00 32.94 ? 43 C   F P     1 
ATOM   879  O OP1   . C   F 1 3 ? -15.137 -23.707 2.900   1.00 37.73 ? 43 C   F OP1   1 
ATOM   880  O OP2   . C   F 1 3 ? -14.774 -21.283 3.640   1.00 32.21 ? 43 C   F OP2   1 
ATOM   881  O "O5'" . C   F 1 3 ? -16.928 -22.006 2.594   1.00 27.93 ? 43 C   F "O5'" 1 
ATOM   882  C "C5'" . C   F 1 3 ? -17.943 -21.189 3.182   1.00 30.75 ? 43 C   F "C5'" 1 
ATOM   883  C "C4'" . C   F 1 3 ? -18.870 -20.626 2.137   1.00 28.02 ? 43 C   F "C4'" 1 
ATOM   884  O "O4'" . C   F 1 3 ? -19.795 -19.771 2.823   1.00 29.73 ? 43 C   F "O4'" 1 
ATOM   885  C "C3'" . C   F 1 3 ? -18.235 -19.768 1.048   1.00 32.90 ? 43 C   F "C3'" 1 
ATOM   886  O "O3'" . C   F 1 3 ? -17.949 -20.514 -0.130  1.00 33.54 ? 43 C   F "O3'" 1 
ATOM   887  C "C2'" . C   F 1 3 ? -19.317 -18.737 0.801   1.00 33.16 ? 43 C   F "C2'" 1 
ATOM   888  O "O2'" . C   F 1 3 ? -20.365 -19.200 -0.055  1.00 32.01 ? 43 C   F "O2'" 1 
ATOM   889  C "C1'" . C   F 1 3 ? -19.755 -18.583 2.261   1.00 33.91 ? 43 C   F "C1'" 1 
ATOM   890  N N1    . C   F 1 3 ? -18.877 -17.853 3.139   1.00 35.20 ? 43 C   F N1    1 
ATOM   891  C C2    . C   F 1 3 ? -19.233 -16.647 3.159   1.00 34.54 ? 43 C   F C2    1 
ATOM   892  O O2    . C   F 1 3 ? -20.260 -16.388 2.437   1.00 35.65 ? 43 C   F O2    1 
ATOM   893  N N3    . C   F 1 3 ? -18.612 -15.735 3.875   1.00 35.79 ? 43 C   F N3    1 
ATOM   894  C C4    . C   F 1 3 ? -17.553 -16.072 4.602   1.00 35.78 ? 43 C   F C4    1 
ATOM   895  N N4    . C   F 1 3 ? -16.923 -15.114 5.283   1.00 37.97 ? 43 C   F N4    1 
ATOM   896  C C5    . C   F 1 3 ? -17.081 -17.419 4.674   1.00 40.48 ? 43 C   F C5    1 
ATOM   897  C C6    . C   F 1 3 ? -17.770 -18.340 3.916   1.00 37.33 ? 43 C   F C6    1 
ATOM   898  P P     . I   F 1 4 ? -16.906 -19.933 -1.222  1.00 36.86 ? 44 I   F P     1 
ATOM   899  O OP1   . I   F 1 4 ? -17.003 -20.769 -2.445  1.00 35.40 ? 44 I   F OP1   1 
ATOM   900  O OP2   . I   F 1 4 ? -15.604 -19.812 -0.494  1.00 37.14 ? 44 I   F OP2   1 
ATOM   901  O "O5'" . I   F 1 4 ? -17.398 -18.463 -1.585  1.00 27.46 ? 44 I   F "O5'" 1 
ATOM   902  C "C5'" . I   F 1 4 ? -18.458 -18.272 -2.518  1.00 27.27 ? 44 I   F "C5'" 1 
ATOM   903  C "C4'" . I   F 1 4 ? -18.917 -16.823 -2.545  1.00 23.14 ? 44 I   F "C4'" 1 
ATOM   904  O "O4'" . I   F 1 4 ? -19.230 -16.359 -1.196  1.00 26.53 ? 44 I   F "O4'" 1 
ATOM   905  C "C3'" . I   F 1 4 ? -17.939 -15.770 -3.013  1.00 19.98 ? 44 I   F "C3'" 1 
ATOM   906  O "O3'" . I   F 1 4 ? -17.858 -15.673 -4.411  1.00 19.02 ? 44 I   F "O3'" 1 
ATOM   907  C "C2'" . I   F 1 4 ? -18.616 -14.510 -2.530  1.00 19.20 ? 44 I   F "C2'" 1 
ATOM   908  O "O2'" . I   F 1 4 ? -19.701 -14.183 -3.373  1.00 15.97 ? 44 I   F "O2'" 1 
ATOM   909  C "C1'" . I   F 1 4 ? -19.057 -14.930 -1.137  1.00 21.35 ? 44 I   F "C1'" 1 
ATOM   910  N N9    . I   F 1 4 ? -18.003 -14.613 -0.178  1.00 17.58 ? 44 I   F N9    1 
ATOM   911  C C8    . I   F 1 4 ? -17.111 -15.492 0.339   1.00 19.19 ? 44 I   F C8    1 
ATOM   912  N N7    . I   F 1 4 ? -16.262 -14.957 1.165   1.00 22.74 ? 44 I   F N7    1 
ATOM   913  C C5    . I   F 1 4 ? -16.606 -13.615 1.186   1.00 23.28 ? 44 I   F C5    1 
ATOM   914  C C6    . I   F 1 4 ? -16.018 -12.526 1.899   1.00 25.64 ? 44 I   F C6    1 
ATOM   915  O O6    . I   F 1 4 ? -15.052 -12.542 2.678   1.00 24.51 ? 44 I   F O6    1 
ATOM   916  N N1    . I   F 1 4 ? -16.672 -11.336 1.627   1.00 26.97 ? 44 I   F N1    1 
ATOM   917  C C2    . I   F 1 4 ? -17.761 -11.207 0.793   1.00 31.91 ? 44 I   F C2    1 
ATOM   918  N N3    . I   F 1 4 ? -18.319 -12.216 0.127   1.00 25.21 ? 44 I   F N3    1 
ATOM   919  C C4    . I   F 1 4 ? -17.686 -13.382 0.362   1.00 18.74 ? 44 I   F C4    1 
ATOM   920  P P     . U   F 1 5 ? -16.528 -15.096 -5.040  1.00 19.23 ? 45 U   F P     1 
ATOM   921  O OP1   . U   F 1 5 ? -16.449 -15.256 -6.487  1.00 16.72 ? 45 U   F OP1   1 
ATOM   922  O OP2   . U   F 1 5 ? -15.517 -15.724 -4.144  1.00 15.88 ? 45 U   F OP2   1 
ATOM   923  O "O5'" . U   F 1 5 ? -16.568 -13.531 -4.710  1.00 20.08 ? 45 U   F "O5'" 1 
ATOM   924  C "C5'" . U   F 1 5 ? -17.439 -12.612 -5.422  1.00 16.05 ? 45 U   F "C5'" 1 
ATOM   925  C "C4'" . U   F 1 5 ? -17.189 -11.194 -4.938  1.00 20.53 ? 45 U   F "C4'" 1 
ATOM   926  O "O4'" . U   F 1 5 ? -17.401 -11.115 -3.490  1.00 22.32 ? 45 U   F "O4'" 1 
ATOM   927  C "C3'" . U   F 1 5 ? -15.765 -10.708 -5.067  1.00 20.17 ? 45 U   F "C3'" 1 
ATOM   928  O "O3'" . U   F 1 5 ? -15.506 -10.173 -6.346  1.00 20.24 ? 45 U   F "O3'" 1 
ATOM   929  C "C2'" . U   F 1 5 ? -15.742 -9.580  -4.070  1.00 24.36 ? 45 U   F "C2'" 1 
ATOM   930  O "O2'" . U   F 1 5 ? -16.536 -8.532  -4.570  1.00 29.28 ? 45 U   F "O2'" 1 
ATOM   931  C "C1'" . U   F 1 5 ? -16.469 -10.189 -2.891  1.00 21.73 ? 45 U   F "C1'" 1 
ATOM   932  N N1    . U   F 1 5 ? -15.583 -10.914 -1.954  1.00 24.99 ? 45 U   F N1    1 
ATOM   933  C C2    . U   F 1 5 ? -14.787 -10.257 -0.977  1.00 25.25 ? 45 U   F C2    1 
ATOM   934  O O2    . U   F 1 5 ? -14.762 -9.072  -0.796  1.00 32.39 ? 45 U   F O2    1 
ATOM   935  N N3    . U   F 1 5 ? -14.009 -11.102 -0.232  1.00 26.96 ? 45 U   F N3    1 
ATOM   936  C C4    . U   F 1 5 ? -13.933 -12.473 -0.348  1.00 29.96 ? 45 U   F C4    1 
ATOM   937  O O4    . U   F 1 5 ? -13.093 -13.102 0.306   1.00 28.13 ? 45 U   F O4    1 
ATOM   938  C C5    . U   F 1 5 ? -14.786 -13.019 -1.337  1.00 33.00 ? 45 U   F C5    1 
ATOM   939  C C6    . U   F 1 5 ? -15.553 -12.222 -2.066  1.00 29.57 ? 45 U   F C6    1 
ATOM   940  P P     . G   F 1 6 ? -14.001 -9.902  -6.754  1.00 20.83 ? 46 G   F P     1 
ATOM   941  O OP1   . G   F 1 6 ? -13.857 -9.730  -8.207  1.00 25.28 ? 46 G   F OP1   1 
ATOM   942  O OP2   . G   F 1 6 ? -13.222 -10.954 -6.035  1.00 15.26 ? 46 G   F OP2   1 
ATOM   943  O "O5'" . G   F 1 6 ? -13.715 -8.526  -6.016  1.00 28.61 ? 46 G   F "O5'" 1 
ATOM   944  C "C5'" . G   F 1 6 ? -14.526 -7.357  -6.273  1.00 25.39 ? 46 G   F "C5'" 1 
ATOM   945  C "C4'" . G   F 1 6 ? -13.942 -6.165  -5.553  1.00 24.78 ? 46 G   F "C4'" 1 
ATOM   946  O "O4'" . G   F 1 6 ? -14.033 -6.451  -4.137  1.00 19.37 ? 46 G   F "O4'" 1 
ATOM   947  C "C3'" . G   F 1 6 ? -12.445 -5.916  -5.754  1.00 24.66 ? 46 G   F "C3'" 1 
ATOM   948  O "O3'" . G   F 1 6 ? -12.113 -5.182  -6.916  1.00 22.10 ? 46 G   F "O3'" 1 
ATOM   949  C "C2'" . G   F 1 6 ? -12.122 -5.114  -4.516  1.00 26.59 ? 46 G   F "C2'" 1 
ATOM   950  O "O2'" . G   F 1 6 ? -12.654 -3.816  -4.631  1.00 31.45 ? 46 G   F "O2'" 1 
ATOM   951  C "C1'" . G   F 1 6 ? -12.926 -5.900  -3.471  1.00 23.69 ? 46 G   F "C1'" 1 
ATOM   952  N N9    . G   F 1 6 ? -12.185 -7.014  -2.889  1.00 17.15 ? 46 G   F N9    1 
ATOM   953  C C8    . G   F 1 6 ? -12.306 -8.346  -3.184  1.00 17.03 ? 46 G   F C8    1 
ATOM   954  N N7    . G   F 1 6 ? -11.492 -9.086  -2.487  1.00 18.56 ? 46 G   F N7    1 
ATOM   955  C C5    . G   F 1 6 ? -10.818 -8.187  -1.690  1.00 16.95 ? 46 G   F C5    1 
ATOM   956  C C6    . G   F 1 6 ? -9.831  -8.400  -0.724  1.00 22.27 ? 46 G   F C6    1 
ATOM   957  O O6    . G   F 1 6 ? -9.363  -9.467  -0.336  1.00 25.85 ? 46 G   F O6    1 
ATOM   958  N N1    . G   F 1 6 ? -9.381  -7.207  -0.167  1.00 27.03 ? 46 G   F N1    1 
ATOM   959  C C2    . G   F 1 6 ? -9.846  -5.953  -0.509  1.00 25.76 ? 46 G   F C2    1 
ATOM   960  N N2    . G   F 1 6 ? -9.266  -4.893  0.088   1.00 18.43 ? 46 G   F N2    1 
ATOM   961  N N3    . G   F 1 6 ? -10.803 -5.756  -1.391  1.00 25.32 ? 46 G   F N3    1 
ATOM   962  C C4    . G   F 1 6 ? -11.231 -6.908  -1.939  1.00 19.07 ? 46 G   F C4    1 
ATOM   963  P P     . G   F 1 7 ? -10.715 -5.456  -7.650  1.00 19.66 ? 47 G   F P     1 
ATOM   964  O OP1   . G   F 1 7 ? -10.776 -4.783  -8.959  1.00 20.97 ? 47 G   F OP1   1 
ATOM   965  O OP2   . G   F 1 7 ? -10.439 -6.901  -7.594  1.00 27.34 ? 47 G   F OP2   1 
ATOM   966  O "O5'" . G   F 1 7 ? -9.608  -4.809  -6.707  1.00 24.08 ? 47 G   F "O5'" 1 
ATOM   967  C "C5'" . G   F 1 7 ? -9.645  -3.408  -6.353  1.00 29.37 ? 47 G   F "C5'" 1 
ATOM   968  C "C4'" . G   F 1 7 ? -8.566  -3.078  -5.341  1.00 23.86 ? 47 G   F "C4'" 1 
ATOM   969  O "O4'" . G   F 1 7 ? -8.859  -3.686  -4.064  1.00 19.93 ? 47 G   F "O4'" 1 
ATOM   970  C "C3'" . G   F 1 7 ? -7.185  -3.596  -5.673  1.00 23.22 ? 47 G   F "C3'" 1 
ATOM   971  O "O3'" . G   F 1 7 ? -6.571  -2.730  -6.580  1.00 21.38 ? 47 G   F "O3'" 1 
ATOM   972  C "C2'" . G   F 1 7 ? -6.512  -3.545  -4.311  1.00 23.23 ? 47 G   F "C2'" 1 
ATOM   973  O "O2'" . G   F 1 7 ? -6.191  -2.231  -3.932  1.00 27.00 ? 47 G   F "O2'" 1 
ATOM   974  C "C1'" . G   F 1 7 ? -7.664  -4.037  -3.428  1.00 17.91 ? 47 G   F "C1'" 1 
ATOM   975  N N9    . G   F 1 7 ? -7.670  -5.476  -3.353  1.00 14.51 ? 47 G   F N9    1 
ATOM   976  C C8    . G   F 1 7 ? -8.466  -6.393  -4.038  1.00 22.02 ? 47 G   F C8    1 
ATOM   977  N N7    . G   F 1 7 ? -8.171  -7.631  -3.707  1.00 22.58 ? 47 G   F N7    1 
ATOM   978  C C5    . G   F 1 7 ? -7.146  -7.486  -2.781  1.00 20.64 ? 47 G   F C5    1 
ATOM   979  C C6    . G   F 1 7 ? -6.398  -8.465  -2.053  1.00 20.46 ? 47 G   F C6    1 
ATOM   980  O O6    . G   F 1 7 ? -6.473  -9.689  -2.108  1.00 27.77 ? 47 G   F O6    1 
ATOM   981  N N1    . G   F 1 7 ? -5.476  -7.883  -1.209  1.00 17.99 ? 47 G   F N1    1 
ATOM   982  C C2    . G   F 1 7 ? -5.267  -6.544  -1.097  1.00 19.99 ? 47 G   F C2    1 
ATOM   983  N N2    . G   F 1 7 ? -4.319  -6.185  -0.259  1.00 23.75 ? 47 G   F N2    1 
ATOM   984  N N3    . G   F 1 7 ? -5.938  -5.627  -1.767  1.00 20.63 ? 47 G   F N3    1 
ATOM   985  C C4    . G   F 1 7 ? -6.848  -6.163  -2.570  1.00 16.38 ? 47 G   F C4    1 
ATOM   986  P P     . G   F 1 8 ? -5.233  -3.179  -7.331  1.00 20.96 ? 48 G   F P     1 
ATOM   987  O OP1   . G   F 1 8 ? -4.763  -1.973  -8.016  1.00 23.18 ? 48 G   F OP1   1 
ATOM   988  O OP2   . G   F 1 8 ? -5.500  -4.422  -8.100  1.00 23.72 ? 48 G   F OP2   1 
ATOM   989  O "O5'" . G   F 1 8 ? -4.206  -3.537  -6.164  1.00 19.84 ? 48 G   F "O5'" 1 
ATOM   990  C "C5'" . G   F 1 8 ? -3.191  -2.637  -5.723  1.00 18.68 ? 48 G   F "C5'" 1 
ATOM   991  C "C4'" . G   F 1 8 ? -2.261  -3.373  -4.803  1.00 12.42 ? 48 G   F "C4'" 1 
ATOM   992  O "O4'" . G   F 1 8 ? -3.045  -4.144  -3.852  1.00 18.30 ? 48 G   F "O4'" 1 
ATOM   993  C "C3'" . G   F 1 8 ? -1.438  -4.440  -5.472  1.00 14.36 ? 48 G   F "C3'" 1 
ATOM   994  O "O3'" . G   F 1 8 ? -0.393  -3.862  -6.223  1.00 14.07 ? 48 G   F "O3'" 1 
ATOM   995  C "C2'" . G   F 1 8 ? -1.016  -5.261  -4.278  1.00 15.53 ? 48 G   F "C2'" 1 
ATOM   996  O "O2'" . G   F 1 8 ? -0.049  -4.577  -3.545  1.00 15.79 ? 48 G   F "O2'" 1 
ATOM   997  C "C1'" . G   F 1 8 ? -2.318  -5.301  -3.503  1.00 18.64 ? 48 G   F "C1'" 1 
ATOM   998  N N9    . G   F 1 8 ? -3.015  -6.528  -3.884  1.00 20.03 ? 48 G   F N9    1 
ATOM   999  C C8    . G   F 1 8 ? -4.035  -6.810  -4.790  1.00 21.15 ? 48 G   F C8    1 
ATOM   1000 N N7    . G   F 1 8 ? -4.373  -8.081  -4.738  1.00 26.93 ? 48 G   F N7    1 
ATOM   1001 C C5    . G   F 1 8 ? -3.513  -8.622  -3.801  1.00 21.95 ? 48 G   F C5    1 
ATOM   1002 C C6    . G   F 1 8 ? -3.409  -9.934  -3.325  1.00 21.08 ? 48 G   F C6    1 
ATOM   1003 O O6    . G   F 1 8 ? -4.100  -10.897 -3.619  1.00 27.27 ? 48 G   F O6    1 
ATOM   1004 N N1    . G   F 1 8 ? -2.386  -10.076 -2.406  1.00 20.99 ? 48 G   F N1    1 
ATOM   1005 C C2    . G   F 1 8 ? -1.587  -9.056  -1.960  1.00 22.35 ? 48 G   F C2    1 
ATOM   1006 N N2    . G   F 1 8 ? -0.667  -9.378  -1.046  1.00 26.87 ? 48 G   F N2    1 
ATOM   1007 N N3    . G   F 1 8 ? -1.688  -7.812  -2.385  1.00 24.11 ? 48 G   F N3    1 
ATOM   1008 C C4    . G   F 1 8 ? -2.663  -7.681  -3.308  1.00 20.65 ? 48 G   F C4    1 
HETATM 1009 O O     . HOH G 2 . ? 18.493  10.198  -4.799  1.00 35.15 ? 52 HOH A O     1 
HETATM 1010 O O     . HOH G 2 . ? 23.788  9.657   -4.670  1.00 48.16 ? 57 HOH A O     1 
HETATM 1011 O O     . HOH G 2 . ? 23.013  3.239   -2.578  1.00 45.57 ? 61 HOH A O     1 
HETATM 1012 O O     . HOH G 2 . ? 20.912  8.077   -2.264  1.00 54.69 ? 62 HOH A O     1 
HETATM 1013 O O     . HOH G 2 . ? 14.319  12.385  -3.182  1.00 43.44 ? 65 HOH A O     1 
HETATM 1014 O O     . HOH G 2 . ? 19.877  11.994  6.420   1.00 37.86 ? 66 HOH A O     1 
HETATM 1015 O O     . HOH G 2 . ? 15.686  2.072   4.123   1.00 37.53 ? 67 HOH A O     1 
HETATM 1016 O O     . HOH H 2 . ? 10.311  4.664   15.631  1.00 58.78 ? 58 HOH B O     1 
HETATM 1017 O O     . HOH I 2 . ? -0.893  8.587   -12.126 1.00 45.01 ? 53 HOH C O     1 
HETATM 1018 O O     . HOH I 2 . ? -1.353  7.880   -4.284  1.00 52.68 ? 54 HOH C O     1 
HETATM 1019 O O     . HOH J 2 . ? -2.494  17.818  -17.558 1.00 37.35 ? 55 HOH D O     1 
HETATM 1020 O O     . HOH J 2 . ? -9.962  14.845  -16.023 1.00 41.26 ? 56 HOH D O     1 
HETATM 1021 O O     . HOH J 2 . ? -13.905 9.481   -4.492  1.00 30.51 ? 69 HOH D O     1 
HETATM 1022 O O     . HOH J 2 . ? -10.779 5.120   0.847   1.00 37.28 ? 73 HOH D O     1 
HETATM 1023 O O     . HOH J 2 . ? -9.270  10.037  -5.356  1.00 55.47 ? 74 HOH D O     1 
HETATM 1024 O O     . HOH K 2 . ? -29.741 -17.689 11.077  1.00 43.11 ? 49 HOH E O     1 
HETATM 1025 O O     . HOH K 2 . ? -19.731 -9.659  9.000   1.00 39.24 ? 59 HOH E O     1 
HETATM 1026 O O     . HOH K 2 . ? -18.972 -12.287 10.608  1.00 41.25 ? 60 HOH E O     1 
HETATM 1027 O O     . HOH K 2 . ? -13.592 -3.781  -0.217  1.00 32.78 ? 68 HOH E O     1 
HETATM 1028 O O     . HOH K 2 . ? -5.478  -13.803 0.931   1.00 40.57 ? 72 HOH E O     1 
HETATM 1029 O O     . HOH L 2 . ? -8.982  -10.822 -4.050  1.00 31.50 ? 50 HOH F O     1 
HETATM 1030 O O     . HOH L 2 . ? -11.787 -12.437 -7.527  1.00 44.53 ? 51 HOH F O     1 
HETATM 1031 O O     . HOH L 2 . ? -17.245 -24.806 16.157  1.00 39.52 ? 63 HOH F O     1 
HETATM 1032 O O     . HOH L 2 . ? -14.743 -24.222 13.876  1.00 53.71 ? 64 HOH F O     1 
HETATM 1033 O O     . HOH L 2 . ? -13.234 -15.920 2.301   1.00 28.83 ? 70 HOH F O     1 
HETATM 1034 O O     . HOH L 2 . ? -12.530 -21.167 -0.133  1.00 41.19 ? 71 HOH F O     1 
# 
